data_4NXY
# 
_entry.id   4NXY 
# 
_audit_conform.dict_name       mmcif_pdbx.dic 
_audit_conform.dict_version    5.387 
_audit_conform.dict_location   http://mmcif.pdb.org/dictionaries/ascii/mmcif_pdbx.dic 
# 
loop_
_database_2.database_id 
_database_2.database_code 
_database_2.pdbx_database_accession 
_database_2.pdbx_DOI 
PDB   4NXY         pdb_00004nxy 10.2210/pdb4nxy/pdb 
RCSB  RCSB083795   ?            ?                   
WWPDB D_1000083795 ?            ?                   
# 
loop_
_pdbx_audit_revision_history.ordinal 
_pdbx_audit_revision_history.data_content_type 
_pdbx_audit_revision_history.major_revision 
_pdbx_audit_revision_history.minor_revision 
_pdbx_audit_revision_history.revision_date 
1 'Structure model' 1 0 2014-11-19 
2 'Structure model' 1 1 2014-11-26 
3 'Structure model' 1 2 2015-01-14 
4 'Structure model' 1 3 2024-02-28 
# 
_pdbx_audit_revision_details.ordinal             1 
_pdbx_audit_revision_details.revision_ordinal    1 
_pdbx_audit_revision_details.data_content_type   'Structure model' 
_pdbx_audit_revision_details.provider            repository 
_pdbx_audit_revision_details.type                'Initial release' 
_pdbx_audit_revision_details.description         ? 
_pdbx_audit_revision_details.details             ? 
# 
loop_
_pdbx_audit_revision_group.ordinal 
_pdbx_audit_revision_group.revision_ordinal 
_pdbx_audit_revision_group.data_content_type 
_pdbx_audit_revision_group.group 
1 2 'Structure model' 'Database references'  
2 3 'Structure model' 'Database references'  
3 4 'Structure model' 'Data collection'      
4 4 'Structure model' 'Database references'  
5 4 'Structure model' 'Derived calculations' 
# 
loop_
_pdbx_audit_revision_category.ordinal 
_pdbx_audit_revision_category.revision_ordinal 
_pdbx_audit_revision_category.data_content_type 
_pdbx_audit_revision_category.category 
1 4 'Structure model' chem_comp_atom 
2 4 'Structure model' chem_comp_bond 
3 4 'Structure model' database_2     
4 4 'Structure model' struct_site    
# 
loop_
_pdbx_audit_revision_item.ordinal 
_pdbx_audit_revision_item.revision_ordinal 
_pdbx_audit_revision_item.data_content_type 
_pdbx_audit_revision_item.item 
1 4 'Structure model' '_database_2.pdbx_DOI'                
2 4 'Structure model' '_database_2.pdbx_database_accession' 
3 4 'Structure model' '_struct_site.pdbx_auth_asym_id'      
4 4 'Structure model' '_struct_site.pdbx_auth_comp_id'      
5 4 'Structure model' '_struct_site.pdbx_auth_seq_id'       
# 
_pdbx_database_status.status_code                     REL 
_pdbx_database_status.entry_id                        4NXY 
_pdbx_database_status.recvd_initial_deposition_date   2013-12-09 
_pdbx_database_status.deposit_site                    RCSB 
_pdbx_database_status.process_site                    RCSB 
_pdbx_database_status.status_code_sf                  REL 
_pdbx_database_status.status_code_mr                  ? 
_pdbx_database_status.SG_entry                        ? 
_pdbx_database_status.status_code_cs                  ? 
_pdbx_database_status.methods_development_category    ? 
_pdbx_database_status.pdb_format_compatible           Y 
_pdbx_database_status.status_code_nmr_data            ? 
# 
loop_
_pdbx_database_related.db_name 
_pdbx_database_related.db_id 
_pdbx_database_related.details 
_pdbx_database_related.content_type 
PDB 1PG3 'Binding Partner' unspecified 
PDB 1PG4 'Binding Partner' unspecified 
PDB 4AVB homolog           unspecified 
# 
loop_
_audit_author.name 
_audit_author.pdbx_ordinal 
'Rank, K.C.'               1 
'Tucker, A.C.'             2 
'Escalante-Semerena, J.C.' 3 
'Rayment, I.'              4 
# 
_citation.id                        primary 
_citation.title                     'Insights into the specificity of lysine acetyltransferases.' 
_citation.journal_abbrev            J.Biol.Chem. 
_citation.journal_volume            289 
_citation.page_first                36249 
_citation.page_last                 36262 
_citation.year                      2014 
_citation.journal_id_ASTM           JBCHA3 
_citation.country                   US 
_citation.journal_id_ISSN           0021-9258 
_citation.journal_id_CSD            0071 
_citation.book_publisher            ? 
_citation.pdbx_database_id_PubMed   25381442 
_citation.pdbx_database_id_DOI      10.1074/jbc.M114.613901 
# 
loop_
_citation_author.citation_id 
_citation_author.name 
_citation_author.ordinal 
_citation_author.identifier_ORCID 
primary 'Tucker, A.C.'             1 ? 
primary 'Taylor, K.C.'             2 ? 
primary 'Rank, K.C.'               3 ? 
primary 'Rayment, I.'              4 ? 
primary 'Escalante-Semerena, J.C.' 5 ? 
# 
loop_
_entity.id 
_entity.type 
_entity.src_method 
_entity.pdbx_description 
_entity.formula_weight 
_entity.pdbx_number_of_molecules 
_entity.pdbx_ec 
_entity.pdbx_mutation 
_entity.pdbx_fragment 
_entity.details 
1 polymer     man 'Acyl-CoA synthetase' 21653.266 1   ? ? 'GNAT domain' ? 
2 non-polymer syn TRIFLUOROETHANOL      100.040   1   ? ? ?             ? 
3 non-polymer syn GLYCEROL              92.094    1   ? ? ?             ? 
4 water       nat water                 18.015    185 ? ? ?             ? 
# 
_entity_poly.entity_id                      1 
_entity_poly.type                           'polypeptide(L)' 
_entity_poly.nstd_linkage                   no 
_entity_poly.nstd_monomer                   no 
_entity_poly.pdbx_seq_one_letter_code       
;MSYASRTLGPMQTSSDRHEYPAHWEADVVLRDGGTARVRPITVDDAERLVSFYEQVSDESKYYRFFAPYPRLSAKDVHRF
THHDFVDRVGLAATIGGEFIATVRYDRIGAGGTPATAPADEAEVAFLVQDAHQGRGVASALLEHIAAVARERGIRRFAAE
VLPANNKMIKVFMDAGYTQKRSFEDGVVRLEFDL
;
_entity_poly.pdbx_seq_one_letter_code_can   
;MSYASRTLGPMQTSSDRHEYPAHWEADVVLRDGGTARVRPITVDDAERLVSFYEQVSDESKYYRFFAPYPRLSAKDVHRF
THHDFVDRVGLAATIGGEFIATVRYDRIGAGGTPATAPADEAEVAFLVQDAHQGRGVASALLEHIAAVARERGIRRFAAE
VLPANNKMIKVFMDAGYTQKRSFEDGVVRLEFDL
;
_entity_poly.pdbx_strand_id                 A 
_entity_poly.pdbx_target_identifier         ? 
# 
loop_
_pdbx_entity_nonpoly.entity_id 
_pdbx_entity_nonpoly.name 
_pdbx_entity_nonpoly.comp_id 
2 TRIFLUOROETHANOL ETF 
3 GLYCEROL         GOL 
4 water            HOH 
# 
loop_
_entity_poly_seq.entity_id 
_entity_poly_seq.num 
_entity_poly_seq.mon_id 
_entity_poly_seq.hetero 
1 1   MET n 
1 2   SER n 
1 3   TYR n 
1 4   ALA n 
1 5   SER n 
1 6   ARG n 
1 7   THR n 
1 8   LEU n 
1 9   GLY n 
1 10  PRO n 
1 11  MET n 
1 12  GLN n 
1 13  THR n 
1 14  SER n 
1 15  SER n 
1 16  ASP n 
1 17  ARG n 
1 18  HIS n 
1 19  GLU n 
1 20  TYR n 
1 21  PRO n 
1 22  ALA n 
1 23  HIS n 
1 24  TRP n 
1 25  GLU n 
1 26  ALA n 
1 27  ASP n 
1 28  VAL n 
1 29  VAL n 
1 30  LEU n 
1 31  ARG n 
1 32  ASP n 
1 33  GLY n 
1 34  GLY n 
1 35  THR n 
1 36  ALA n 
1 37  ARG n 
1 38  VAL n 
1 39  ARG n 
1 40  PRO n 
1 41  ILE n 
1 42  THR n 
1 43  VAL n 
1 44  ASP n 
1 45  ASP n 
1 46  ALA n 
1 47  GLU n 
1 48  ARG n 
1 49  LEU n 
1 50  VAL n 
1 51  SER n 
1 52  PHE n 
1 53  TYR n 
1 54  GLU n 
1 55  GLN n 
1 56  VAL n 
1 57  SER n 
1 58  ASP n 
1 59  GLU n 
1 60  SER n 
1 61  LYS n 
1 62  TYR n 
1 63  TYR n 
1 64  ARG n 
1 65  PHE n 
1 66  PHE n 
1 67  ALA n 
1 68  PRO n 
1 69  TYR n 
1 70  PRO n 
1 71  ARG n 
1 72  LEU n 
1 73  SER n 
1 74  ALA n 
1 75  LYS n 
1 76  ASP n 
1 77  VAL n 
1 78  HIS n 
1 79  ARG n 
1 80  PHE n 
1 81  THR n 
1 82  HIS n 
1 83  HIS n 
1 84  ASP n 
1 85  PHE n 
1 86  VAL n 
1 87  ASP n 
1 88  ARG n 
1 89  VAL n 
1 90  GLY n 
1 91  LEU n 
1 92  ALA n 
1 93  ALA n 
1 94  THR n 
1 95  ILE n 
1 96  GLY n 
1 97  GLY n 
1 98  GLU n 
1 99  PHE n 
1 100 ILE n 
1 101 ALA n 
1 102 THR n 
1 103 VAL n 
1 104 ARG n 
1 105 TYR n 
1 106 ASP n 
1 107 ARG n 
1 108 ILE n 
1 109 GLY n 
1 110 ALA n 
1 111 GLY n 
1 112 GLY n 
1 113 THR n 
1 114 PRO n 
1 115 ALA n 
1 116 THR n 
1 117 ALA n 
1 118 PRO n 
1 119 ALA n 
1 120 ASP n 
1 121 GLU n 
1 122 ALA n 
1 123 GLU n 
1 124 VAL n 
1 125 ALA n 
1 126 PHE n 
1 127 LEU n 
1 128 VAL n 
1 129 GLN n 
1 130 ASP n 
1 131 ALA n 
1 132 HIS n 
1 133 GLN n 
1 134 GLY n 
1 135 ARG n 
1 136 GLY n 
1 137 VAL n 
1 138 ALA n 
1 139 SER n 
1 140 ALA n 
1 141 LEU n 
1 142 LEU n 
1 143 GLU n 
1 144 HIS n 
1 145 ILE n 
1 146 ALA n 
1 147 ALA n 
1 148 VAL n 
1 149 ALA n 
1 150 ARG n 
1 151 GLU n 
1 152 ARG n 
1 153 GLY n 
1 154 ILE n 
1 155 ARG n 
1 156 ARG n 
1 157 PHE n 
1 158 ALA n 
1 159 ALA n 
1 160 GLU n 
1 161 VAL n 
1 162 LEU n 
1 163 PRO n 
1 164 ALA n 
1 165 ASN n 
1 166 ASN n 
1 167 LYS n 
1 168 MET n 
1 169 ILE n 
1 170 LYS n 
1 171 VAL n 
1 172 PHE n 
1 173 MET n 
1 174 ASP n 
1 175 ALA n 
1 176 GLY n 
1 177 TYR n 
1 178 THR n 
1 179 GLN n 
1 180 LYS n 
1 181 ARG n 
1 182 SER n 
1 183 PHE n 
1 184 GLU n 
1 185 ASP n 
1 186 GLY n 
1 187 VAL n 
1 188 VAL n 
1 189 ARG n 
1 190 LEU n 
1 191 GLU n 
1 192 PHE n 
1 193 ASP n 
1 194 LEU n 
# 
_entity_src_gen.entity_id                          1 
_entity_src_gen.pdbx_src_id                        1 
_entity_src_gen.pdbx_alt_source_flag               sample 
_entity_src_gen.pdbx_seq_type                      ? 
_entity_src_gen.pdbx_beg_seq_num                   ? 
_entity_src_gen.pdbx_end_seq_num                   ? 
_entity_src_gen.gene_src_common_name               ? 
_entity_src_gen.gene_src_genus                     ? 
_entity_src_gen.pdbx_gene_src_gene                 SSPG_01886 
_entity_src_gen.gene_src_species                   ? 
_entity_src_gen.gene_src_strain                    TK24 
_entity_src_gen.gene_src_tissue                    ? 
_entity_src_gen.gene_src_tissue_fraction           ? 
_entity_src_gen.gene_src_details                   ? 
_entity_src_gen.pdbx_gene_src_fragment             ? 
_entity_src_gen.pdbx_gene_src_scientific_name      'Streptomyces lividans' 
_entity_src_gen.pdbx_gene_src_ncbi_taxonomy_id     457428 
_entity_src_gen.pdbx_gene_src_variant              ? 
_entity_src_gen.pdbx_gene_src_cell_line            ? 
_entity_src_gen.pdbx_gene_src_atcc                 ? 
_entity_src_gen.pdbx_gene_src_organ                ? 
_entity_src_gen.pdbx_gene_src_organelle            ? 
_entity_src_gen.pdbx_gene_src_cell                 ? 
_entity_src_gen.pdbx_gene_src_cellular_location    ? 
_entity_src_gen.host_org_common_name               ? 
_entity_src_gen.pdbx_host_org_scientific_name      'Escherichia coli' 
_entity_src_gen.pdbx_host_org_ncbi_taxonomy_id     562 
_entity_src_gen.host_org_genus                     ? 
_entity_src_gen.pdbx_host_org_gene                 ? 
_entity_src_gen.pdbx_host_org_organ                ? 
_entity_src_gen.host_org_species                   ? 
_entity_src_gen.pdbx_host_org_tissue               ? 
_entity_src_gen.pdbx_host_org_tissue_fraction      ? 
_entity_src_gen.pdbx_host_org_strain               ? 
_entity_src_gen.pdbx_host_org_variant              ? 
_entity_src_gen.pdbx_host_org_cell_line            ? 
_entity_src_gen.pdbx_host_org_atcc                 ? 
_entity_src_gen.pdbx_host_org_culture_collection   ? 
_entity_src_gen.pdbx_host_org_cell                 ? 
_entity_src_gen.pdbx_host_org_organelle            ? 
_entity_src_gen.pdbx_host_org_cellular_location    ? 
_entity_src_gen.pdbx_host_org_vector_type          ? 
_entity_src_gen.pdbx_host_org_vector               ? 
_entity_src_gen.host_org_details                   ? 
_entity_src_gen.expression_system_id               ? 
_entity_src_gen.plasmid_name                       ? 
_entity_src_gen.plasmid_details                    ? 
_entity_src_gen.pdbx_description                   ? 
# 
loop_
_chem_comp.id 
_chem_comp.type 
_chem_comp.mon_nstd_flag 
_chem_comp.name 
_chem_comp.pdbx_synonyms 
_chem_comp.formula 
_chem_comp.formula_weight 
ALA 'L-peptide linking' y ALANINE          ?                               'C3 H7 N O2'     89.093  
ARG 'L-peptide linking' y ARGININE         ?                               'C6 H15 N4 O2 1' 175.209 
ASN 'L-peptide linking' y ASPARAGINE       ?                               'C4 H8 N2 O3'    132.118 
ASP 'L-peptide linking' y 'ASPARTIC ACID'  ?                               'C4 H7 N O4'     133.103 
ETF non-polymer         . TRIFLUOROETHANOL ?                               'C2 H3 F3 O'     100.040 
GLN 'L-peptide linking' y GLUTAMINE        ?                               'C5 H10 N2 O3'   146.144 
GLU 'L-peptide linking' y 'GLUTAMIC ACID'  ?                               'C5 H9 N O4'     147.129 
GLY 'peptide linking'   y GLYCINE          ?                               'C2 H5 N O2'     75.067  
GOL non-polymer         . GLYCEROL         'GLYCERIN; PROPANE-1,2,3-TRIOL' 'C3 H8 O3'       92.094  
HIS 'L-peptide linking' y HISTIDINE        ?                               'C6 H10 N3 O2 1' 156.162 
HOH non-polymer         . WATER            ?                               'H2 O'           18.015  
ILE 'L-peptide linking' y ISOLEUCINE       ?                               'C6 H13 N O2'    131.173 
LEU 'L-peptide linking' y LEUCINE          ?                               'C6 H13 N O2'    131.173 
LYS 'L-peptide linking' y LYSINE           ?                               'C6 H15 N2 O2 1' 147.195 
MET 'L-peptide linking' y METHIONINE       ?                               'C5 H11 N O2 S'  149.211 
PHE 'L-peptide linking' y PHENYLALANINE    ?                               'C9 H11 N O2'    165.189 
PRO 'L-peptide linking' y PROLINE          ?                               'C5 H9 N O2'     115.130 
SER 'L-peptide linking' y SERINE           ?                               'C3 H7 N O3'     105.093 
THR 'L-peptide linking' y THREONINE        ?                               'C4 H9 N O3'     119.119 
TRP 'L-peptide linking' y TRYPTOPHAN       ?                               'C11 H12 N2 O2'  204.225 
TYR 'L-peptide linking' y TYROSINE         ?                               'C9 H11 N O3'    181.189 
VAL 'L-peptide linking' y VALINE           ?                               'C5 H11 N O2'    117.146 
# 
loop_
_pdbx_poly_seq_scheme.asym_id 
_pdbx_poly_seq_scheme.entity_id 
_pdbx_poly_seq_scheme.seq_id 
_pdbx_poly_seq_scheme.mon_id 
_pdbx_poly_seq_scheme.ndb_seq_num 
_pdbx_poly_seq_scheme.pdb_seq_num 
_pdbx_poly_seq_scheme.auth_seq_num 
_pdbx_poly_seq_scheme.pdb_mon_id 
_pdbx_poly_seq_scheme.auth_mon_id 
_pdbx_poly_seq_scheme.pdb_strand_id 
_pdbx_poly_seq_scheme.pdb_ins_code 
_pdbx_poly_seq_scheme.hetero 
A 1 1   MET 1   1   ?   ?   ?   A . n 
A 1 2   SER 2   2   ?   ?   ?   A . n 
A 1 3   TYR 3   3   ?   ?   ?   A . n 
A 1 4   ALA 4   4   ?   ?   ?   A . n 
A 1 5   SER 5   5   ?   ?   ?   A . n 
A 1 6   ARG 6   6   ?   ?   ?   A . n 
A 1 7   THR 7   7   ?   ?   ?   A . n 
A 1 8   LEU 8   8   ?   ?   ?   A . n 
A 1 9   GLY 9   9   ?   ?   ?   A . n 
A 1 10  PRO 10  10  ?   ?   ?   A . n 
A 1 11  MET 11  11  ?   ?   ?   A . n 
A 1 12  GLN 12  12  ?   ?   ?   A . n 
A 1 13  THR 13  13  ?   ?   ?   A . n 
A 1 14  SER 14  14  ?   ?   ?   A . n 
A 1 15  SER 15  15  ?   ?   ?   A . n 
A 1 16  ASP 16  16  ?   ?   ?   A . n 
A 1 17  ARG 17  17  ?   ?   ?   A . n 
A 1 18  HIS 18  18  ?   ?   ?   A . n 
A 1 19  GLU 19  19  19  GLU GLU A . n 
A 1 20  TYR 20  20  20  TYR TYR A . n 
A 1 21  PRO 21  21  21  PRO PRO A . n 
A 1 22  ALA 22  22  22  ALA ALA A . n 
A 1 23  HIS 23  23  23  HIS HIS A . n 
A 1 24  TRP 24  24  24  TRP TRP A . n 
A 1 25  GLU 25  25  25  GLU GLU A . n 
A 1 26  ALA 26  26  26  ALA ALA A . n 
A 1 27  ASP 27  27  27  ASP ASP A . n 
A 1 28  VAL 28  28  28  VAL VAL A . n 
A 1 29  VAL 29  29  29  VAL VAL A . n 
A 1 30  LEU 30  30  30  LEU LEU A . n 
A 1 31  ARG 31  31  31  ARG ARG A . n 
A 1 32  ASP 32  32  32  ASP ASP A . n 
A 1 33  GLY 33  33  33  GLY GLY A . n 
A 1 34  GLY 34  34  34  GLY GLY A . n 
A 1 35  THR 35  35  35  THR THR A . n 
A 1 36  ALA 36  36  36  ALA ALA A . n 
A 1 37  ARG 37  37  37  ARG ARG A . n 
A 1 38  VAL 38  38  38  VAL VAL A . n 
A 1 39  ARG 39  39  39  ARG ARG A . n 
A 1 40  PRO 40  40  40  PRO PRO A . n 
A 1 41  ILE 41  41  41  ILE ILE A . n 
A 1 42  THR 42  42  42  THR THR A . n 
A 1 43  VAL 43  43  43  VAL VAL A . n 
A 1 44  ASP 44  44  44  ASP ASP A . n 
A 1 45  ASP 45  45  45  ASP ASP A . n 
A 1 46  ALA 46  46  46  ALA ALA A . n 
A 1 47  GLU 47  47  47  GLU GLU A . n 
A 1 48  ARG 48  48  48  ARG ARG A . n 
A 1 49  LEU 49  49  49  LEU LEU A . n 
A 1 50  VAL 50  50  50  VAL VAL A . n 
A 1 51  SER 51  51  51  SER SER A . n 
A 1 52  PHE 52  52  52  PHE PHE A . n 
A 1 53  TYR 53  53  53  TYR TYR A . n 
A 1 54  GLU 54  54  54  GLU GLU A . n 
A 1 55  GLN 55  55  55  GLN GLN A . n 
A 1 56  VAL 56  56  56  VAL VAL A . n 
A 1 57  SER 57  57  57  SER SER A . n 
A 1 58  ASP 58  58  58  ASP ASP A . n 
A 1 59  GLU 59  59  59  GLU GLU A . n 
A 1 60  SER 60  60  60  SER SER A . n 
A 1 61  LYS 61  61  61  LYS LYS A . n 
A 1 62  TYR 62  62  62  TYR TYR A . n 
A 1 63  TYR 63  63  63  TYR TYR A . n 
A 1 64  ARG 64  64  64  ARG ARG A . n 
A 1 65  PHE 65  65  65  PHE PHE A . n 
A 1 66  PHE 66  66  66  PHE PHE A . n 
A 1 67  ALA 67  67  67  ALA ALA A . n 
A 1 68  PRO 68  68  68  PRO PRO A . n 
A 1 69  TYR 69  69  69  TYR TYR A . n 
A 1 70  PRO 70  70  70  PRO PRO A . n 
A 1 71  ARG 71  71  71  ARG ARG A . n 
A 1 72  LEU 72  72  72  LEU LEU A . n 
A 1 73  SER 73  73  73  SER SER A . n 
A 1 74  ALA 74  74  74  ALA ALA A . n 
A 1 75  LYS 75  75  75  LYS LYS A . n 
A 1 76  ASP 76  76  76  ASP ASP A . n 
A 1 77  VAL 77  77  77  VAL VAL A . n 
A 1 78  HIS 78  78  78  HIS HIS A . n 
A 1 79  ARG 79  79  79  ARG ARG A . n 
A 1 80  PHE 80  80  80  PHE PHE A . n 
A 1 81  THR 81  81  81  THR THR A . n 
A 1 82  HIS 82  82  82  HIS HIS A . n 
A 1 83  HIS 83  83  83  HIS HIS A . n 
A 1 84  ASP 84  84  84  ASP ASP A . n 
A 1 85  PHE 85  85  85  PHE PHE A . n 
A 1 86  VAL 86  86  86  VAL VAL A . n 
A 1 87  ASP 87  87  87  ASP ASP A . n 
A 1 88  ARG 88  88  88  ARG ARG A . n 
A 1 89  VAL 89  89  89  VAL VAL A . n 
A 1 90  GLY 90  90  90  GLY GLY A . n 
A 1 91  LEU 91  91  91  LEU LEU A . n 
A 1 92  ALA 92  92  92  ALA ALA A . n 
A 1 93  ALA 93  93  93  ALA ALA A . n 
A 1 94  THR 94  94  94  THR THR A . n 
A 1 95  ILE 95  95  95  ILE ILE A . n 
A 1 96  GLY 96  96  96  GLY GLY A . n 
A 1 97  GLY 97  97  97  GLY GLY A . n 
A 1 98  GLU 98  98  98  GLU GLU A . n 
A 1 99  PHE 99  99  99  PHE PHE A . n 
A 1 100 ILE 100 100 100 ILE ILE A . n 
A 1 101 ALA 101 101 101 ALA ALA A . n 
A 1 102 THR 102 102 102 THR THR A . n 
A 1 103 VAL 103 103 103 VAL VAL A . n 
A 1 104 ARG 104 104 104 ARG ARG A . n 
A 1 105 TYR 105 105 105 TYR TYR A . n 
A 1 106 ASP 106 106 106 ASP ASP A . n 
A 1 107 ARG 107 107 107 ARG ARG A . n 
A 1 108 ILE 108 108 108 ILE ILE A . n 
A 1 109 GLY 109 109 109 GLY GLY A . n 
A 1 110 ALA 110 110 110 ALA ALA A . n 
A 1 111 GLY 111 111 111 GLY GLY A . n 
A 1 112 GLY 112 112 112 GLY GLY A . n 
A 1 113 THR 113 113 113 THR THR A . n 
A 1 114 PRO 114 114 114 PRO PRO A . n 
A 1 115 ALA 115 115 115 ALA ALA A . n 
A 1 116 THR 116 116 116 THR THR A . n 
A 1 117 ALA 117 117 117 ALA ALA A . n 
A 1 118 PRO 118 118 118 PRO PRO A . n 
A 1 119 ALA 119 119 119 ALA ALA A . n 
A 1 120 ASP 120 120 120 ASP ASP A . n 
A 1 121 GLU 121 121 121 GLU GLU A . n 
A 1 122 ALA 122 122 122 ALA ALA A . n 
A 1 123 GLU 123 123 123 GLU GLU A . n 
A 1 124 VAL 124 124 124 VAL VAL A . n 
A 1 125 ALA 125 125 125 ALA ALA A . n 
A 1 126 PHE 126 126 126 PHE PHE A . n 
A 1 127 LEU 127 127 127 LEU LEU A . n 
A 1 128 VAL 128 128 128 VAL VAL A . n 
A 1 129 GLN 129 129 129 GLN GLN A . n 
A 1 130 ASP 130 130 130 ASP ASP A . n 
A 1 131 ALA 131 131 131 ALA ALA A . n 
A 1 132 HIS 132 132 132 HIS HIS A . n 
A 1 133 GLN 133 133 133 GLN GLN A . n 
A 1 134 GLY 134 134 134 GLY GLY A . n 
A 1 135 ARG 135 135 135 ARG ARG A . n 
A 1 136 GLY 136 136 136 GLY GLY A . n 
A 1 137 VAL 137 137 137 VAL VAL A . n 
A 1 138 ALA 138 138 138 ALA ALA A . n 
A 1 139 SER 139 139 139 SER SER A . n 
A 1 140 ALA 140 140 140 ALA ALA A . n 
A 1 141 LEU 141 141 141 LEU LEU A . n 
A 1 142 LEU 142 142 142 LEU LEU A . n 
A 1 143 GLU 143 143 143 GLU GLU A . n 
A 1 144 HIS 144 144 144 HIS HIS A . n 
A 1 145 ILE 145 145 145 ILE ILE A . n 
A 1 146 ALA 146 146 146 ALA ALA A . n 
A 1 147 ALA 147 147 147 ALA ALA A . n 
A 1 148 VAL 148 148 148 VAL VAL A . n 
A 1 149 ALA 149 149 149 ALA ALA A . n 
A 1 150 ARG 150 150 150 ARG ARG A . n 
A 1 151 GLU 151 151 151 GLU GLU A . n 
A 1 152 ARG 152 152 152 ARG ARG A . n 
A 1 153 GLY 153 153 153 GLY GLY A . n 
A 1 154 ILE 154 154 154 ILE ILE A . n 
A 1 155 ARG 155 155 155 ARG ARG A . n 
A 1 156 ARG 156 156 156 ARG ARG A . n 
A 1 157 PHE 157 157 157 PHE PHE A . n 
A 1 158 ALA 158 158 158 ALA ALA A . n 
A 1 159 ALA 159 159 159 ALA ALA A . n 
A 1 160 GLU 160 160 160 GLU GLU A . n 
A 1 161 VAL 161 161 161 VAL VAL A . n 
A 1 162 LEU 162 162 162 LEU LEU A . n 
A 1 163 PRO 163 163 163 PRO PRO A . n 
A 1 164 ALA 164 164 164 ALA ALA A . n 
A 1 165 ASN 165 165 165 ASN ASN A . n 
A 1 166 ASN 166 166 166 ASN ASN A . n 
A 1 167 LYS 167 167 167 LYS LYS A . n 
A 1 168 MET 168 168 168 MET MET A . n 
A 1 169 ILE 169 169 169 ILE ILE A . n 
A 1 170 LYS 170 170 170 LYS LYS A . n 
A 1 171 VAL 171 171 171 VAL VAL A . n 
A 1 172 PHE 172 172 172 PHE PHE A . n 
A 1 173 MET 173 173 173 MET MET A . n 
A 1 174 ASP 174 174 174 ASP ASP A . n 
A 1 175 ALA 175 175 175 ALA ALA A . n 
A 1 176 GLY 176 176 176 GLY GLY A . n 
A 1 177 TYR 177 177 177 TYR TYR A . n 
A 1 178 THR 178 178 178 THR THR A . n 
A 1 179 GLN 179 179 179 GLN GLN A . n 
A 1 180 LYS 180 180 180 LYS LYS A . n 
A 1 181 ARG 181 181 181 ARG ARG A . n 
A 1 182 SER 182 182 182 SER SER A . n 
A 1 183 PHE 183 183 183 PHE PHE A . n 
A 1 184 GLU 184 184 184 GLU GLU A . n 
A 1 185 ASP 185 185 185 ASP ASP A . n 
A 1 186 GLY 186 186 186 GLY GLY A . n 
A 1 187 VAL 187 187 187 VAL VAL A . n 
A 1 188 VAL 188 188 188 VAL VAL A . n 
A 1 189 ARG 189 189 189 ARG ARG A . n 
A 1 190 LEU 190 190 190 LEU LEU A . n 
A 1 191 GLU 191 191 191 GLU GLU A . n 
A 1 192 PHE 192 192 192 PHE PHE A . n 
A 1 193 ASP 193 193 193 ASP ASP A . n 
A 1 194 LEU 194 194 194 LEU LEU A . n 
# 
loop_
_pdbx_nonpoly_scheme.asym_id 
_pdbx_nonpoly_scheme.entity_id 
_pdbx_nonpoly_scheme.mon_id 
_pdbx_nonpoly_scheme.ndb_seq_num 
_pdbx_nonpoly_scheme.pdb_seq_num 
_pdbx_nonpoly_scheme.auth_seq_num 
_pdbx_nonpoly_scheme.pdb_mon_id 
_pdbx_nonpoly_scheme.auth_mon_id 
_pdbx_nonpoly_scheme.pdb_strand_id 
_pdbx_nonpoly_scheme.pdb_ins_code 
B 2 ETF 1   201 1   ETF ETF A . 
C 3 GOL 1   202 1   GOL GOL A . 
D 4 HOH 1   301 1   HOH HOH A . 
D 4 HOH 2   302 3   HOH HOH A . 
D 4 HOH 3   303 4   HOH HOH A . 
D 4 HOH 4   304 5   HOH HOH A . 
D 4 HOH 5   305 6   HOH HOH A . 
D 4 HOH 6   306 7   HOH HOH A . 
D 4 HOH 7   307 8   HOH HOH A . 
D 4 HOH 8   308 9   HOH HOH A . 
D 4 HOH 9   309 10  HOH HOH A . 
D 4 HOH 10  310 11  HOH HOH A . 
D 4 HOH 11  311 12  HOH HOH A . 
D 4 HOH 12  312 13  HOH HOH A . 
D 4 HOH 13  313 14  HOH HOH A . 
D 4 HOH 14  314 15  HOH HOH A . 
D 4 HOH 15  315 16  HOH HOH A . 
D 4 HOH 16  316 17  HOH HOH A . 
D 4 HOH 17  317 18  HOH HOH A . 
D 4 HOH 18  318 19  HOH HOH A . 
D 4 HOH 19  319 20  HOH HOH A . 
D 4 HOH 20  320 21  HOH HOH A . 
D 4 HOH 21  321 22  HOH HOH A . 
D 4 HOH 22  322 23  HOH HOH A . 
D 4 HOH 23  323 24  HOH HOH A . 
D 4 HOH 24  324 25  HOH HOH A . 
D 4 HOH 25  325 26  HOH HOH A . 
D 4 HOH 26  326 27  HOH HOH A . 
D 4 HOH 27  327 28  HOH HOH A . 
D 4 HOH 28  328 29  HOH HOH A . 
D 4 HOH 29  329 30  HOH HOH A . 
D 4 HOH 30  330 31  HOH HOH A . 
D 4 HOH 31  331 32  HOH HOH A . 
D 4 HOH 32  332 33  HOH HOH A . 
D 4 HOH 33  333 34  HOH HOH A . 
D 4 HOH 34  334 35  HOH HOH A . 
D 4 HOH 35  335 36  HOH HOH A . 
D 4 HOH 36  336 37  HOH HOH A . 
D 4 HOH 37  337 38  HOH HOH A . 
D 4 HOH 38  338 39  HOH HOH A . 
D 4 HOH 39  339 40  HOH HOH A . 
D 4 HOH 40  340 41  HOH HOH A . 
D 4 HOH 41  341 42  HOH HOH A . 
D 4 HOH 42  342 43  HOH HOH A . 
D 4 HOH 43  343 44  HOH HOH A . 
D 4 HOH 44  344 45  HOH HOH A . 
D 4 HOH 45  345 46  HOH HOH A . 
D 4 HOH 46  346 47  HOH HOH A . 
D 4 HOH 47  347 48  HOH HOH A . 
D 4 HOH 48  348 49  HOH HOH A . 
D 4 HOH 49  349 50  HOH HOH A . 
D 4 HOH 50  350 51  HOH HOH A . 
D 4 HOH 51  351 52  HOH HOH A . 
D 4 HOH 52  352 53  HOH HOH A . 
D 4 HOH 53  353 54  HOH HOH A . 
D 4 HOH 54  354 55  HOH HOH A . 
D 4 HOH 55  355 56  HOH HOH A . 
D 4 HOH 56  356 57  HOH HOH A . 
D 4 HOH 57  357 58  HOH HOH A . 
D 4 HOH 58  358 59  HOH HOH A . 
D 4 HOH 59  359 60  HOH HOH A . 
D 4 HOH 60  360 61  HOH HOH A . 
D 4 HOH 61  361 62  HOH HOH A . 
D 4 HOH 62  362 63  HOH HOH A . 
D 4 HOH 63  363 64  HOH HOH A . 
D 4 HOH 64  364 65  HOH HOH A . 
D 4 HOH 65  365 66  HOH HOH A . 
D 4 HOH 66  366 67  HOH HOH A . 
D 4 HOH 67  367 68  HOH HOH A . 
D 4 HOH 68  368 69  HOH HOH A . 
D 4 HOH 69  369 70  HOH HOH A . 
D 4 HOH 70  370 71  HOH HOH A . 
D 4 HOH 71  371 72  HOH HOH A . 
D 4 HOH 72  372 73  HOH HOH A . 
D 4 HOH 73  373 74  HOH HOH A . 
D 4 HOH 74  374 75  HOH HOH A . 
D 4 HOH 75  375 76  HOH HOH A . 
D 4 HOH 76  376 77  HOH HOH A . 
D 4 HOH 77  377 78  HOH HOH A . 
D 4 HOH 78  378 79  HOH HOH A . 
D 4 HOH 79  379 80  HOH HOH A . 
D 4 HOH 80  380 81  HOH HOH A . 
D 4 HOH 81  381 82  HOH HOH A . 
D 4 HOH 82  382 83  HOH HOH A . 
D 4 HOH 83  383 84  HOH HOH A . 
D 4 HOH 84  384 85  HOH HOH A . 
D 4 HOH 85  385 86  HOH HOH A . 
D 4 HOH 86  386 87  HOH HOH A . 
D 4 HOH 87  387 88  HOH HOH A . 
D 4 HOH 88  388 89  HOH HOH A . 
D 4 HOH 89  389 90  HOH HOH A . 
D 4 HOH 90  390 91  HOH HOH A . 
D 4 HOH 91  391 92  HOH HOH A . 
D 4 HOH 92  392 93  HOH HOH A . 
D 4 HOH 93  393 94  HOH HOH A . 
D 4 HOH 94  394 95  HOH HOH A . 
D 4 HOH 95  395 96  HOH HOH A . 
D 4 HOH 96  396 97  HOH HOH A . 
D 4 HOH 97  397 98  HOH HOH A . 
D 4 HOH 98  398 99  HOH HOH A . 
D 4 HOH 99  399 100 HOH HOH A . 
D 4 HOH 100 400 101 HOH HOH A . 
D 4 HOH 101 401 102 HOH HOH A . 
D 4 HOH 102 402 103 HOH HOH A . 
D 4 HOH 103 403 104 HOH HOH A . 
D 4 HOH 104 404 105 HOH HOH A . 
D 4 HOH 105 405 106 HOH HOH A . 
D 4 HOH 106 406 107 HOH HOH A . 
D 4 HOH 107 407 108 HOH HOH A . 
D 4 HOH 108 408 109 HOH HOH A . 
D 4 HOH 109 409 110 HOH HOH A . 
D 4 HOH 110 410 111 HOH HOH A . 
D 4 HOH 111 411 112 HOH HOH A . 
D 4 HOH 112 412 113 HOH HOH A . 
D 4 HOH 113 413 114 HOH HOH A . 
D 4 HOH 114 414 115 HOH HOH A . 
D 4 HOH 115 415 116 HOH HOH A . 
D 4 HOH 116 416 117 HOH HOH A . 
D 4 HOH 117 417 118 HOH HOH A . 
D 4 HOH 118 418 119 HOH HOH A . 
D 4 HOH 119 419 120 HOH HOH A . 
D 4 HOH 120 420 121 HOH HOH A . 
D 4 HOH 121 421 122 HOH HOH A . 
D 4 HOH 122 422 123 HOH HOH A . 
D 4 HOH 123 423 124 HOH HOH A . 
D 4 HOH 124 424 125 HOH HOH A . 
D 4 HOH 125 425 127 HOH HOH A . 
D 4 HOH 126 426 128 HOH HOH A . 
D 4 HOH 127 427 129 HOH HOH A . 
D 4 HOH 128 428 130 HOH HOH A . 
D 4 HOH 129 429 131 HOH HOH A . 
D 4 HOH 130 430 134 HOH HOH A . 
D 4 HOH 131 431 135 HOH HOH A . 
D 4 HOH 132 432 136 HOH HOH A . 
D 4 HOH 133 433 137 HOH HOH A . 
D 4 HOH 134 434 138 HOH HOH A . 
D 4 HOH 135 435 139 HOH HOH A . 
D 4 HOH 136 436 140 HOH HOH A . 
D 4 HOH 137 437 141 HOH HOH A . 
D 4 HOH 138 438 142 HOH HOH A . 
D 4 HOH 139 439 143 HOH HOH A . 
D 4 HOH 140 440 144 HOH HOH A . 
D 4 HOH 141 441 145 HOH HOH A . 
D 4 HOH 142 442 146 HOH HOH A . 
D 4 HOH 143 443 147 HOH HOH A . 
D 4 HOH 144 444 148 HOH HOH A . 
D 4 HOH 145 445 149 HOH HOH A . 
D 4 HOH 146 446 150 HOH HOH A . 
D 4 HOH 147 447 152 HOH HOH A . 
D 4 HOH 148 448 153 HOH HOH A . 
D 4 HOH 149 449 154 HOH HOH A . 
D 4 HOH 150 450 155 HOH HOH A . 
D 4 HOH 151 451 156 HOH HOH A . 
D 4 HOH 152 452 157 HOH HOH A . 
D 4 HOH 153 453 158 HOH HOH A . 
D 4 HOH 154 454 159 HOH HOH A . 
D 4 HOH 155 455 160 HOH HOH A . 
D 4 HOH 156 456 161 HOH HOH A . 
D 4 HOH 157 457 162 HOH HOH A . 
D 4 HOH 158 458 163 HOH HOH A . 
D 4 HOH 159 459 164 HOH HOH A . 
D 4 HOH 160 460 165 HOH HOH A . 
D 4 HOH 161 461 166 HOH HOH A . 
D 4 HOH 162 462 167 HOH HOH A . 
D 4 HOH 163 463 168 HOH HOH A . 
D 4 HOH 164 464 169 HOH HOH A . 
D 4 HOH 165 465 170 HOH HOH A . 
D 4 HOH 166 466 171 HOH HOH A . 
D 4 HOH 167 467 172 HOH HOH A . 
D 4 HOH 168 468 173 HOH HOH A . 
D 4 HOH 169 469 174 HOH HOH A . 
D 4 HOH 170 470 175 HOH HOH A . 
D 4 HOH 171 471 176 HOH HOH A . 
D 4 HOH 172 472 177 HOH HOH A . 
D 4 HOH 173 473 178 HOH HOH A . 
D 4 HOH 174 474 179 HOH HOH A . 
D 4 HOH 175 475 180 HOH HOH A . 
D 4 HOH 176 476 181 HOH HOH A . 
D 4 HOH 177 477 182 HOH HOH A . 
D 4 HOH 178 478 183 HOH HOH A . 
D 4 HOH 179 479 184 HOH HOH A . 
D 4 HOH 180 480 185 HOH HOH A . 
D 4 HOH 181 481 186 HOH HOH A . 
D 4 HOH 182 482 187 HOH HOH A . 
D 4 HOH 183 483 188 HOH HOH A . 
D 4 HOH 184 484 189 HOH HOH A . 
D 4 HOH 185 485 190 HOH HOH A . 
# 
loop_
_software.name 
_software.classification 
_software.version 
_software.citation_id 
_software.pdbx_ordinal 
HKL-3000 'data collection' .        ? 1 
HKL-3000 phasing           .        ? 2 
REFMAC   refinement        5.7.0029 ? 3 
HKL-3000 'data reduction'  .        ? 4 
HKL-3000 'data scaling'    .        ? 5 
# 
_cell.entry_id           4NXY 
_cell.length_a           40.056 
_cell.length_b           56.711 
_cell.length_c           74.000 
_cell.angle_alpha        90.00 
_cell.angle_beta         90.00 
_cell.angle_gamma        90.00 
_cell.Z_PDB              4 
_cell.pdbx_unique_axis   ? 
_cell.length_a_esd       ? 
_cell.length_b_esd       ? 
_cell.length_c_esd       ? 
_cell.angle_alpha_esd    ? 
_cell.angle_beta_esd     ? 
_cell.angle_gamma_esd    ? 
# 
_symmetry.entry_id                         4NXY 
_symmetry.space_group_name_H-M             'P 21 21 21' 
_symmetry.pdbx_full_space_group_name_H-M   ? 
_symmetry.cell_setting                     ? 
_symmetry.Int_Tables_number                19 
_symmetry.space_group_name_Hall            ? 
# 
_exptl.entry_id          4NXY 
_exptl.method            'X-RAY DIFFRACTION' 
_exptl.crystals_number   1 
# 
_exptl_crystal.id                    1 
_exptl_crystal.density_meas          ? 
_exptl_crystal.density_Matthews      1.94 
_exptl_crystal.density_percent_sol   36.62 
_exptl_crystal.description           ? 
_exptl_crystal.F_000                 ? 
_exptl_crystal.preparation           ? 
# 
_exptl_crystal_grow.crystal_id      1 
_exptl_crystal_grow.method          Batch 
_exptl_crystal_grow.temp            298 
_exptl_crystal_grow.temp_details    ? 
_exptl_crystal_grow.pH              7.0 
_exptl_crystal_grow.pdbx_details    
;22% monomethyl polyethylene glycol 5000, 100 mM MOPS pH 7.0, 25 mM MgCl2, 2% 2,2,2-trifluoroethanol, 6% glycerol, Batch, temperature 298K
;
_exptl_crystal_grow.pdbx_pH_range   ? 
# 
_diffrn.id                     1 
_diffrn.ambient_temp           100 
_diffrn.ambient_temp_details   ? 
_diffrn.crystal_id             1 
# 
_diffrn_detector.diffrn_id              1 
_diffrn_detector.detector               CCD 
_diffrn_detector.type                   'ADSC QUANTUM 315' 
_diffrn_detector.pdbx_collection_date   2012-12-04 
_diffrn_detector.details                ? 
# 
_diffrn_radiation.diffrn_id                        1 
_diffrn_radiation.wavelength_id                    1 
_diffrn_radiation.pdbx_monochromatic_or_laue_m_l   M 
_diffrn_radiation.monochromator                    
'Rosenbaum-Rock high-resolution double-crystal monochromator. LN2 cooled first crystal, sagittal focusing 2nd crystal' 
_diffrn_radiation.pdbx_diffrn_protocol             'SINGLE WAVELENGTH' 
_diffrn_radiation.pdbx_scattering_type             x-ray 
# 
_diffrn_radiation_wavelength.id           1 
_diffrn_radiation_wavelength.wavelength   0.97936 
_diffrn_radiation_wavelength.wt           1.0 
# 
_diffrn_source.diffrn_id                   1 
_diffrn_source.source                      SYNCHROTRON 
_diffrn_source.type                        'APS BEAMLINE 19-ID' 
_diffrn_source.pdbx_synchrotron_site       APS 
_diffrn_source.pdbx_synchrotron_beamline   19-ID 
_diffrn_source.pdbx_wavelength             ? 
_diffrn_source.pdbx_wavelength_list        0.97936 
# 
_reflns.entry_id                     4NXY 
_reflns.observed_criterion_sigma_I   -3 
_reflns.observed_criterion_sigma_F   0 
_reflns.d_resolution_low             25.00 
_reflns.d_resolution_high            1.449 
_reflns.number_obs                   30540 
_reflns.number_all                   30626 
_reflns.percent_possible_obs         99.8 
_reflns.pdbx_Rmerge_I_obs            0.039 
_reflns.pdbx_Rsym_value              0.039 
_reflns.pdbx_netI_over_sigmaI        58.854 
_reflns.B_iso_Wilson_estimate        ? 
_reflns.pdbx_redundancy              8.7 
_reflns.R_free_details               ? 
_reflns.limit_h_max                  ? 
_reflns.limit_h_min                  ? 
_reflns.limit_k_max                  ? 
_reflns.limit_k_min                  ? 
_reflns.limit_l_max                  ? 
_reflns.limit_l_min                  ? 
_reflns.observed_criterion_F_max     ? 
_reflns.observed_criterion_F_min     ? 
_reflns.pdbx_chi_squared             ? 
_reflns.pdbx_scaling_rejects         ? 
_reflns.pdbx_ordinal                 1 
_reflns.pdbx_diffrn_id               1 
# 
_reflns_shell.d_res_high             1.449 
_reflns_shell.d_res_low              1.48 
_reflns_shell.percent_possible_all   98.7 
_reflns_shell.Rmerge_I_obs           0.249 
_reflns_shell.pdbx_Rsym_value        0.212 
_reflns_shell.meanI_over_sigI_obs    10.07 
_reflns_shell.pdbx_redundancy        6.6 
_reflns_shell.percent_possible_obs   ? 
_reflns_shell.number_unique_all      1475 
_reflns_shell.number_measured_all    ? 
_reflns_shell.number_measured_obs    ? 
_reflns_shell.number_unique_obs      ? 
_reflns_shell.pdbx_chi_squared       ? 
_reflns_shell.pdbx_ordinal           1 
_reflns_shell.pdbx_diffrn_id         1 
# 
_refine.entry_id                                 4NXY 
_refine.ls_number_reflns_obs                     29002 
_refine.ls_number_reflns_all                     29002 
_refine.pdbx_ls_sigma_I                          ? 
_refine.pdbx_ls_sigma_F                          . 
_refine.pdbx_data_cutoff_high_absF               ? 
_refine.pdbx_data_cutoff_low_absF                ? 
_refine.pdbx_data_cutoff_high_rms_absF           ? 
_refine.ls_d_res_low                             24.52 
_refine.ls_d_res_high                            1.449 
_refine.ls_percent_reflns_obs                    99.66 
_refine.ls_R_factor_obs                          0.17845 
_refine.ls_R_factor_all                          0.17845 
_refine.ls_R_factor_R_work                       0.17649 
_refine.ls_R_factor_R_free                       0.21678 
_refine.ls_R_factor_R_free_error                 ? 
_refine.ls_R_factor_R_free_error_details         ? 
_refine.ls_percent_reflns_R_free                 5.0 
_refine.ls_number_reflns_R_free                  1540 
_refine.ls_number_parameters                     ? 
_refine.ls_number_restraints                     ? 
_refine.occupancy_min                            ? 
_refine.occupancy_max                            ? 
_refine.correlation_coeff_Fo_to_Fc               0.963 
_refine.correlation_coeff_Fo_to_Fc_free          0.947 
_refine.B_iso_mean                               15.384 
_refine.aniso_B[1][1]                            0.05 
_refine.aniso_B[2][2]                            0.11 
_refine.aniso_B[3][3]                            -0.16 
_refine.aniso_B[1][2]                            -0.00 
_refine.aniso_B[1][3]                            -0.00 
_refine.aniso_B[2][3]                            -0.00 
_refine.solvent_model_details                    MASK 
_refine.solvent_model_param_ksol                 ? 
_refine.solvent_model_param_bsol                 ? 
_refine.pdbx_solvent_vdw_probe_radii             1.20 
_refine.pdbx_solvent_ion_probe_radii             0.80 
_refine.pdbx_solvent_shrinkage_radii             0.80 
_refine.pdbx_ls_cross_valid_method               THROUGHOUT 
_refine.details                                  'HYDROGENS HAVE BEEN ADDED IN THE RIDING POSITIONS' 
_refine.pdbx_starting_model                      ? 
_refine.pdbx_method_to_determine_struct          SAD 
_refine.pdbx_isotropic_thermal_model             ? 
_refine.pdbx_stereochemistry_target_values       'MAXIMUM LIKELIHOOD' 
_refine.pdbx_stereochem_target_val_spec_case     ? 
_refine.pdbx_R_Free_selection_details            RANDOM 
_refine.pdbx_overall_ESU_R                       0.070 
_refine.pdbx_overall_ESU_R_Free                  0.075 
_refine.overall_SU_ML                            0.047 
_refine.pdbx_overall_phase_error                 ? 
_refine.overall_SU_B                             1.208 
_refine.overall_SU_R_Cruickshank_DPI             ? 
_refine.ls_redundancy_reflns_obs                 ? 
_refine.B_iso_min                                ? 
_refine.B_iso_max                                ? 
_refine.overall_SU_R_free                        ? 
_refine.ls_wR_factor_R_free                      ? 
_refine.ls_wR_factor_R_work                      ? 
_refine.overall_FOM_free_R_set                   ? 
_refine.overall_FOM_work_R_set                   ? 
_refine.pdbx_diffrn_id                           1 
_refine.pdbx_refine_id                           'X-RAY DIFFRACTION' 
_refine.pdbx_TLS_residual_ADP_flag               ? 
_refine.pdbx_overall_SU_R_free_Cruickshank_DPI   ? 
_refine.pdbx_overall_SU_R_Blow_DPI               ? 
_refine.pdbx_overall_SU_R_free_Blow_DPI          ? 
# 
_refine_hist.pdbx_refine_id                   'X-RAY DIFFRACTION' 
_refine_hist.cycle_id                         LAST 
_refine_hist.pdbx_number_atoms_protein        1389 
_refine_hist.pdbx_number_atoms_nucleic_acid   0 
_refine_hist.pdbx_number_atoms_ligand         12 
_refine_hist.number_atoms_solvent             185 
_refine_hist.number_atoms_total               1586 
_refine_hist.d_res_high                       1.449 
_refine_hist.d_res_low                        24.52 
# 
loop_
_refine_ls_restr.type 
_refine_ls_restr.dev_ideal 
_refine_ls_restr.dev_ideal_target 
_refine_ls_restr.weight 
_refine_ls_restr.number 
_refine_ls_restr.pdbx_restraint_function 
_refine_ls_restr.pdbx_refine_id 
r_bond_refined_d             0.025  0.019  ? 1459 ? 'X-RAY DIFFRACTION' 
r_bond_other_d               0.001  0.020  ? 1372 ? 'X-RAY DIFFRACTION' 
r_angle_refined_deg          2.441  1.948  ? 1984 ? 'X-RAY DIFFRACTION' 
r_angle_other_deg            1.001  3.000  ? 3133 ? 'X-RAY DIFFRACTION' 
r_dihedral_angle_1_deg       5.995  5.000  ? 182  ? 'X-RAY DIFFRACTION' 
r_dihedral_angle_2_deg       38.285 22.105 ? 76   ? 'X-RAY DIFFRACTION' 
r_dihedral_angle_3_deg       13.161 15.000 ? 223  ? 'X-RAY DIFFRACTION' 
r_dihedral_angle_4_deg       17.519 15.000 ? 17   ? 'X-RAY DIFFRACTION' 
r_chiral_restr               0.138  0.200  ? 215  ? 'X-RAY DIFFRACTION' 
r_gen_planes_refined         0.013  0.021  ? 1680 ? 'X-RAY DIFFRACTION' 
r_gen_planes_other           0.001  0.020  ? 369  ? 'X-RAY DIFFRACTION' 
r_nbd_refined                ?      ?      ? ?    ? 'X-RAY DIFFRACTION' 
r_nbd_other                  ?      ?      ? ?    ? 'X-RAY DIFFRACTION' 
r_nbtor_refined              ?      ?      ? ?    ? 'X-RAY DIFFRACTION' 
r_nbtor_other                ?      ?      ? ?    ? 'X-RAY DIFFRACTION' 
r_xyhbond_nbd_refined        ?      ?      ? ?    ? 'X-RAY DIFFRACTION' 
r_xyhbond_nbd_other          ?      ?      ? ?    ? 'X-RAY DIFFRACTION' 
r_metal_ion_refined          ?      ?      ? ?    ? 'X-RAY DIFFRACTION' 
r_metal_ion_other            ?      ?      ? ?    ? 'X-RAY DIFFRACTION' 
r_symmetry_vdw_refined       ?      ?      ? ?    ? 'X-RAY DIFFRACTION' 
r_symmetry_vdw_other         ?      ?      ? ?    ? 'X-RAY DIFFRACTION' 
r_symmetry_hbond_refined     ?      ?      ? ?    ? 'X-RAY DIFFRACTION' 
r_symmetry_hbond_other       ?      ?      ? ?    ? 'X-RAY DIFFRACTION' 
r_symmetry_metal_ion_refined ?      ?      ? ?    ? 'X-RAY DIFFRACTION' 
r_symmetry_metal_ion_other   ?      ?      ? ?    ? 'X-RAY DIFFRACTION' 
r_mcbond_it                  ?      ?      ? ?    ? 'X-RAY DIFFRACTION' 
r_mcbond_other               ?      ?      ? ?    ? 'X-RAY DIFFRACTION' 
r_mcangle_it                 ?      ?      ? ?    ? 'X-RAY DIFFRACTION' 
r_mcangle_other              ?      ?      ? ?    ? 'X-RAY DIFFRACTION' 
r_scbond_it                  ?      ?      ? ?    ? 'X-RAY DIFFRACTION' 
r_scbond_other               ?      ?      ? ?    ? 'X-RAY DIFFRACTION' 
r_scangle_it                 ?      ?      ? ?    ? 'X-RAY DIFFRACTION' 
r_scangle_other              ?      ?      ? ?    ? 'X-RAY DIFFRACTION' 
r_long_range_B_refined       ?      ?      ? ?    ? 'X-RAY DIFFRACTION' 
r_long_range_B_other         ?      ?      ? ?    ? 'X-RAY DIFFRACTION' 
r_rigid_bond_restr           ?      ?      ? ?    ? 'X-RAY DIFFRACTION' 
r_sphericity_free            ?      ?      ? ?    ? 'X-RAY DIFFRACTION' 
r_sphericity_bonded          ?      ?      ? ?    ? 'X-RAY DIFFRACTION' 
# 
_refine_ls_shell.pdbx_total_number_of_bins_used   20 
_refine_ls_shell.d_res_high                       1.449 
_refine_ls_shell.d_res_low                        1.487 
_refine_ls_shell.number_reflns_R_work             2047 
_refine_ls_shell.R_factor_R_work                  0.218 
_refine_ls_shell.percent_reflns_obs               97.26 
_refine_ls_shell.R_factor_R_free                  0.227 
_refine_ls_shell.R_factor_R_free_error            ? 
_refine_ls_shell.percent_reflns_R_free            ? 
_refine_ls_shell.number_reflns_R_free             119 
_refine_ls_shell.number_reflns_all                ? 
_refine_ls_shell.R_factor_all                     ? 
_refine_ls_shell.number_reflns_obs                ? 
_refine_ls_shell.redundancy_reflns_obs            ? 
_refine_ls_shell.pdbx_refine_id                   'X-RAY DIFFRACTION' 
# 
_struct.entry_id                  4NXY 
_struct.title                     'Crystal Structure of the GNAT domain of S. lividans PAT' 
_struct.pdbx_model_details        ? 
_struct.pdbx_CASP_flag            ? 
_struct.pdbx_model_type_details   ? 
# 
_struct_keywords.entry_id        4NXY 
_struct_keywords.pdbx_keywords   TRANSFERASE 
_struct_keywords.text            'Lysine Acetyltransferase, AMP-Forming Acetate:CoA Ligase Enzyme (Acs), TRANSFERASE' 
# 
loop_
_struct_asym.id 
_struct_asym.pdbx_blank_PDB_chainid_flag 
_struct_asym.pdbx_modified 
_struct_asym.entity_id 
_struct_asym.details 
A N N 1 ? 
B N N 2 ? 
C N N 3 ? 
D N N 4 ? 
# 
_struct_ref.id                         1 
_struct_ref.db_name                    UNP 
_struct_ref.db_code                    D6EP29_STRLI 
_struct_ref.pdbx_db_accession          D6EP29 
_struct_ref.entity_id                  1 
_struct_ref.pdbx_seq_one_letter_code   
;MSYASRTLGPMQTSSDRHEYPAHWEADVVLRDGGTARVRPITVDDAERLVSFYEQVSDESKYYRFFAPYPRLSAKDVHRF
THHDFVDRVGLAATIGGEFIATVRYDRIGAGGTPATAPADEAEVAFLVQDAHQGRGVASALLEHIAAVARERGIRRFAAE
VLPANNKMIKVFMDAGYTQKRSFEDGVVRLEFDL
;
_struct_ref.pdbx_align_begin           1 
_struct_ref.pdbx_db_isoform            ? 
# 
_struct_ref_seq.align_id                      1 
_struct_ref_seq.ref_id                        1 
_struct_ref_seq.pdbx_PDB_id_code              4NXY 
_struct_ref_seq.pdbx_strand_id                A 
_struct_ref_seq.seq_align_beg                 1 
_struct_ref_seq.pdbx_seq_align_beg_ins_code   ? 
_struct_ref_seq.seq_align_end                 194 
_struct_ref_seq.pdbx_seq_align_end_ins_code   ? 
_struct_ref_seq.pdbx_db_accession             D6EP29 
_struct_ref_seq.db_align_beg                  1 
_struct_ref_seq.pdbx_db_align_beg_ins_code    ? 
_struct_ref_seq.db_align_end                  194 
_struct_ref_seq.pdbx_db_align_end_ins_code    ? 
_struct_ref_seq.pdbx_auth_seq_align_beg       1 
_struct_ref_seq.pdbx_auth_seq_align_end       194 
# 
_pdbx_struct_assembly.id                   1 
_pdbx_struct_assembly.details              author_and_software_defined_assembly 
_pdbx_struct_assembly.method_details       PISA 
_pdbx_struct_assembly.oligomeric_details   monomeric 
_pdbx_struct_assembly.oligomeric_count     1 
# 
_pdbx_struct_assembly_gen.assembly_id       1 
_pdbx_struct_assembly_gen.oper_expression   1 
_pdbx_struct_assembly_gen.asym_id_list      A,B,C,D 
# 
_pdbx_struct_oper_list.id                   1 
_pdbx_struct_oper_list.type                 'identity operation' 
_pdbx_struct_oper_list.name                 1_555 
_pdbx_struct_oper_list.symmetry_operation   x,y,z 
_pdbx_struct_oper_list.matrix[1][1]         1.0000000000 
_pdbx_struct_oper_list.matrix[1][2]         0.0000000000 
_pdbx_struct_oper_list.matrix[1][3]         0.0000000000 
_pdbx_struct_oper_list.vector[1]            0.0000000000 
_pdbx_struct_oper_list.matrix[2][1]         0.0000000000 
_pdbx_struct_oper_list.matrix[2][2]         1.0000000000 
_pdbx_struct_oper_list.matrix[2][3]         0.0000000000 
_pdbx_struct_oper_list.vector[2]            0.0000000000 
_pdbx_struct_oper_list.matrix[3][1]         0.0000000000 
_pdbx_struct_oper_list.matrix[3][2]         0.0000000000 
_pdbx_struct_oper_list.matrix[3][3]         1.0000000000 
_pdbx_struct_oper_list.vector[3]            0.0000000000 
# 
_struct_biol.id        1 
_struct_biol.details   ? 
# 
loop_
_struct_conf.conf_type_id 
_struct_conf.id 
_struct_conf.pdbx_PDB_helix_id 
_struct_conf.beg_label_comp_id 
_struct_conf.beg_label_asym_id 
_struct_conf.beg_label_seq_id 
_struct_conf.pdbx_beg_PDB_ins_code 
_struct_conf.end_label_comp_id 
_struct_conf.end_label_asym_id 
_struct_conf.end_label_seq_id 
_struct_conf.pdbx_end_PDB_ins_code 
_struct_conf.beg_auth_comp_id 
_struct_conf.beg_auth_asym_id 
_struct_conf.beg_auth_seq_id 
_struct_conf.end_auth_comp_id 
_struct_conf.end_auth_asym_id 
_struct_conf.end_auth_seq_id 
_struct_conf.pdbx_PDB_helix_class 
_struct_conf.details 
_struct_conf.pdbx_PDB_helix_length 
HELX_P HELX_P1 1 PRO A 21  ? GLU A 25  ? PRO A 21  GLU A 25  5 ? 5  
HELX_P HELX_P2 2 THR A 42  ? ASP A 44  ? THR A 42  ASP A 44  5 ? 3  
HELX_P HELX_P3 3 ASP A 45  ? GLN A 55  ? ASP A 45  GLN A 55  1 ? 11 
HELX_P HELX_P4 4 SER A 57  ? PHE A 66  ? SER A 57  PHE A 66  1 ? 10 
HELX_P HELX_P5 5 SER A 73  ? HIS A 82  ? SER A 73  HIS A 82  1 ? 10 
HELX_P HELX_P6 6 ASP A 130 ? GLN A 133 ? ASP A 130 GLN A 133 5 ? 4  
HELX_P HELX_P7 7 GLY A 136 ? ARG A 152 ? GLY A 136 ARG A 152 1 ? 17 
HELX_P HELX_P8 8 ASN A 165 ? ALA A 175 ? ASN A 165 ALA A 175 1 ? 11 
# 
_struct_conf_type.id          HELX_P 
_struct_conf_type.criteria    ? 
_struct_conf_type.reference   ? 
# 
_struct_mon_prot_cis.pdbx_id                1 
_struct_mon_prot_cis.label_comp_id          ALA 
_struct_mon_prot_cis.label_seq_id           117 
_struct_mon_prot_cis.label_asym_id          A 
_struct_mon_prot_cis.label_alt_id           . 
_struct_mon_prot_cis.pdbx_PDB_ins_code      ? 
_struct_mon_prot_cis.auth_comp_id           ALA 
_struct_mon_prot_cis.auth_seq_id            117 
_struct_mon_prot_cis.auth_asym_id           A 
_struct_mon_prot_cis.pdbx_label_comp_id_2   PRO 
_struct_mon_prot_cis.pdbx_label_seq_id_2    118 
_struct_mon_prot_cis.pdbx_label_asym_id_2   A 
_struct_mon_prot_cis.pdbx_PDB_ins_code_2    ? 
_struct_mon_prot_cis.pdbx_auth_comp_id_2    PRO 
_struct_mon_prot_cis.pdbx_auth_seq_id_2     118 
_struct_mon_prot_cis.pdbx_auth_asym_id_2    A 
_struct_mon_prot_cis.pdbx_PDB_model_num     1 
_struct_mon_prot_cis.pdbx_omega_angle       11.91 
# 
_struct_sheet.id               A 
_struct_sheet.type             ? 
_struct_sheet.number_strands   8 
_struct_sheet.details          ? 
# 
loop_
_struct_sheet_order.sheet_id 
_struct_sheet_order.range_id_1 
_struct_sheet_order.range_id_2 
_struct_sheet_order.offset 
_struct_sheet_order.sense 
A 1 2 ? anti-parallel 
A 2 3 ? anti-parallel 
A 3 4 ? anti-parallel 
A 4 5 ? anti-parallel 
A 5 6 ? parallel      
A 6 7 ? anti-parallel 
A 7 8 ? anti-parallel 
# 
loop_
_struct_sheet_range.sheet_id 
_struct_sheet_range.id 
_struct_sheet_range.beg_label_comp_id 
_struct_sheet_range.beg_label_asym_id 
_struct_sheet_range.beg_label_seq_id 
_struct_sheet_range.pdbx_beg_PDB_ins_code 
_struct_sheet_range.end_label_comp_id 
_struct_sheet_range.end_label_asym_id 
_struct_sheet_range.end_label_seq_id 
_struct_sheet_range.pdbx_end_PDB_ins_code 
_struct_sheet_range.beg_auth_comp_id 
_struct_sheet_range.beg_auth_asym_id 
_struct_sheet_range.beg_auth_seq_id 
_struct_sheet_range.end_auth_comp_id 
_struct_sheet_range.end_auth_asym_id 
_struct_sheet_range.end_auth_seq_id 
A 1 ALA A 26  ? VAL A 29  ? ALA A 26  VAL A 29  
A 2 THR A 35  ? PRO A 40  ? THR A 35  PRO A 40  
A 3 ARG A 88  ? ILE A 95  ? ARG A 88  ILE A 95  
A 4 GLU A 98  ? ILE A 108 ? GLU A 98  ILE A 108 
A 5 GLU A 121 ? VAL A 128 ? GLU A 121 VAL A 128 
A 6 ARG A 156 ? VAL A 161 ? ARG A 156 VAL A 161 
A 7 VAL A 188 ? ASP A 193 ? VAL A 188 ASP A 193 
A 8 THR A 178 ? LYS A 180 ? THR A 178 LYS A 180 
# 
loop_
_pdbx_struct_sheet_hbond.sheet_id 
_pdbx_struct_sheet_hbond.range_id_1 
_pdbx_struct_sheet_hbond.range_id_2 
_pdbx_struct_sheet_hbond.range_1_label_atom_id 
_pdbx_struct_sheet_hbond.range_1_label_comp_id 
_pdbx_struct_sheet_hbond.range_1_label_asym_id 
_pdbx_struct_sheet_hbond.range_1_label_seq_id 
_pdbx_struct_sheet_hbond.range_1_PDB_ins_code 
_pdbx_struct_sheet_hbond.range_1_auth_atom_id 
_pdbx_struct_sheet_hbond.range_1_auth_comp_id 
_pdbx_struct_sheet_hbond.range_1_auth_asym_id 
_pdbx_struct_sheet_hbond.range_1_auth_seq_id 
_pdbx_struct_sheet_hbond.range_2_label_atom_id 
_pdbx_struct_sheet_hbond.range_2_label_comp_id 
_pdbx_struct_sheet_hbond.range_2_label_asym_id 
_pdbx_struct_sheet_hbond.range_2_label_seq_id 
_pdbx_struct_sheet_hbond.range_2_PDB_ins_code 
_pdbx_struct_sheet_hbond.range_2_auth_atom_id 
_pdbx_struct_sheet_hbond.range_2_auth_comp_id 
_pdbx_struct_sheet_hbond.range_2_auth_asym_id 
_pdbx_struct_sheet_hbond.range_2_auth_seq_id 
A 1 2 N ALA A 26  ? N ALA A 26  O VAL A 38  ? O VAL A 38  
A 2 3 N ARG A 39  ? N ARG A 39  O ALA A 92  ? O ALA A 92  
A 3 4 N LEU A 91  ? N LEU A 91  O VAL A 103 ? O VAL A 103 
A 4 5 N ILE A 108 ? N ILE A 108 O GLU A 121 ? O GLU A 121 
A 5 6 N VAL A 124 ? N VAL A 124 O ALA A 158 ? O ALA A 158 
A 6 7 N VAL A 161 ? N VAL A 161 O VAL A 188 ? O VAL A 188 
A 7 8 O GLU A 191 ? O GLU A 191 N THR A 178 ? N THR A 178 
# 
loop_
_struct_site.id 
_struct_site.pdbx_evidence_code 
_struct_site.pdbx_auth_asym_id 
_struct_site.pdbx_auth_comp_id 
_struct_site.pdbx_auth_seq_id 
_struct_site.pdbx_auth_ins_code 
_struct_site.pdbx_num_residues 
_struct_site.details 
AC1 Software A ETF 201 ? 8 'BINDING SITE FOR RESIDUE ETF A 201' 
AC2 Software A GOL 202 ? 7 'BINDING SITE FOR RESIDUE GOL A 202' 
# 
loop_
_struct_site_gen.id 
_struct_site_gen.site_id 
_struct_site_gen.pdbx_num_res 
_struct_site_gen.label_comp_id 
_struct_site_gen.label_asym_id 
_struct_site_gen.label_seq_id 
_struct_site_gen.pdbx_auth_ins_code 
_struct_site_gen.auth_comp_id 
_struct_site_gen.auth_asym_id 
_struct_site_gen.auth_seq_id 
_struct_site_gen.label_atom_id 
_struct_site_gen.label_alt_id 
_struct_site_gen.symmetry 
_struct_site_gen.details 
1  AC1 8 LEU A 49  ? LEU A 49  . ? 1_555 ? 
2  AC1 8 PHE A 52  ? PHE A 52  . ? 1_555 ? 
3  AC1 8 PHE A 65  ? PHE A 65  . ? 1_555 ? 
4  AC1 8 LEU A 72  ? LEU A 72  . ? 1_555 ? 
5  AC1 8 PHE A 80  ? PHE A 80  . ? 1_555 ? 
6  AC1 8 THR A 102 ? THR A 102 . ? 1_555 ? 
7  AC1 8 ARG A 104 ? ARG A 104 . ? 1_555 ? 
8  AC1 8 LEU A 127 ? LEU A 127 . ? 1_555 ? 
9  AC2 7 ARG A 64  ? ARG A 64  . ? 1_555 ? 
10 AC2 7 ALA A 125 ? ALA A 125 . ? 1_555 ? 
11 AC2 7 PHE A 126 ? PHE A 126 . ? 1_555 ? 
12 AC2 7 ASN A 165 ? ASN A 165 . ? 1_555 ? 
13 AC2 7 MET A 168 ? MET A 168 . ? 1_555 ? 
14 AC2 7 HOH D .   ? HOH A 357 . ? 1_555 ? 
15 AC2 7 HOH D .   ? HOH A 449 . ? 1_555 ? 
# 
loop_
_pdbx_validate_close_contact.id 
_pdbx_validate_close_contact.PDB_model_num 
_pdbx_validate_close_contact.auth_atom_id_1 
_pdbx_validate_close_contact.auth_asym_id_1 
_pdbx_validate_close_contact.auth_comp_id_1 
_pdbx_validate_close_contact.auth_seq_id_1 
_pdbx_validate_close_contact.PDB_ins_code_1 
_pdbx_validate_close_contact.label_alt_id_1 
_pdbx_validate_close_contact.auth_atom_id_2 
_pdbx_validate_close_contact.auth_asym_id_2 
_pdbx_validate_close_contact.auth_comp_id_2 
_pdbx_validate_close_contact.auth_seq_id_2 
_pdbx_validate_close_contact.PDB_ins_code_2 
_pdbx_validate_close_contact.label_alt_id_2 
_pdbx_validate_close_contact.dist 
1 1 OE2 A GLU 47  ? ? O A HOH 388 ? ? 1.83 
2 1 NE2 A GLN 133 ? ? O A HOH 448 ? ? 1.91 
3 1 O   A HOH 405 ? ? O A HOH 406 ? ? 2.02 
4 1 NH2 A ARG 152 ? ? O A HOH 457 ? ? 2.06 
5 1 OE2 A GLU 25  ? ? O A HOH 426 ? ? 2.07 
6 1 O   A HOH 336 ? ? O A HOH 426 ? ? 2.12 
7 1 O   A HOH 465 ? ? O A HOH 466 ? ? 2.13 
8 1 OH  A TYR 20  ? B O A HOH 426 ? ? 2.14 
9 1 O   A HOH 353 ? ? O A HOH 428 ? ? 2.15 
# 
loop_
_pdbx_validate_symm_contact.id 
_pdbx_validate_symm_contact.PDB_model_num 
_pdbx_validate_symm_contact.auth_atom_id_1 
_pdbx_validate_symm_contact.auth_asym_id_1 
_pdbx_validate_symm_contact.auth_comp_id_1 
_pdbx_validate_symm_contact.auth_seq_id_1 
_pdbx_validate_symm_contact.PDB_ins_code_1 
_pdbx_validate_symm_contact.label_alt_id_1 
_pdbx_validate_symm_contact.site_symmetry_1 
_pdbx_validate_symm_contact.auth_atom_id_2 
_pdbx_validate_symm_contact.auth_asym_id_2 
_pdbx_validate_symm_contact.auth_comp_id_2 
_pdbx_validate_symm_contact.auth_seq_id_2 
_pdbx_validate_symm_contact.PDB_ins_code_2 
_pdbx_validate_symm_contact.label_alt_id_2 
_pdbx_validate_symm_contact.site_symmetry_2 
_pdbx_validate_symm_contact.dist 
1 1 O A HOH 405 ? ? 1_555 O A HOH 424 ? ? 4_475 2.00 
2 1 O A HOH 405 ? ? 1_555 O A HOH 425 ? ? 4_475 2.15 
# 
_pdbx_validate_rmsd_bond.id                        1 
_pdbx_validate_rmsd_bond.PDB_model_num             1 
_pdbx_validate_rmsd_bond.auth_atom_id_1            CB 
_pdbx_validate_rmsd_bond.auth_asym_id_1            A 
_pdbx_validate_rmsd_bond.auth_comp_id_1            SER 
_pdbx_validate_rmsd_bond.auth_seq_id_1             182 
_pdbx_validate_rmsd_bond.PDB_ins_code_1            ? 
_pdbx_validate_rmsd_bond.label_alt_id_1            ? 
_pdbx_validate_rmsd_bond.auth_atom_id_2            OG 
_pdbx_validate_rmsd_bond.auth_asym_id_2            A 
_pdbx_validate_rmsd_bond.auth_comp_id_2            SER 
_pdbx_validate_rmsd_bond.auth_seq_id_2             182 
_pdbx_validate_rmsd_bond.PDB_ins_code_2            ? 
_pdbx_validate_rmsd_bond.label_alt_id_2            ? 
_pdbx_validate_rmsd_bond.bond_value                1.335 
_pdbx_validate_rmsd_bond.bond_target_value         1.418 
_pdbx_validate_rmsd_bond.bond_deviation            -0.083 
_pdbx_validate_rmsd_bond.bond_standard_deviation   0.013 
_pdbx_validate_rmsd_bond.linker_flag               N 
# 
loop_
_pdbx_validate_rmsd_angle.id 
_pdbx_validate_rmsd_angle.PDB_model_num 
_pdbx_validate_rmsd_angle.auth_atom_id_1 
_pdbx_validate_rmsd_angle.auth_asym_id_1 
_pdbx_validate_rmsd_angle.auth_comp_id_1 
_pdbx_validate_rmsd_angle.auth_seq_id_1 
_pdbx_validate_rmsd_angle.PDB_ins_code_1 
_pdbx_validate_rmsd_angle.label_alt_id_1 
_pdbx_validate_rmsd_angle.auth_atom_id_2 
_pdbx_validate_rmsd_angle.auth_asym_id_2 
_pdbx_validate_rmsd_angle.auth_comp_id_2 
_pdbx_validate_rmsd_angle.auth_seq_id_2 
_pdbx_validate_rmsd_angle.PDB_ins_code_2 
_pdbx_validate_rmsd_angle.label_alt_id_2 
_pdbx_validate_rmsd_angle.auth_atom_id_3 
_pdbx_validate_rmsd_angle.auth_asym_id_3 
_pdbx_validate_rmsd_angle.auth_comp_id_3 
_pdbx_validate_rmsd_angle.auth_seq_id_3 
_pdbx_validate_rmsd_angle.PDB_ins_code_3 
_pdbx_validate_rmsd_angle.label_alt_id_3 
_pdbx_validate_rmsd_angle.angle_value 
_pdbx_validate_rmsd_angle.angle_target_value 
_pdbx_validate_rmsd_angle.angle_deviation 
_pdbx_validate_rmsd_angle.angle_standard_deviation 
_pdbx_validate_rmsd_angle.linker_flag 
1  1 NE  A ARG 39  ? ? CZ A ARG 39  ? ? NH2 A ARG 39  ? ? 124.42 120.30 4.12   0.50 N 
2  1 NE  A ARG 48  ? ? CZ A ARG 48  ? ? NH1 A ARG 48  ? ? 128.08 120.30 7.78   0.50 N 
3  1 NE  A ARG 48  ? ? CZ A ARG 48  ? ? NH2 A ARG 48  ? ? 115.69 120.30 -4.61  0.50 N 
4  1 CB  A ASP 87  ? ? CG A ASP 87  ? ? OD2 A ASP 87  ? ? 112.63 118.30 -5.67  0.90 N 
5  1 OE1 A GLU 98  ? ? CD A GLU 98  ? ? OE2 A GLU 98  ? ? 110.41 123.30 -12.89 1.20 N 
6  1 CB  A PHE 99  ? ? CG A PHE 99  ? ? CD1 A PHE 99  ? ? 125.41 120.80 4.61   0.70 N 
7  1 NE  A ARG 104 ? ? CZ A ARG 104 ? ? NH1 A ARG 104 ? ? 124.99 120.30 4.69   0.50 N 
8  1 NE  A ARG 107 ? ? CZ A ARG 107 ? ? NH1 A ARG 107 ? ? 125.55 120.30 5.25   0.50 N 
9  1 CB  A PHE 126 ? ? CG A PHE 126 ? ? CD1 A PHE 126 ? ? 125.24 120.80 4.44   0.70 N 
10 1 NE  A ARG 152 ? ? CZ A ARG 152 ? ? NH2 A ARG 152 ? ? 116.74 120.30 -3.56  0.50 N 
# 
loop_
_pdbx_validate_torsion.id 
_pdbx_validate_torsion.PDB_model_num 
_pdbx_validate_torsion.auth_comp_id 
_pdbx_validate_torsion.auth_asym_id 
_pdbx_validate_torsion.auth_seq_id 
_pdbx_validate_torsion.PDB_ins_code 
_pdbx_validate_torsion.label_alt_id 
_pdbx_validate_torsion.phi 
_pdbx_validate_torsion.psi 
1 1 TYR A 69 ? ? -155.60 76.30  
2 1 VAL A 86 ? ? -133.77 -58.62 
# 
loop_
_pdbx_unobs_or_zero_occ_residues.id 
_pdbx_unobs_or_zero_occ_residues.PDB_model_num 
_pdbx_unobs_or_zero_occ_residues.polymer_flag 
_pdbx_unobs_or_zero_occ_residues.occupancy_flag 
_pdbx_unobs_or_zero_occ_residues.auth_asym_id 
_pdbx_unobs_or_zero_occ_residues.auth_comp_id 
_pdbx_unobs_or_zero_occ_residues.auth_seq_id 
_pdbx_unobs_or_zero_occ_residues.PDB_ins_code 
_pdbx_unobs_or_zero_occ_residues.label_asym_id 
_pdbx_unobs_or_zero_occ_residues.label_comp_id 
_pdbx_unobs_or_zero_occ_residues.label_seq_id 
1  1 Y 1 A MET 1  ? A MET 1  
2  1 Y 1 A SER 2  ? A SER 2  
3  1 Y 1 A TYR 3  ? A TYR 3  
4  1 Y 1 A ALA 4  ? A ALA 4  
5  1 Y 1 A SER 5  ? A SER 5  
6  1 Y 1 A ARG 6  ? A ARG 6  
7  1 Y 1 A THR 7  ? A THR 7  
8  1 Y 1 A LEU 8  ? A LEU 8  
9  1 Y 1 A GLY 9  ? A GLY 9  
10 1 Y 1 A PRO 10 ? A PRO 10 
11 1 Y 1 A MET 11 ? A MET 11 
12 1 Y 1 A GLN 12 ? A GLN 12 
13 1 Y 1 A THR 13 ? A THR 13 
14 1 Y 1 A SER 14 ? A SER 14 
15 1 Y 1 A SER 15 ? A SER 15 
16 1 Y 1 A ASP 16 ? A ASP 16 
17 1 Y 1 A ARG 17 ? A ARG 17 
18 1 Y 1 A HIS 18 ? A HIS 18 
# 
loop_
_chem_comp_atom.comp_id 
_chem_comp_atom.atom_id 
_chem_comp_atom.type_symbol 
_chem_comp_atom.pdbx_aromatic_flag 
_chem_comp_atom.pdbx_stereo_config 
_chem_comp_atom.pdbx_ordinal 
ALA N    N N N 1   
ALA CA   C N S 2   
ALA C    C N N 3   
ALA O    O N N 4   
ALA CB   C N N 5   
ALA OXT  O N N 6   
ALA H    H N N 7   
ALA H2   H N N 8   
ALA HA   H N N 9   
ALA HB1  H N N 10  
ALA HB2  H N N 11  
ALA HB3  H N N 12  
ALA HXT  H N N 13  
ARG N    N N N 14  
ARG CA   C N S 15  
ARG C    C N N 16  
ARG O    O N N 17  
ARG CB   C N N 18  
ARG CG   C N N 19  
ARG CD   C N N 20  
ARG NE   N N N 21  
ARG CZ   C N N 22  
ARG NH1  N N N 23  
ARG NH2  N N N 24  
ARG OXT  O N N 25  
ARG H    H N N 26  
ARG H2   H N N 27  
ARG HA   H N N 28  
ARG HB2  H N N 29  
ARG HB3  H N N 30  
ARG HG2  H N N 31  
ARG HG3  H N N 32  
ARG HD2  H N N 33  
ARG HD3  H N N 34  
ARG HE   H N N 35  
ARG HH11 H N N 36  
ARG HH12 H N N 37  
ARG HH21 H N N 38  
ARG HH22 H N N 39  
ARG HXT  H N N 40  
ASN N    N N N 41  
ASN CA   C N S 42  
ASN C    C N N 43  
ASN O    O N N 44  
ASN CB   C N N 45  
ASN CG   C N N 46  
ASN OD1  O N N 47  
ASN ND2  N N N 48  
ASN OXT  O N N 49  
ASN H    H N N 50  
ASN H2   H N N 51  
ASN HA   H N N 52  
ASN HB2  H N N 53  
ASN HB3  H N N 54  
ASN HD21 H N N 55  
ASN HD22 H N N 56  
ASN HXT  H N N 57  
ASP N    N N N 58  
ASP CA   C N S 59  
ASP C    C N N 60  
ASP O    O N N 61  
ASP CB   C N N 62  
ASP CG   C N N 63  
ASP OD1  O N N 64  
ASP OD2  O N N 65  
ASP OXT  O N N 66  
ASP H    H N N 67  
ASP H2   H N N 68  
ASP HA   H N N 69  
ASP HB2  H N N 70  
ASP HB3  H N N 71  
ASP HD2  H N N 72  
ASP HXT  H N N 73  
ETF C1   C N N 74  
ETF C2   C N N 75  
ETF O    O N N 76  
ETF F1   F N N 77  
ETF F2   F N N 78  
ETF F3   F N N 79  
ETF H21  H N N 80  
ETF H22  H N N 81  
ETF HO   H N N 82  
GLN N    N N N 83  
GLN CA   C N S 84  
GLN C    C N N 85  
GLN O    O N N 86  
GLN CB   C N N 87  
GLN CG   C N N 88  
GLN CD   C N N 89  
GLN OE1  O N N 90  
GLN NE2  N N N 91  
GLN OXT  O N N 92  
GLN H    H N N 93  
GLN H2   H N N 94  
GLN HA   H N N 95  
GLN HB2  H N N 96  
GLN HB3  H N N 97  
GLN HG2  H N N 98  
GLN HG3  H N N 99  
GLN HE21 H N N 100 
GLN HE22 H N N 101 
GLN HXT  H N N 102 
GLU N    N N N 103 
GLU CA   C N S 104 
GLU C    C N N 105 
GLU O    O N N 106 
GLU CB   C N N 107 
GLU CG   C N N 108 
GLU CD   C N N 109 
GLU OE1  O N N 110 
GLU OE2  O N N 111 
GLU OXT  O N N 112 
GLU H    H N N 113 
GLU H2   H N N 114 
GLU HA   H N N 115 
GLU HB2  H N N 116 
GLU HB3  H N N 117 
GLU HG2  H N N 118 
GLU HG3  H N N 119 
GLU HE2  H N N 120 
GLU HXT  H N N 121 
GLY N    N N N 122 
GLY CA   C N N 123 
GLY C    C N N 124 
GLY O    O N N 125 
GLY OXT  O N N 126 
GLY H    H N N 127 
GLY H2   H N N 128 
GLY HA2  H N N 129 
GLY HA3  H N N 130 
GLY HXT  H N N 131 
GOL C1   C N N 132 
GOL O1   O N N 133 
GOL C2   C N N 134 
GOL O2   O N N 135 
GOL C3   C N N 136 
GOL O3   O N N 137 
GOL H11  H N N 138 
GOL H12  H N N 139 
GOL HO1  H N N 140 
GOL H2   H N N 141 
GOL HO2  H N N 142 
GOL H31  H N N 143 
GOL H32  H N N 144 
GOL HO3  H N N 145 
HIS N    N N N 146 
HIS CA   C N S 147 
HIS C    C N N 148 
HIS O    O N N 149 
HIS CB   C N N 150 
HIS CG   C Y N 151 
HIS ND1  N Y N 152 
HIS CD2  C Y N 153 
HIS CE1  C Y N 154 
HIS NE2  N Y N 155 
HIS OXT  O N N 156 
HIS H    H N N 157 
HIS H2   H N N 158 
HIS HA   H N N 159 
HIS HB2  H N N 160 
HIS HB3  H N N 161 
HIS HD1  H N N 162 
HIS HD2  H N N 163 
HIS HE1  H N N 164 
HIS HE2  H N N 165 
HIS HXT  H N N 166 
HOH O    O N N 167 
HOH H1   H N N 168 
HOH H2   H N N 169 
ILE N    N N N 170 
ILE CA   C N S 171 
ILE C    C N N 172 
ILE O    O N N 173 
ILE CB   C N S 174 
ILE CG1  C N N 175 
ILE CG2  C N N 176 
ILE CD1  C N N 177 
ILE OXT  O N N 178 
ILE H    H N N 179 
ILE H2   H N N 180 
ILE HA   H N N 181 
ILE HB   H N N 182 
ILE HG12 H N N 183 
ILE HG13 H N N 184 
ILE HG21 H N N 185 
ILE HG22 H N N 186 
ILE HG23 H N N 187 
ILE HD11 H N N 188 
ILE HD12 H N N 189 
ILE HD13 H N N 190 
ILE HXT  H N N 191 
LEU N    N N N 192 
LEU CA   C N S 193 
LEU C    C N N 194 
LEU O    O N N 195 
LEU CB   C N N 196 
LEU CG   C N N 197 
LEU CD1  C N N 198 
LEU CD2  C N N 199 
LEU OXT  O N N 200 
LEU H    H N N 201 
LEU H2   H N N 202 
LEU HA   H N N 203 
LEU HB2  H N N 204 
LEU HB3  H N N 205 
LEU HG   H N N 206 
LEU HD11 H N N 207 
LEU HD12 H N N 208 
LEU HD13 H N N 209 
LEU HD21 H N N 210 
LEU HD22 H N N 211 
LEU HD23 H N N 212 
LEU HXT  H N N 213 
LYS N    N N N 214 
LYS CA   C N S 215 
LYS C    C N N 216 
LYS O    O N N 217 
LYS CB   C N N 218 
LYS CG   C N N 219 
LYS CD   C N N 220 
LYS CE   C N N 221 
LYS NZ   N N N 222 
LYS OXT  O N N 223 
LYS H    H N N 224 
LYS H2   H N N 225 
LYS HA   H N N 226 
LYS HB2  H N N 227 
LYS HB3  H N N 228 
LYS HG2  H N N 229 
LYS HG3  H N N 230 
LYS HD2  H N N 231 
LYS HD3  H N N 232 
LYS HE2  H N N 233 
LYS HE3  H N N 234 
LYS HZ1  H N N 235 
LYS HZ2  H N N 236 
LYS HZ3  H N N 237 
LYS HXT  H N N 238 
MET N    N N N 239 
MET CA   C N S 240 
MET C    C N N 241 
MET O    O N N 242 
MET CB   C N N 243 
MET CG   C N N 244 
MET SD   S N N 245 
MET CE   C N N 246 
MET OXT  O N N 247 
MET H    H N N 248 
MET H2   H N N 249 
MET HA   H N N 250 
MET HB2  H N N 251 
MET HB3  H N N 252 
MET HG2  H N N 253 
MET HG3  H N N 254 
MET HE1  H N N 255 
MET HE2  H N N 256 
MET HE3  H N N 257 
MET HXT  H N N 258 
PHE N    N N N 259 
PHE CA   C N S 260 
PHE C    C N N 261 
PHE O    O N N 262 
PHE CB   C N N 263 
PHE CG   C Y N 264 
PHE CD1  C Y N 265 
PHE CD2  C Y N 266 
PHE CE1  C Y N 267 
PHE CE2  C Y N 268 
PHE CZ   C Y N 269 
PHE OXT  O N N 270 
PHE H    H N N 271 
PHE H2   H N N 272 
PHE HA   H N N 273 
PHE HB2  H N N 274 
PHE HB3  H N N 275 
PHE HD1  H N N 276 
PHE HD2  H N N 277 
PHE HE1  H N N 278 
PHE HE2  H N N 279 
PHE HZ   H N N 280 
PHE HXT  H N N 281 
PRO N    N N N 282 
PRO CA   C N S 283 
PRO C    C N N 284 
PRO O    O N N 285 
PRO CB   C N N 286 
PRO CG   C N N 287 
PRO CD   C N N 288 
PRO OXT  O N N 289 
PRO H    H N N 290 
PRO HA   H N N 291 
PRO HB2  H N N 292 
PRO HB3  H N N 293 
PRO HG2  H N N 294 
PRO HG3  H N N 295 
PRO HD2  H N N 296 
PRO HD3  H N N 297 
PRO HXT  H N N 298 
SER N    N N N 299 
SER CA   C N S 300 
SER C    C N N 301 
SER O    O N N 302 
SER CB   C N N 303 
SER OG   O N N 304 
SER OXT  O N N 305 
SER H    H N N 306 
SER H2   H N N 307 
SER HA   H N N 308 
SER HB2  H N N 309 
SER HB3  H N N 310 
SER HG   H N N 311 
SER HXT  H N N 312 
THR N    N N N 313 
THR CA   C N S 314 
THR C    C N N 315 
THR O    O N N 316 
THR CB   C N R 317 
THR OG1  O N N 318 
THR CG2  C N N 319 
THR OXT  O N N 320 
THR H    H N N 321 
THR H2   H N N 322 
THR HA   H N N 323 
THR HB   H N N 324 
THR HG1  H N N 325 
THR HG21 H N N 326 
THR HG22 H N N 327 
THR HG23 H N N 328 
THR HXT  H N N 329 
TRP N    N N N 330 
TRP CA   C N S 331 
TRP C    C N N 332 
TRP O    O N N 333 
TRP CB   C N N 334 
TRP CG   C Y N 335 
TRP CD1  C Y N 336 
TRP CD2  C Y N 337 
TRP NE1  N Y N 338 
TRP CE2  C Y N 339 
TRP CE3  C Y N 340 
TRP CZ2  C Y N 341 
TRP CZ3  C Y N 342 
TRP CH2  C Y N 343 
TRP OXT  O N N 344 
TRP H    H N N 345 
TRP H2   H N N 346 
TRP HA   H N N 347 
TRP HB2  H N N 348 
TRP HB3  H N N 349 
TRP HD1  H N N 350 
TRP HE1  H N N 351 
TRP HE3  H N N 352 
TRP HZ2  H N N 353 
TRP HZ3  H N N 354 
TRP HH2  H N N 355 
TRP HXT  H N N 356 
TYR N    N N N 357 
TYR CA   C N S 358 
TYR C    C N N 359 
TYR O    O N N 360 
TYR CB   C N N 361 
TYR CG   C Y N 362 
TYR CD1  C Y N 363 
TYR CD2  C Y N 364 
TYR CE1  C Y N 365 
TYR CE2  C Y N 366 
TYR CZ   C Y N 367 
TYR OH   O N N 368 
TYR OXT  O N N 369 
TYR H    H N N 370 
TYR H2   H N N 371 
TYR HA   H N N 372 
TYR HB2  H N N 373 
TYR HB3  H N N 374 
TYR HD1  H N N 375 
TYR HD2  H N N 376 
TYR HE1  H N N 377 
TYR HE2  H N N 378 
TYR HH   H N N 379 
TYR HXT  H N N 380 
VAL N    N N N 381 
VAL CA   C N S 382 
VAL C    C N N 383 
VAL O    O N N 384 
VAL CB   C N N 385 
VAL CG1  C N N 386 
VAL CG2  C N N 387 
VAL OXT  O N N 388 
VAL H    H N N 389 
VAL H2   H N N 390 
VAL HA   H N N 391 
VAL HB   H N N 392 
VAL HG11 H N N 393 
VAL HG12 H N N 394 
VAL HG13 H N N 395 
VAL HG21 H N N 396 
VAL HG22 H N N 397 
VAL HG23 H N N 398 
VAL HXT  H N N 399 
# 
loop_
_chem_comp_bond.comp_id 
_chem_comp_bond.atom_id_1 
_chem_comp_bond.atom_id_2 
_chem_comp_bond.value_order 
_chem_comp_bond.pdbx_aromatic_flag 
_chem_comp_bond.pdbx_stereo_config 
_chem_comp_bond.pdbx_ordinal 
ALA N   CA   sing N N 1   
ALA N   H    sing N N 2   
ALA N   H2   sing N N 3   
ALA CA  C    sing N N 4   
ALA CA  CB   sing N N 5   
ALA CA  HA   sing N N 6   
ALA C   O    doub N N 7   
ALA C   OXT  sing N N 8   
ALA CB  HB1  sing N N 9   
ALA CB  HB2  sing N N 10  
ALA CB  HB3  sing N N 11  
ALA OXT HXT  sing N N 12  
ARG N   CA   sing N N 13  
ARG N   H    sing N N 14  
ARG N   H2   sing N N 15  
ARG CA  C    sing N N 16  
ARG CA  CB   sing N N 17  
ARG CA  HA   sing N N 18  
ARG C   O    doub N N 19  
ARG C   OXT  sing N N 20  
ARG CB  CG   sing N N 21  
ARG CB  HB2  sing N N 22  
ARG CB  HB3  sing N N 23  
ARG CG  CD   sing N N 24  
ARG CG  HG2  sing N N 25  
ARG CG  HG3  sing N N 26  
ARG CD  NE   sing N N 27  
ARG CD  HD2  sing N N 28  
ARG CD  HD3  sing N N 29  
ARG NE  CZ   sing N N 30  
ARG NE  HE   sing N N 31  
ARG CZ  NH1  sing N N 32  
ARG CZ  NH2  doub N N 33  
ARG NH1 HH11 sing N N 34  
ARG NH1 HH12 sing N N 35  
ARG NH2 HH21 sing N N 36  
ARG NH2 HH22 sing N N 37  
ARG OXT HXT  sing N N 38  
ASN N   CA   sing N N 39  
ASN N   H    sing N N 40  
ASN N   H2   sing N N 41  
ASN CA  C    sing N N 42  
ASN CA  CB   sing N N 43  
ASN CA  HA   sing N N 44  
ASN C   O    doub N N 45  
ASN C   OXT  sing N N 46  
ASN CB  CG   sing N N 47  
ASN CB  HB2  sing N N 48  
ASN CB  HB3  sing N N 49  
ASN CG  OD1  doub N N 50  
ASN CG  ND2  sing N N 51  
ASN ND2 HD21 sing N N 52  
ASN ND2 HD22 sing N N 53  
ASN OXT HXT  sing N N 54  
ASP N   CA   sing N N 55  
ASP N   H    sing N N 56  
ASP N   H2   sing N N 57  
ASP CA  C    sing N N 58  
ASP CA  CB   sing N N 59  
ASP CA  HA   sing N N 60  
ASP C   O    doub N N 61  
ASP C   OXT  sing N N 62  
ASP CB  CG   sing N N 63  
ASP CB  HB2  sing N N 64  
ASP CB  HB3  sing N N 65  
ASP CG  OD1  doub N N 66  
ASP CG  OD2  sing N N 67  
ASP OD2 HD2  sing N N 68  
ASP OXT HXT  sing N N 69  
ETF C1  C2   sing N N 70  
ETF C1  F1   sing N N 71  
ETF C1  F2   sing N N 72  
ETF C1  F3   sing N N 73  
ETF C2  O    sing N N 74  
ETF C2  H21  sing N N 75  
ETF C2  H22  sing N N 76  
ETF O   HO   sing N N 77  
GLN N   CA   sing N N 78  
GLN N   H    sing N N 79  
GLN N   H2   sing N N 80  
GLN CA  C    sing N N 81  
GLN CA  CB   sing N N 82  
GLN CA  HA   sing N N 83  
GLN C   O    doub N N 84  
GLN C   OXT  sing N N 85  
GLN CB  CG   sing N N 86  
GLN CB  HB2  sing N N 87  
GLN CB  HB3  sing N N 88  
GLN CG  CD   sing N N 89  
GLN CG  HG2  sing N N 90  
GLN CG  HG3  sing N N 91  
GLN CD  OE1  doub N N 92  
GLN CD  NE2  sing N N 93  
GLN NE2 HE21 sing N N 94  
GLN NE2 HE22 sing N N 95  
GLN OXT HXT  sing N N 96  
GLU N   CA   sing N N 97  
GLU N   H    sing N N 98  
GLU N   H2   sing N N 99  
GLU CA  C    sing N N 100 
GLU CA  CB   sing N N 101 
GLU CA  HA   sing N N 102 
GLU C   O    doub N N 103 
GLU C   OXT  sing N N 104 
GLU CB  CG   sing N N 105 
GLU CB  HB2  sing N N 106 
GLU CB  HB3  sing N N 107 
GLU CG  CD   sing N N 108 
GLU CG  HG2  sing N N 109 
GLU CG  HG3  sing N N 110 
GLU CD  OE1  doub N N 111 
GLU CD  OE2  sing N N 112 
GLU OE2 HE2  sing N N 113 
GLU OXT HXT  sing N N 114 
GLY N   CA   sing N N 115 
GLY N   H    sing N N 116 
GLY N   H2   sing N N 117 
GLY CA  C    sing N N 118 
GLY CA  HA2  sing N N 119 
GLY CA  HA3  sing N N 120 
GLY C   O    doub N N 121 
GLY C   OXT  sing N N 122 
GLY OXT HXT  sing N N 123 
GOL C1  O1   sing N N 124 
GOL C1  C2   sing N N 125 
GOL C1  H11  sing N N 126 
GOL C1  H12  sing N N 127 
GOL O1  HO1  sing N N 128 
GOL C2  O2   sing N N 129 
GOL C2  C3   sing N N 130 
GOL C2  H2   sing N N 131 
GOL O2  HO2  sing N N 132 
GOL C3  O3   sing N N 133 
GOL C3  H31  sing N N 134 
GOL C3  H32  sing N N 135 
GOL O3  HO3  sing N N 136 
HIS N   CA   sing N N 137 
HIS N   H    sing N N 138 
HIS N   H2   sing N N 139 
HIS CA  C    sing N N 140 
HIS CA  CB   sing N N 141 
HIS CA  HA   sing N N 142 
HIS C   O    doub N N 143 
HIS C   OXT  sing N N 144 
HIS CB  CG   sing N N 145 
HIS CB  HB2  sing N N 146 
HIS CB  HB3  sing N N 147 
HIS CG  ND1  sing Y N 148 
HIS CG  CD2  doub Y N 149 
HIS ND1 CE1  doub Y N 150 
HIS ND1 HD1  sing N N 151 
HIS CD2 NE2  sing Y N 152 
HIS CD2 HD2  sing N N 153 
HIS CE1 NE2  sing Y N 154 
HIS CE1 HE1  sing N N 155 
HIS NE2 HE2  sing N N 156 
HIS OXT HXT  sing N N 157 
HOH O   H1   sing N N 158 
HOH O   H2   sing N N 159 
ILE N   CA   sing N N 160 
ILE N   H    sing N N 161 
ILE N   H2   sing N N 162 
ILE CA  C    sing N N 163 
ILE CA  CB   sing N N 164 
ILE CA  HA   sing N N 165 
ILE C   O    doub N N 166 
ILE C   OXT  sing N N 167 
ILE CB  CG1  sing N N 168 
ILE CB  CG2  sing N N 169 
ILE CB  HB   sing N N 170 
ILE CG1 CD1  sing N N 171 
ILE CG1 HG12 sing N N 172 
ILE CG1 HG13 sing N N 173 
ILE CG2 HG21 sing N N 174 
ILE CG2 HG22 sing N N 175 
ILE CG2 HG23 sing N N 176 
ILE CD1 HD11 sing N N 177 
ILE CD1 HD12 sing N N 178 
ILE CD1 HD13 sing N N 179 
ILE OXT HXT  sing N N 180 
LEU N   CA   sing N N 181 
LEU N   H    sing N N 182 
LEU N   H2   sing N N 183 
LEU CA  C    sing N N 184 
LEU CA  CB   sing N N 185 
LEU CA  HA   sing N N 186 
LEU C   O    doub N N 187 
LEU C   OXT  sing N N 188 
LEU CB  CG   sing N N 189 
LEU CB  HB2  sing N N 190 
LEU CB  HB3  sing N N 191 
LEU CG  CD1  sing N N 192 
LEU CG  CD2  sing N N 193 
LEU CG  HG   sing N N 194 
LEU CD1 HD11 sing N N 195 
LEU CD1 HD12 sing N N 196 
LEU CD1 HD13 sing N N 197 
LEU CD2 HD21 sing N N 198 
LEU CD2 HD22 sing N N 199 
LEU CD2 HD23 sing N N 200 
LEU OXT HXT  sing N N 201 
LYS N   CA   sing N N 202 
LYS N   H    sing N N 203 
LYS N   H2   sing N N 204 
LYS CA  C    sing N N 205 
LYS CA  CB   sing N N 206 
LYS CA  HA   sing N N 207 
LYS C   O    doub N N 208 
LYS C   OXT  sing N N 209 
LYS CB  CG   sing N N 210 
LYS CB  HB2  sing N N 211 
LYS CB  HB3  sing N N 212 
LYS CG  CD   sing N N 213 
LYS CG  HG2  sing N N 214 
LYS CG  HG3  sing N N 215 
LYS CD  CE   sing N N 216 
LYS CD  HD2  sing N N 217 
LYS CD  HD3  sing N N 218 
LYS CE  NZ   sing N N 219 
LYS CE  HE2  sing N N 220 
LYS CE  HE3  sing N N 221 
LYS NZ  HZ1  sing N N 222 
LYS NZ  HZ2  sing N N 223 
LYS NZ  HZ3  sing N N 224 
LYS OXT HXT  sing N N 225 
MET N   CA   sing N N 226 
MET N   H    sing N N 227 
MET N   H2   sing N N 228 
MET CA  C    sing N N 229 
MET CA  CB   sing N N 230 
MET CA  HA   sing N N 231 
MET C   O    doub N N 232 
MET C   OXT  sing N N 233 
MET CB  CG   sing N N 234 
MET CB  HB2  sing N N 235 
MET CB  HB3  sing N N 236 
MET CG  SD   sing N N 237 
MET CG  HG2  sing N N 238 
MET CG  HG3  sing N N 239 
MET SD  CE   sing N N 240 
MET CE  HE1  sing N N 241 
MET CE  HE2  sing N N 242 
MET CE  HE3  sing N N 243 
MET OXT HXT  sing N N 244 
PHE N   CA   sing N N 245 
PHE N   H    sing N N 246 
PHE N   H2   sing N N 247 
PHE CA  C    sing N N 248 
PHE CA  CB   sing N N 249 
PHE CA  HA   sing N N 250 
PHE C   O    doub N N 251 
PHE C   OXT  sing N N 252 
PHE CB  CG   sing N N 253 
PHE CB  HB2  sing N N 254 
PHE CB  HB3  sing N N 255 
PHE CG  CD1  doub Y N 256 
PHE CG  CD2  sing Y N 257 
PHE CD1 CE1  sing Y N 258 
PHE CD1 HD1  sing N N 259 
PHE CD2 CE2  doub Y N 260 
PHE CD2 HD2  sing N N 261 
PHE CE1 CZ   doub Y N 262 
PHE CE1 HE1  sing N N 263 
PHE CE2 CZ   sing Y N 264 
PHE CE2 HE2  sing N N 265 
PHE CZ  HZ   sing N N 266 
PHE OXT HXT  sing N N 267 
PRO N   CA   sing N N 268 
PRO N   CD   sing N N 269 
PRO N   H    sing N N 270 
PRO CA  C    sing N N 271 
PRO CA  CB   sing N N 272 
PRO CA  HA   sing N N 273 
PRO C   O    doub N N 274 
PRO C   OXT  sing N N 275 
PRO CB  CG   sing N N 276 
PRO CB  HB2  sing N N 277 
PRO CB  HB3  sing N N 278 
PRO CG  CD   sing N N 279 
PRO CG  HG2  sing N N 280 
PRO CG  HG3  sing N N 281 
PRO CD  HD2  sing N N 282 
PRO CD  HD3  sing N N 283 
PRO OXT HXT  sing N N 284 
SER N   CA   sing N N 285 
SER N   H    sing N N 286 
SER N   H2   sing N N 287 
SER CA  C    sing N N 288 
SER CA  CB   sing N N 289 
SER CA  HA   sing N N 290 
SER C   O    doub N N 291 
SER C   OXT  sing N N 292 
SER CB  OG   sing N N 293 
SER CB  HB2  sing N N 294 
SER CB  HB3  sing N N 295 
SER OG  HG   sing N N 296 
SER OXT HXT  sing N N 297 
THR N   CA   sing N N 298 
THR N   H    sing N N 299 
THR N   H2   sing N N 300 
THR CA  C    sing N N 301 
THR CA  CB   sing N N 302 
THR CA  HA   sing N N 303 
THR C   O    doub N N 304 
THR C   OXT  sing N N 305 
THR CB  OG1  sing N N 306 
THR CB  CG2  sing N N 307 
THR CB  HB   sing N N 308 
THR OG1 HG1  sing N N 309 
THR CG2 HG21 sing N N 310 
THR CG2 HG22 sing N N 311 
THR CG2 HG23 sing N N 312 
THR OXT HXT  sing N N 313 
TRP N   CA   sing N N 314 
TRP N   H    sing N N 315 
TRP N   H2   sing N N 316 
TRP CA  C    sing N N 317 
TRP CA  CB   sing N N 318 
TRP CA  HA   sing N N 319 
TRP C   O    doub N N 320 
TRP C   OXT  sing N N 321 
TRP CB  CG   sing N N 322 
TRP CB  HB2  sing N N 323 
TRP CB  HB3  sing N N 324 
TRP CG  CD1  doub Y N 325 
TRP CG  CD2  sing Y N 326 
TRP CD1 NE1  sing Y N 327 
TRP CD1 HD1  sing N N 328 
TRP CD2 CE2  doub Y N 329 
TRP CD2 CE3  sing Y N 330 
TRP NE1 CE2  sing Y N 331 
TRP NE1 HE1  sing N N 332 
TRP CE2 CZ2  sing Y N 333 
TRP CE3 CZ3  doub Y N 334 
TRP CE3 HE3  sing N N 335 
TRP CZ2 CH2  doub Y N 336 
TRP CZ2 HZ2  sing N N 337 
TRP CZ3 CH2  sing Y N 338 
TRP CZ3 HZ3  sing N N 339 
TRP CH2 HH2  sing N N 340 
TRP OXT HXT  sing N N 341 
TYR N   CA   sing N N 342 
TYR N   H    sing N N 343 
TYR N   H2   sing N N 344 
TYR CA  C    sing N N 345 
TYR CA  CB   sing N N 346 
TYR CA  HA   sing N N 347 
TYR C   O    doub N N 348 
TYR C   OXT  sing N N 349 
TYR CB  CG   sing N N 350 
TYR CB  HB2  sing N N 351 
TYR CB  HB3  sing N N 352 
TYR CG  CD1  doub Y N 353 
TYR CG  CD2  sing Y N 354 
TYR CD1 CE1  sing Y N 355 
TYR CD1 HD1  sing N N 356 
TYR CD2 CE2  doub Y N 357 
TYR CD2 HD2  sing N N 358 
TYR CE1 CZ   doub Y N 359 
TYR CE1 HE1  sing N N 360 
TYR CE2 CZ   sing Y N 361 
TYR CE2 HE2  sing N N 362 
TYR CZ  OH   sing N N 363 
TYR OH  HH   sing N N 364 
TYR OXT HXT  sing N N 365 
VAL N   CA   sing N N 366 
VAL N   H    sing N N 367 
VAL N   H2   sing N N 368 
VAL CA  C    sing N N 369 
VAL CA  CB   sing N N 370 
VAL CA  HA   sing N N 371 
VAL C   O    doub N N 372 
VAL C   OXT  sing N N 373 
VAL CB  CG1  sing N N 374 
VAL CB  CG2  sing N N 375 
VAL CB  HB   sing N N 376 
VAL CG1 HG11 sing N N 377 
VAL CG1 HG12 sing N N 378 
VAL CG1 HG13 sing N N 379 
VAL CG2 HG21 sing N N 380 
VAL CG2 HG22 sing N N 381 
VAL CG2 HG23 sing N N 382 
VAL OXT HXT  sing N N 383 
# 
_atom_sites.entry_id                    4NXY 
_atom_sites.fract_transf_matrix[1][1]   -0.00542815 
_atom_sites.fract_transf_matrix[1][2]   0.00158439 
_atom_sites.fract_transf_matrix[1][3]   0.02431617 
_atom_sites.fract_transf_matrix[2][1]   -0.01334877 
_atom_sites.fract_transf_matrix[2][2]   -0.01130042 
_atom_sites.fract_transf_matrix[2][3]   -0.00224356 
_atom_sites.fract_transf_matrix[3][1]   0.00832647 
_atom_sites.fract_transf_matrix[3][2]   -0.01033853 
_atom_sites.fract_transf_matrix[3][3]   0.00253237 
_atom_sites.fract_transf_vector[1]      1.173944 
_atom_sites.fract_transf_vector[2]      1.027746 
_atom_sites.fract_transf_vector[3]      0.094145 
# 
loop_
_atom_type.symbol 
C 
F 
N 
O 
S 
# 
loop_
_atom_site.group_PDB 
_atom_site.id 
_atom_site.type_symbol 
_atom_site.label_atom_id 
_atom_site.label_alt_id 
_atom_site.label_comp_id 
_atom_site.label_asym_id 
_atom_site.label_entity_id 
_atom_site.label_seq_id 
_atom_site.pdbx_PDB_ins_code 
_atom_site.Cartn_x 
_atom_site.Cartn_y 
_atom_site.Cartn_z 
_atom_site.occupancy 
_atom_site.B_iso_or_equiv 
_atom_site.pdbx_formal_charge 
_atom_site.auth_seq_id 
_atom_site.auth_comp_id 
_atom_site.auth_asym_id 
_atom_site.auth_atom_id 
_atom_site.pdbx_PDB_model_num 
ATOM   1    N N   . GLU A 1 19  ? 4.124   -17.899 0.582   1.00 47.55 ? 19  GLU A N   1 
ATOM   2    C CA  . GLU A 1 19  ? 5.194   -18.184 -0.439  1.00 39.47 ? 19  GLU A CA  1 
ATOM   3    C C   . GLU A 1 19  ? 5.046   -17.268 -1.683  1.00 19.90 ? 19  GLU A C   1 
ATOM   4    O O   . GLU A 1 19  ? 3.937   -16.951 -2.091  1.00 20.96 ? 19  GLU A O   1 
ATOM   5    C CB  . GLU A 1 19  ? 5.241   -19.653 -0.846  1.00 47.20 ? 19  GLU A CB  1 
ATOM   6    C CG  . GLU A 1 19  ? 6.621   -20.105 -1.314  0.75 40.90 ? 19  GLU A CG  1 
ATOM   7    C CD  . GLU A 1 19  ? 6.669   -20.392 -2.791  0.50 22.47 ? 19  GLU A CD  1 
ATOM   8    O OE1 . GLU A 1 19  ? 7.213   -19.567 -3.569  0.25 22.11 ? 19  GLU A OE1 1 
ATOM   9    O OE2 . GLU A 1 19  ? 6.157   -21.468 -3.170  0.25 43.17 ? 19  GLU A OE2 1 
ATOM   10   N N   . TYR A 1 20  ? 6.206   -16.764 -2.125  1.00 21.19 ? 20  TYR A N   1 
ATOM   11   C CA  A TYR A 1 20  ? 6.292   -15.682 -3.104  0.50 19.49 ? 20  TYR A CA  1 
ATOM   12   C CA  B TYR A 1 20  ? 6.297   -15.696 -3.134  0.50 16.01 ? 20  TYR A CA  1 
ATOM   13   C C   . TYR A 1 20  ? 7.640   -15.700 -3.878  1.00 17.68 ? 20  TYR A C   1 
ATOM   14   O O   . TYR A 1 20  ? 8.659   -16.247 -3.422  1.00 17.64 ? 20  TYR A O   1 
ATOM   15   C CB  A TYR A 1 20  ? 6.034   -14.294 -2.397  0.50 16.39 ? 20  TYR A CB  1 
ATOM   16   C CB  B TYR A 1 20  ? 6.081   -14.284 -2.480  0.50 16.79 ? 20  TYR A CB  1 
ATOM   17   C CG  A TYR A 1 20  ? 6.656   -14.127 -1.037  0.50 16.93 ? 20  TYR A CG  1 
ATOM   18   C CG  B TYR A 1 20  ? 7.154   -13.894 -1.510  0.50 12.65 ? 20  TYR A CG  1 
ATOM   19   C CD1 A TYR A 1 20  ? 5.884   -14.127 0.095   0.50 20.04 ? 20  TYR A CD1 1 
ATOM   20   C CD1 B TYR A 1 20  ? 8.365   -13.386 -1.911  0.50 7.99  ? 20  TYR A CD1 1 
ATOM   21   C CD2 A TYR A 1 20  ? 8.036   -13.987 -0.889  0.50 17.91 ? 20  TYR A CD2 1 
ATOM   22   C CD2 B TYR A 1 20  ? 6.949   -14.083 -0.172  0.50 7.76  ? 20  TYR A CD2 1 
ATOM   23   C CE1 A TYR A 1 20  ? 6.451   -13.997 1.344   0.50 15.31 ? 20  TYR A CE1 1 
ATOM   24   C CE1 B TYR A 1 20  ? 9.360   -13.084 -0.985  0.50 11.87 ? 20  TYR A CE1 1 
ATOM   25   C CE2 A TYR A 1 20  ? 8.620   -13.858 0.361   0.50 22.14 ? 20  TYR A CE2 1 
ATOM   26   C CE2 B TYR A 1 20  ? 7.906   -13.800 0.768   0.50 10.70 ? 20  TYR A CE2 1 
ATOM   27   C CZ  A TYR A 1 20  ? 7.826   -13.865 1.476   0.50 17.66 ? 20  TYR A CZ  1 
ATOM   28   C CZ  B TYR A 1 20  ? 9.090   -13.240 0.356   0.50 12.97 ? 20  TYR A CZ  1 
ATOM   29   O OH  A TYR A 1 20  ? 8.412   -13.720 2.711   0.50 20.80 ? 20  TYR A OH  1 
ATOM   30   O OH  B TYR A 1 20  ? 10.073  -12.967 1.303   0.50 12.98 ? 20  TYR A OH  1 
ATOM   31   N N   . PRO A 1 21  ? 7.709   -15.120 -5.023  1.00 14.04 ? 21  PRO A N   1 
ATOM   32   C CA  . PRO A 1 21  ? 8.998   -15.136 -5.747  1.00 19.04 ? 21  PRO A CA  1 
ATOM   33   C C   . PRO A 1 21  ? 10.090  -14.347 -5.023  1.00 26.67 ? 21  PRO A C   1 
ATOM   34   O O   . PRO A 1 21  ? 9.810   -13.254 -4.567  1.00 23.51 ? 21  PRO A O   1 
ATOM   35   C CB  . PRO A 1 21  ? 8.697   -14.464 -7.098  1.00 18.95 ? 21  PRO A CB  1 
ATOM   36   C CG  . PRO A 1 21  ? 7.199   -14.452 -7.182  1.00 25.67 ? 21  PRO A CG  1 
ATOM   37   C CD  . PRO A 1 21  ? 6.621   -14.487 -5.783  1.00 18.89 ? 21  PRO A CD  1 
ATOM   38   N N   . ALA A 1 22  ? 11.329  -14.842 -5.043  1.00 28.67 ? 22  ALA A N   1 
ATOM   39   C CA  . ALA A 1 22  ? 12.355  -14.198 -4.211  1.00 19.79 ? 22  ALA A CA  1 
ATOM   40   C C   . ALA A 1 22  ? 12.654  -12.826 -4.755  1.00 24.46 ? 22  ALA A C   1 
ATOM   41   O O   . ALA A 1 22  ? 12.974  -11.939 -3.946  1.00 21.60 ? 22  ALA A O   1 
ATOM   42   C CB  . ALA A 1 22  ? 13.605  -15.093 -4.085  1.00 28.34 ? 22  ALA A CB  1 
ATOM   43   N N   . HIS A 1 23  ? 12.486  -12.594 -6.067  1.00 16.51 ? 23  HIS A N   1 
ATOM   44   C CA  . HIS A 1 23  ? 12.791  -11.341 -6.641  1.00 19.77 ? 23  HIS A CA  1 
ATOM   45   C C   . HIS A 1 23  ? 11.743  -10.276 -6.326  1.00 21.74 ? 23  HIS A C   1 
ATOM   46   O O   . HIS A 1 23  ? 11.954  -9.103  -6.667  1.00 24.69 ? 23  HIS A O   1 
ATOM   47   C CB  . HIS A 1 23  ? 12.992  -11.440 -8.150  1.00 23.85 ? 23  HIS A CB  1 
ATOM   48   C CG  . HIS A 1 23  ? 11.722  -11.705 -8.878  1.00 23.56 ? 23  HIS A CG  1 
ATOM   49   N ND1 . HIS A 1 23  ? 10.967  -10.692 -9.444  1.00 21.67 ? 23  HIS A ND1 1 
ATOM   50   C CD2 . HIS A 1 23  ? 11.008  -12.838 -8.998  1.00 23.80 ? 23  HIS A CD2 1 
ATOM   51   C CE1 . HIS A 1 23  ? 9.867   -11.224 -9.945  1.00 23.86 ? 23  HIS A CE1 1 
ATOM   52   N NE2 . HIS A 1 23  ? 9.870   -12.516 -9.686  1.00 26.10 ? 23  HIS A NE2 1 
ATOM   53   N N   . TRP A 1 24  ? 10.659  -10.607 -5.570  1.00 16.66 ? 24  TRP A N   1 
ATOM   54   C CA  . TRP A 1 24  ? 9.789   -9.475  -5.037  1.00 12.23 ? 24  TRP A CA  1 
ATOM   55   C C   . TRP A 1 24  ? 10.466  -8.674  -3.932  1.00 16.93 ? 24  TRP A C   1 
ATOM   56   O O   . TRP A 1 24  ? 9.930   -7.619  -3.469  1.00 16.32 ? 24  TRP A O   1 
ATOM   57   C CB  . TRP A 1 24  ? 8.494   -10.069 -4.521  1.00 11.38 ? 24  TRP A CB  1 
ATOM   58   C CG  . TRP A 1 24  ? 7.612   -10.477 -5.610  1.00 11.22 ? 24  TRP A CG  1 
ATOM   59   C CD1 . TRP A 1 24  ? 7.881   -10.587 -6.950  1.00 12.87 ? 24  TRP A CD1 1 
ATOM   60   C CD2 . TRP A 1 24  ? 6.243   -10.819 -5.453  1.00 10.58 ? 24  TRP A CD2 1 
ATOM   61   N NE1 . TRP A 1 24  ? 6.776   -11.005 -7.607  1.00 12.88 ? 24  TRP A NE1 1 
ATOM   62   C CE2 . TRP A 1 24  ? 5.732   -11.165 -6.724  1.00 9.72  ? 24  TRP A CE2 1 
ATOM   63   C CE3 . TRP A 1 24  ? 5.402   -10.892 -4.340  1.00 10.37 ? 24  TRP A CE3 1 
ATOM   64   C CZ2 . TRP A 1 24  ? 4.397   -11.520 -6.928  1.00 11.70 ? 24  TRP A CZ2 1 
ATOM   65   C CZ3 . TRP A 1 24  ? 4.126   -11.236 -4.497  1.00 13.71 ? 24  TRP A CZ3 1 
ATOM   66   C CH2 . TRP A 1 24  ? 3.605   -11.591 -5.819  1.00 13.43 ? 24  TRP A CH2 1 
ATOM   67   N N   . GLU A 1 25  ? 11.630  -9.135  -3.487  1.00 10.87 ? 25  GLU A N   1 
ATOM   68   C CA  . GLU A 1 25  ? 12.445  -8.427  -2.505  1.00 12.80 ? 25  GLU A CA  1 
ATOM   69   C C   . GLU A 1 25  ? 13.426  -7.576  -3.240  1.00 14.48 ? 25  GLU A C   1 
ATOM   70   O O   . GLU A 1 25  ? 14.210  -8.128  -4.081  1.00 20.58 ? 25  GLU A O   1 
ATOM   71   C CB  . GLU A 1 25  ? 13.205  -9.430  -1.611  1.00 16.62 ? 25  GLU A CB  1 
ATOM   72   C CG  . GLU A 1 25  ? 12.353  -10.259 -0.709  0.75 12.76 ? 25  GLU A CG  1 
ATOM   73   C CD  . GLU A 1 25  ? 13.137  -11.428 -0.101  0.50 20.17 ? 25  GLU A CD  1 
ATOM   74   O OE1 . GLU A 1 25  ? 14.369  -11.508 -0.345  0.50 28.46 ? 25  GLU A OE1 1 
ATOM   75   O OE2 . GLU A 1 25  ? 12.516  -12.291 0.546   0.50 27.12 ? 25  GLU A OE2 1 
ATOM   76   N N   . ALA A 1 26  ? 13.543  -6.292  -2.936  1.00 10.86 ? 26  ALA A N   1 
ATOM   77   C CA  . ALA A 1 26  ? 14.441  -5.391  -3.635  1.00 12.93 ? 26  ALA A CA  1 
ATOM   78   C C   . ALA A 1 26  ? 14.901  -4.301  -2.718  1.00 9.09  ? 26  ALA A C   1 
ATOM   79   O O   . ALA A 1 26  ? 14.256  -3.864  -1.795  1.00 10.06 ? 26  ALA A O   1 
ATOM   80   C CB  . ALA A 1 26  ? 13.806  -4.778  -4.841  1.00 19.63 ? 26  ALA A CB  1 
ATOM   81   N N   . ASP A 1 27  ? 16.059  -3.700  -3.041  1.00 12.38 ? 27  ASP A N   1 
ATOM   82   C CA  . ASP A 1 27  ? 16.529  -2.566  -2.331  1.00 11.40 ? 27  ASP A CA  1 
ATOM   83   C C   . ASP A 1 27  ? 16.175  -1.373  -3.165  1.00 13.81 ? 27  ASP A C   1 
ATOM   84   O O   . ASP A 1 27  ? 16.291  -1.418  -4.412  1.00 20.47 ? 27  ASP A O   1 
ATOM   85   C CB  . ASP A 1 27  ? 18.032  -2.643  -2.087  1.00 12.07 ? 27  ASP A CB  1 
ATOM   86   C CG  . ASP A 1 27  ? 18.333  -3.735  -1.139  0.75 13.03 ? 27  ASP A CG  1 
ATOM   87   O OD1 . ASP A 1 27  ? 17.750  -3.785  0.002   0.75 9.70  ? 27  ASP A OD1 1 
ATOM   88   O OD2 . ASP A 1 27  ? 19.053  -4.660  -1.615  0.75 15.30 ? 27  ASP A OD2 1 
ATOM   89   N N   . VAL A 1 28  ? 15.857  -0.267  -2.499  1.00 11.08 ? 28  VAL A N   1 
ATOM   90   C CA  . VAL A 1 28  ? 15.575  1.028   -3.121  1.00 12.68 ? 28  VAL A CA  1 
ATOM   91   C C   . VAL A 1 28  ? 16.448  2.044   -2.514  1.00 12.86 ? 28  VAL A C   1 
ATOM   92   O O   . VAL A 1 28  ? 16.766  2.085   -1.346  1.00 12.42 ? 28  VAL A O   1 
ATOM   93   C CB  . VAL A 1 28  ? 14.074  1.441   -3.084  1.00 15.41 ? 28  VAL A CB  1 
ATOM   94   C CG1 . VAL A 1 28  ? 13.216  0.393   -3.722  1.00 22.72 ? 28  VAL A CG1 1 
ATOM   95   C CG2 . VAL A 1 28  ? 13.607  1.671   -1.692  1.00 18.26 ? 28  VAL A CG2 1 
ATOM   96   N N   . VAL A 1 29  ? 16.848  2.963   -3.407  1.00 17.67 ? 29  VAL A N   1 
ATOM   97   C CA  . VAL A 1 29  ? 17.614  4.096   -2.962  1.00 15.38 ? 29  VAL A CA  1 
ATOM   98   C C   . VAL A 1 29  ? 16.648  5.322   -2.928  1.00 14.05 ? 29  VAL A C   1 
ATOM   99   O O   . VAL A 1 29  ? 16.023  5.625   -3.933  1.00 19.56 ? 29  VAL A O   1 
ATOM   100  C CB  . VAL A 1 29  ? 18.853  4.385   -3.866  1.00 19.40 ? 29  VAL A CB  1 
ATOM   101  C CG1 . VAL A 1 29  ? 19.529  5.615   -3.370  1.00 19.28 ? 29  VAL A CG1 1 
ATOM   102  C CG2 . VAL A 1 29  ? 19.767  3.154   -3.844  1.00 17.53 ? 29  VAL A CG2 1 
ATOM   103  N N   . LEU A 1 30  ? 16.565  5.924   -1.770  1.00 16.29 ? 30  LEU A N   1 
ATOM   104  C CA  . LEU A 1 30  ? 15.559  6.973   -1.465  1.00 19.79 ? 30  LEU A CA  1 
ATOM   105  C C   . LEU A 1 30  ? 16.152  8.320   -1.950  1.00 25.72 ? 30  LEU A C   1 
ATOM   106  O O   . LEU A 1 30  ? 17.243  8.346   -2.513  1.00 21.97 ? 30  LEU A O   1 
ATOM   107  C CB  . LEU A 1 30  ? 15.219  6.941   -0.004  1.00 18.39 ? 30  LEU A CB  1 
ATOM   108  C CG  . LEU A 1 30  ? 14.460  5.615   0.421   1.00 14.84 ? 30  LEU A CG  1 
ATOM   109  C CD1 . LEU A 1 30  ? 14.237  5.687   1.862   1.00 16.65 ? 30  LEU A CD1 1 
ATOM   110  C CD2 . LEU A 1 30  ? 13.176  5.440   -0.378  1.00 16.34 ? 30  LEU A CD2 1 
ATOM   111  N N   . ARG A 1 31  ? 15.368  9.392   -1.858  1.00 26.66 ? 31  ARG A N   1 
ATOM   112  C CA  . ARG A 1 31  ? 15.687  10.599  -2.630  1.00 33.42 ? 31  ARG A CA  1 
ATOM   113  C C   . ARG A 1 31  ? 16.979  11.209  -2.071  1.00 38.12 ? 31  ARG A C   1 
ATOM   114  O O   . ARG A 1 31  ? 17.711  11.874  -2.785  1.00 35.78 ? 31  ARG A O   1 
ATOM   115  C CB  . ARG A 1 31  ? 14.473  11.581  -2.631  1.00 32.11 ? 31  ARG A CB  1 
ATOM   116  C CG  . ARG A 1 31  ? 13.335  11.173  -3.584  0.75 40.33 ? 31  ARG A CG  1 
ATOM   117  C CD  . ARG A 1 31  ? 12.137  12.122  -3.502  0.50 23.44 ? 31  ARG A CD  1 
ATOM   118  N NE  . ARG A 1 31  ? 10.974  11.629  -4.238  0.25 27.88 ? 31  ARG A NE  1 
ATOM   119  C CZ  . ARG A 1 31  ? 9.712   11.975  -3.977  0.10 16.41 ? 31  ARG A CZ  1 
ATOM   120  N NH1 . ARG A 1 31  ? 9.422   12.789  -2.967  0.10 9.22  ? 31  ARG A NH1 1 
ATOM   121  N NH2 . ARG A 1 31  ? 8.734   11.473  -4.712  0.10 18.51 ? 31  ARG A NH2 1 
ATOM   122  N N   . ASP A 1 32  ? 17.240  10.968  -0.794  1.00 23.15 ? 32  ASP A N   1 
ATOM   123  C CA  . ASP A 1 32  ? 18.467  11.370  -0.107  1.00 22.66 ? 32  ASP A CA  1 
ATOM   124  C C   . ASP A 1 32  ? 19.627  10.332  -0.159  1.00 31.81 ? 32  ASP A C   1 
ATOM   125  O O   . ASP A 1 32  ? 20.613  10.519  0.512   1.00 28.92 ? 32  ASP A O   1 
ATOM   126  C CB  . ASP A 1 32  ? 18.191  11.710  1.338   1.00 28.37 ? 32  ASP A CB  1 
ATOM   127  C CG  . ASP A 1 32  ? 17.527  10.583  2.091   1.00 42.47 ? 32  ASP A CG  1 
ATOM   128  O OD1 . ASP A 1 32  ? 17.765  9.419   1.722   1.00 24.47 ? 32  ASP A OD1 1 
ATOM   129  O OD2 . ASP A 1 32  ? 16.780  10.861  3.055   1.00 28.12 ? 32  ASP A OD2 1 
ATOM   130  N N   . GLY A 1 33  ? 19.513  9.294   -0.983  1.00 22.76 ? 33  GLY A N   1 
ATOM   131  C CA  . GLY A 1 33  ? 20.565  8.266   -1.133  1.00 20.89 ? 33  GLY A CA  1 
ATOM   132  C C   . GLY A 1 33  ? 20.615  7.193   -0.093  1.00 23.96 ? 33  GLY A C   1 
ATOM   133  O O   . GLY A 1 33  ? 21.425  6.259   -0.238  1.00 19.20 ? 33  GLY A O   1 
ATOM   134  N N   . GLY A 1 34  ? 19.765  7.243   0.932   1.00 17.75 ? 34  GLY A N   1 
ATOM   135  C CA  . GLY A 1 34  ? 19.606  6.188   1.913   1.00 20.43 ? 34  GLY A CA  1 
ATOM   136  C C   . GLY A 1 34  ? 18.937  5.047   1.193   1.00 12.42 ? 34  GLY A C   1 
ATOM   137  O O   . GLY A 1 34  ? 18.342  5.204   0.086   1.00 17.13 ? 34  GLY A O   1 
ATOM   138  N N   . THR A 1 35  ? 19.070  3.887   1.842   1.00 14.49 ? 35  THR A N   1 
ATOM   139  C CA  . THR A 1 35  ? 18.353  2.698   1.318   1.00 10.45 ? 35  THR A CA  1 
ATOM   140  C C   . THR A 1 35  ? 17.230  2.204   2.248   1.00 10.14 ? 35  THR A C   1 
ATOM   141  O O   . THR A 1 35  ? 17.200  2.470   3.380   1.00 12.98 ? 35  THR A O   1 
ATOM   142  C CB  . THR A 1 35  ? 19.327  1.507   1.113   1.00 13.97 ? 35  THR A CB  1 
ATOM   143  O OG1 . THR A 1 35  ? 19.900  1.099   2.359   1.00 17.51 ? 35  THR A OG1 1 
ATOM   144  C CG2 . THR A 1 35  ? 20.369  1.874   0.154   1.00 16.80 ? 35  THR A CG2 1 
ATOM   145  N N   . ALA A 1 36  ? 16.347  1.499   1.584   1.00 9.77  ? 36  ALA A N   1 
ATOM   146  C CA  . ALA A 1 36  ? 15.362  0.695   2.285   1.00 6.70  ? 36  ALA A CA  1 
ATOM   147  C C   . ALA A 1 36  ? 15.234  -0.591  1.515   1.00 7.85  ? 36  ALA A C   1 
ATOM   148  O O   . ALA A 1 36  ? 15.337  -0.682  0.303   1.00 10.49 ? 36  ALA A O   1 
ATOM   149  C CB  . ALA A 1 36  ? 13.977  1.398   2.369   1.00 11.60 ? 36  ALA A CB  1 
ATOM   150  N N   . ARG A 1 37  ? 14.886  -1.666  2.243   1.00 7.75  ? 37  ARG A N   1 
ATOM   151  C CA  . ARG A 1 37  ? 14.587  -2.961  1.669   1.00 6.08  ? 37  ARG A CA  1 
ATOM   152  C C   . ARG A 1 37  ? 13.076  -3.086  1.562   1.00 6.78  ? 37  ARG A C   1 
ATOM   153  O O   . ARG A 1 37  ? 12.338  -2.915  2.585   1.00 9.64  ? 37  ARG A O   1 
ATOM   154  C CB  . ARG A 1 37  ? 15.113  -4.069  2.619   1.00 6.12  ? 37  ARG A CB  1 
ATOM   155  C CG  . ARG A 1 37  ? 14.670  -5.473  2.288   1.00 8.90  ? 37  ARG A CG  1 
ATOM   156  C CD  . ARG A 1 37  ? 14.827  -6.025  0.927   1.00 10.53 ? 37  ARG A CD  1 
ATOM   157  N NE  . ARG A 1 37  ? 16.265  -6.026  0.587   1.00 11.08 ? 37  ARG A NE  1 
ATOM   158  C CZ  . ARG A 1 37  ? 17.028  -7.086  0.662   1.00 15.37 ? 37  ARG A CZ  1 
ATOM   159  N NH1 . ARG A 1 37  ? 16.609  -8.239  1.197   1.00 15.40 ? 37  ARG A NH1 1 
ATOM   160  N NH2 . ARG A 1 37  ? 18.314  -6.959  0.257   1.00 15.34 ? 37  ARG A NH2 1 
ATOM   161  N N   . VAL A 1 38  ? 12.570  -3.392  0.382   1.00 5.07  ? 38  VAL A N   1 
ATOM   162  C CA  . VAL A 1 38  ? 11.157  -3.623  0.143   1.00 6.60  ? 38  VAL A CA  1 
ATOM   163  C C   . VAL A 1 38  ? 11.024  -5.106  0.071   1.00 5.57  ? 38  VAL A C   1 
ATOM   164  O O   . VAL A 1 38  ? 11.705  -5.804  -0.649  1.00 6.40  ? 38  VAL A O   1 
ATOM   165  C CB  . VAL A 1 38  ? 10.680  -2.903  -1.110  1.00 6.89  ? 38  VAL A CB  1 
ATOM   166  C CG1 . VAL A 1 38  ? 9.231   -3.302  -1.331  1.00 9.53  ? 38  VAL A CG1 1 
ATOM   167  C CG2 . VAL A 1 38  ? 10.851  -1.427  -0.980  1.00 9.91  ? 38  VAL A CG2 1 
ATOM   168  N N   . ARG A 1 39  ? 10.101  -5.684  0.856   1.00 5.40  ? 39  ARG A N   1 
ATOM   169  C CA  . ARG A 1 39  ? 9.886   -7.123  0.924   1.00 5.44  ? 39  ARG A CA  1 
ATOM   170  C C   . ARG A 1 39  ? 8.417   -7.421  1.288   1.00 5.37  ? 39  ARG A C   1 
ATOM   171  O O   . ARG A 1 39  ? 7.783   -6.623  1.966   1.00 4.90  ? 39  ARG A O   1 
ATOM   172  C CB  . ARG A 1 39  ? 10.827  -7.859  1.888   1.00 5.46  ? 39  ARG A CB  1 
ATOM   173  C CG  . ARG A 1 39  ? 10.688  -7.412  3.291   1.00 5.66  ? 39  ARG A CG  1 
ATOM   174  C CD  . ARG A 1 39  ? 11.537  -8.301  4.205   1.00 8.47  ? 39  ARG A CD  1 
ATOM   175  N NE  . ARG A 1 39  ? 11.452  -8.046  5.662   1.00 7.48  ? 39  ARG A NE  1 
ATOM   176  C CZ  . ARG A 1 39  ? 10.482  -8.495  6.415   1.00 8.57  ? 39  ARG A CZ  1 
ATOM   177  N NH1 . ARG A 1 39  ? 10.518  -8.238  7.696   1.00 7.83  ? 39  ARG A NH1 1 
ATOM   178  N NH2 . ARG A 1 39  ? 9.399   -9.120  5.956   1.00 7.71  ? 39  ARG A NH2 1 
ATOM   179  N N   . PRO A 1 40  ? 7.988   -8.633  0.936   1.00 5.15  ? 40  PRO A N   1 
ATOM   180  C CA  . PRO A 1 40  ? 6.671   -9.032  1.412   1.00 5.37  ? 40  PRO A CA  1 
ATOM   181  C C   . PRO A 1 40  ? 6.574   -9.045  2.886   1.00 5.18  ? 40  PRO A C   1 
ATOM   182  O O   . PRO A 1 40  ? 7.519   -9.462  3.618   1.00 6.33  ? 40  PRO A O   1 
ATOM   183  C CB  . PRO A 1 40  ? 6.529   -10.409 0.796   1.00 6.81  ? 40  PRO A CB  1 
ATOM   184  C CG  . PRO A 1 40  ? 7.337   -10.320 -0.464  1.00 7.17  ? 40  PRO A CG  1 
ATOM   185  C CD  . PRO A 1 40  ? 8.529   -9.558  -0.030  1.00 5.44  ? 40  PRO A CD  1 
ATOM   186  N N   . ILE A 1 41  ? 5.393   -8.716  3.431   1.00 4.45  ? 41  ILE A N   1 
ATOM   187  C CA  . ILE A 1 41  ? 5.059   -8.859  4.849   1.00 6.61  ? 41  ILE A CA  1 
ATOM   188  C C   . ILE A 1 41  ? 4.712   -10.302 5.136   1.00 8.62  ? 41  ILE A C   1 
ATOM   189  O O   . ILE A 1 41  ? 3.966   -10.872 4.362   1.00 10.70 ? 41  ILE A O   1 
ATOM   190  C CB  . ILE A 1 41  ? 3.917   -7.926  5.217   1.00 5.49  ? 41  ILE A CB  1 
ATOM   191  C CG1 . ILE A 1 41  ? 4.185   -6.474  4.977   1.00 6.33  ? 41  ILE A CG1 1 
ATOM   192  C CG2 . ILE A 1 41  ? 3.471   -8.232  6.630   1.00 7.89  ? 41  ILE A CG2 1 
ATOM   193  C CD1 . ILE A 1 41  ? 2.980   -5.558  5.023   1.00 8.87  ? 41  ILE A CD1 1 
ATOM   194  N N   . THR A 1 42  ? 5.279   -10.853 6.166   1.00 7.64  ? 42  THR A N   1 
ATOM   195  C CA  . THR A 1 42  ? 5.076   -12.254 6.503   1.00 8.69  ? 42  THR A CA  1 
ATOM   196  C C   . THR A 1 42  ? 4.308   -12.384 7.804   1.00 9.33  ? 42  THR A C   1 
ATOM   197  O O   . THR A 1 42  ? 4.138   -11.476 8.568   1.00 9.47  ? 42  THR A O   1 
ATOM   198  C CB  . THR A 1 42  ? 6.407   -13.026 6.681   1.00 10.45 ? 42  THR A CB  1 
ATOM   199  O OG1 . THR A 1 42  ? 6.930   -12.687 7.944   1.00 11.92 ? 42  THR A OG1 1 
ATOM   200  C CG2 . THR A 1 42  ? 7.394   -12.739 5.560   1.00 11.03 ? 42  THR A CG2 1 
ATOM   201  N N   . VAL A 1 43  ? 3.944   -13.665 8.082   1.00 10.06 ? 43  VAL A N   1 
ATOM   202  C CA  . VAL A 1 43  ? 3.160   -14.001 9.258   1.00 11.23 ? 43  VAL A CA  1 
ATOM   203  C C   . VAL A 1 43  ? 4.011   -13.733 10.525  1.00 16.70 ? 43  VAL A C   1 
ATOM   204  O O   . VAL A 1 43  ? 3.504   -13.468 11.617  1.00 23.10 ? 43  VAL A O   1 
ATOM   205  C CB  . VAL A 1 43  ? 2.632   -15.455 9.251   1.00 16.48 ? 43  VAL A CB  1 
ATOM   206  C CG1 . VAL A 1 43  ? 1.707   -15.701 8.081   1.00 19.27 ? 43  VAL A CG1 1 
ATOM   207  C CG2 . VAL A 1 43  ? 3.761   -16.501 9.173   1.00 21.44 ? 43  VAL A CG2 1 
ATOM   208  N N   . ASP A 1 44  ? 5.346   -13.697 10.419  1.00 10.50 ? 44  ASP A N   1 
ATOM   209  C CA  . ASP A 1 44  ? 6.193   -13.436 11.550  1.00 11.35 ? 44  ASP A CA  1 
ATOM   210  C C   . ASP A 1 44  ? 6.470   -11.961 11.814  1.00 13.16 ? 44  ASP A C   1 
ATOM   211  O O   . ASP A 1 44  ? 7.234   -11.533 12.702  1.00 12.92 ? 44  ASP A O   1 
ATOM   212  C CB  . ASP A 1 44  ? 7.490   -14.206 11.306  1.00 12.68 ? 44  ASP A CB  1 
ATOM   213  C CG  . ASP A 1 44  ? 7.274   -15.697 11.203  1.00 16.88 ? 44  ASP A CG  1 
ATOM   214  O OD1 . ASP A 1 44  ? 6.674   -16.246 12.145  1.00 23.15 ? 44  ASP A OD1 1 
ATOM   215  O OD2 . ASP A 1 44  ? 7.703   -16.320 10.204  1.00 26.77 ? 44  ASP A OD2 1 
ATOM   216  N N   . ASP A 1 45  ? 5.845   -11.094 11.019  1.00 9.64  ? 45  ASP A N   1 
ATOM   217  C CA  . ASP A 1 45  ? 5.996   -9.665  11.105  1.00 8.25  ? 45  ASP A CA  1 
ATOM   218  C C   . ASP A 1 45  ? 5.011   -8.838  12.008  1.00 6.39  ? 45  ASP A C   1 
ATOM   219  O O   . ASP A 1 45  ? 5.020   -7.618  12.036  1.00 7.95  ? 45  ASP A O   1 
ATOM   220  C CB  . ASP A 1 45  ? 5.965   -9.001  9.719   1.00 7.50  ? 45  ASP A CB  1 
ATOM   221  C CG  . ASP A 1 45  ? 7.234   -9.180  8.927   1.00 10.81 ? 45  ASP A CG  1 
ATOM   222  O OD1 . ASP A 1 45  ? 8.373   -9.206  9.506   1.00 10.83 ? 45  ASP A OD1 1 
ATOM   223  O OD2 . ASP A 1 45  ? 7.185   -9.358  7.662   1.00 10.18 ? 45  ASP A OD2 1 
ATOM   224  N N   . ALA A 1 46  ? 4.192   -9.589  12.756  1.00 9.78  ? 46  ALA A N   1 
ATOM   225  C CA  . ALA A 1 46  ? 3.184   -8.917  13.532  1.00 8.34  ? 46  ALA A CA  1 
ATOM   226  C C   . ALA A 1 46  ? 3.655   -7.887  14.553  1.00 8.00  ? 46  ALA A C   1 
ATOM   227  O O   . ALA A 1 46  ? 3.254   -6.775  14.659  1.00 11.40 ? 46  ALA A O   1 
ATOM   228  C CB  . ALA A 1 46  ? 2.285   -9.921  14.278  1.00 10.62 ? 46  ALA A CB  1 
ATOM   229  N N   . GLU A 1 47  ? 4.740   -8.301  15.288  1.00 10.40 ? 47  GLU A N   1 
ATOM   230  C CA  . GLU A 1 47  ? 5.396   -7.382  16.201  1.00 12.08 ? 47  GLU A CA  1 
ATOM   231  C C   . GLU A 1 47  ? 5.971   -6.163  15.545  1.00 8.84  ? 47  GLU A C   1 
ATOM   232  O O   . GLU A 1 47  ? 5.846   -5.052  15.988  1.00 10.00 ? 47  GLU A O   1 
ATOM   233  C CB  . GLU A 1 47  ? 6.487   -8.107  17.062  1.00 15.00 ? 47  GLU A CB  1 
ATOM   234  C CG  . GLU A 1 47  ? 6.252   -9.463  17.743  0.50 25.67 ? 47  GLU A CG  1 
ATOM   235  C CD  . GLU A 1 47  ? 7.588   -10.244 17.944  0.25 14.37 ? 47  GLU A CD  1 
ATOM   236  O OE1 . GLU A 1 47  ? 7.823   -11.312 17.346  0.20 13.68 ? 47  GLU A OE1 1 
ATOM   237  O OE2 . GLU A 1 47  ? 8.464   -9.727  18.657  0.20 11.54 ? 47  GLU A OE2 1 
ATOM   238  N N   . ARG A 1 48  ? 6.667   -6.418  14.410  1.00 8.38  ? 48  ARG A N   1 
ATOM   239  C CA  . ARG A 1 48  ? 7.156   -5.316  13.617  1.00 9.13  ? 48  ARG A CA  1 
ATOM   240  C C   . ARG A 1 48  ? 6.088   -4.327  13.087  1.00 8.78  ? 48  ARG A C   1 
ATOM   241  O O   . ARG A 1 48  ? 6.271   -3.114  13.051  1.00 8.11  ? 48  ARG A O   1 
ATOM   242  C CB  . ARG A 1 48  ? 8.025   -5.781  12.443  1.00 7.56  ? 48  ARG A CB  1 
ATOM   243  C CG  . ARG A 1 48  ? 9.498   -6.120  12.884  1.00 10.60 ? 48  ARG A CG  1 
ATOM   244  C CD  . ARG A 1 48  ? 10.364  -6.581  11.756  1.00 12.24 ? 48  ARG A CD  1 
ATOM   245  N NE  . ARG A 1 48  ? 10.065  -7.911  11.425  1.00 10.13 ? 48  ARG A NE  1 
ATOM   246  C CZ  . ARG A 1 48  ? 10.400  -9.030  12.063  1.00 12.01 ? 48  ARG A CZ  1 
ATOM   247  N NH1 . ARG A 1 48  ? 10.077  -10.275 11.753  1.00 13.33 ? 48  ARG A NH1 1 
ATOM   248  N NH2 . ARG A 1 48  ? 11.184  -8.866  13.178  1.00 13.69 ? 48  ARG A NH2 1 
ATOM   249  N N   . LEU A 1 49  ? 4.944   -4.937  12.670  1.00 7.51  ? 49  LEU A N   1 
ATOM   250  C CA  . LEU A 1 49  ? 3.879   -4.081  12.179  1.00 7.79  ? 49  LEU A CA  1 
ATOM   251  C C   . LEU A 1 49  ? 3.290   -3.152  13.294  1.00 6.39  ? 49  LEU A C   1 
ATOM   252  O O   . LEU A 1 49  ? 3.092   -2.004  13.103  1.00 7.78  ? 49  LEU A O   1 
ATOM   253  C CB  . LEU A 1 49  ? 2.789   -4.992  11.630  1.00 9.06  ? 49  LEU A CB  1 
ATOM   254  C CG  . LEU A 1 49  ? 1.668   -4.208  10.893  1.00 9.04  ? 49  LEU A CG  1 
ATOM   255  C CD1 . LEU A 1 49  ? 2.090   -3.549  9.600   1.00 10.37 ? 49  LEU A CD1 1 
ATOM   256  C CD2 . LEU A 1 49  ? 0.453   -5.163  10.665  1.00 11.65 ? 49  LEU A CD2 1 
ATOM   257  N N   . VAL A 1 50  ? 3.113   -3.823  14.470  1.00 7.67  ? 50  VAL A N   1 
ATOM   258  C CA  . VAL A 1 50  ? 2.531   -3.037  15.585  1.00 11.44 ? 50  VAL A CA  1 
ATOM   259  C C   . VAL A 1 50  ? 3.471   -1.942  16.101  1.00 8.21  ? 50  VAL A C   1 
ATOM   260  O O   . VAL A 1 50  ? 3.118   -0.830  16.321  1.00 8.70  ? 50  VAL A O   1 
ATOM   261  C CB  . VAL A 1 50  ? 2.088   -4.006  16.661  1.00 11.57 ? 50  VAL A CB  1 
ATOM   262  C CG1 . VAL A 1 50  ? 1.787   -3.273  17.987  1.00 15.86 ? 50  VAL A CG1 1 
ATOM   263  C CG2 . VAL A 1 50  ? 0.918   -4.842  16.209  1.00 11.87 ? 50  VAL A CG2 1 
ATOM   264  N N   . SER A 1 51  ? 4.772   -2.304  16.101  1.00 9.43  ? 51  SER A N   1 
ATOM   265  C CA  . SER A 1 51  ? 5.780   -1.309  16.487  1.00 9.95  ? 51  SER A CA  1 
ATOM   266  C C   . SER A 1 51  ? 5.868   -0.118  15.520  1.00 9.49  ? 51  SER A C   1 
ATOM   267  O O   . SER A 1 51  ? 5.928   1.040   15.799  1.00 11.85 ? 51  SER A O   1 
ATOM   268  C CB  . SER A 1 51  ? 7.146   -2.062  16.569  1.00 14.28 ? 51  SER A CB  1 
ATOM   269  O OG  . SER A 1 51  ? 8.078   -1.068  16.895  1.00 23.33 ? 51  SER A OG  1 
ATOM   270  N N   . PHE A 1 52  ? 5.783   -0.462  14.212  1.00 8.94  ? 52  PHE A N   1 
ATOM   271  C CA  . PHE A 1 52  ? 5.743   0.577   13.203  1.00 10.31 ? 52  PHE A CA  1 
ATOM   272  C C   . PHE A 1 52  ? 4.541   1.513   13.355  1.00 9.16  ? 52  PHE A C   1 
ATOM   273  O O   . PHE A 1 52  ? 4.619   2.698   13.175  1.00 9.22  ? 52  PHE A O   1 
ATOM   274  C CB  . PHE A 1 52  ? 5.721   -0.161  11.794  1.00 7.71  ? 52  PHE A CB  1 
ATOM   275  C CG  . PHE A 1 52  ? 4.918   0.542   10.665  1.00 7.56  ? 52  PHE A CG  1 
ATOM   276  C CD1 . PHE A 1 52  ? 5.396   1.553   9.881   1.00 6.22  ? 52  PHE A CD1 1 
ATOM   277  C CD2 . PHE A 1 52  ? 3.623   0.135   10.355  1.00 9.08  ? 52  PHE A CD2 1 
ATOM   278  C CE1 . PHE A 1 52  ? 4.656   2.144   8.860   1.00 8.30  ? 52  PHE A CE1 1 
ATOM   279  C CE2 . PHE A 1 52  ? 2.922   0.718   9.354   1.00 9.75  ? 52  PHE A CE2 1 
ATOM   280  C CZ  . PHE A 1 52  ? 3.400   1.681   8.591   1.00 7.88  ? 52  PHE A CZ  1 
ATOM   281  N N   . TYR A 1 53  ? 3.391   0.865   13.629  1.00 8.58  ? 53  TYR A N   1 
ATOM   282  C CA  . TYR A 1 53  ? 2.123   1.599   13.715  1.00 10.19 ? 53  TYR A CA  1 
ATOM   283  C C   . TYR A 1 53  ? 2.130   2.652   14.845  1.00 8.57  ? 53  TYR A C   1 
ATOM   284  O O   . TYR A 1 53  ? 1.561   3.641   14.729  1.00 10.76 ? 53  TYR A O   1 
ATOM   285  C CB  . TYR A 1 53  ? 0.969   0.582   13.829  1.00 8.09  ? 53  TYR A CB  1 
ATOM   286  C CG  . TYR A 1 53  ? -0.401  1.135   13.447  1.00 10.31 ? 53  TYR A CG  1 
ATOM   287  C CD1 . TYR A 1 53  ? -0.670  1.439   12.148  1.00 13.61 ? 53  TYR A CD1 1 
ATOM   288  C CD2 . TYR A 1 53  ? -1.392  1.307   14.376  1.00 9.96  ? 53  TYR A CD2 1 
ATOM   289  C CE1 . TYR A 1 53  ? -1.917  1.934   11.743  1.00 11.43 ? 53  TYR A CE1 1 
ATOM   290  C CE2 . TYR A 1 53  ? -2.642  1.794   14.011  1.00 11.10 ? 53  TYR A CE2 1 
ATOM   291  C CZ  . TYR A 1 53  ? -2.886  2.125   12.713  1.00 9.89  ? 53  TYR A CZ  1 
ATOM   292  O OH  . TYR A 1 53  ? -4.143  2.611   12.356  1.00 10.69 ? 53  TYR A OH  1 
ATOM   293  N N   . GLU A 1 54  ? 2.863   2.347   15.884  1.00 11.07 ? 54  GLU A N   1 
ATOM   294  C CA  . GLU A 1 54  ? 3.040   3.305   16.989  1.00 12.65 ? 54  GLU A CA  1 
ATOM   295  C C   . GLU A 1 54  ? 3.664   4.590   16.557  1.00 14.57 ? 54  GLU A C   1 
ATOM   296  O O   . GLU A 1 54  ? 3.516   5.622   17.223  1.00 17.47 ? 54  GLU A O   1 
ATOM   297  C CB  . GLU A 1 54  ? 3.962   2.711   18.112  1.00 16.36 ? 54  GLU A CB  1 
ATOM   298  C CG  . GLU A 1 54  ? 3.486   1.528   18.836  0.75 17.02 ? 54  GLU A CG  1 
ATOM   299  C CD  . GLU A 1 54  ? 4.349   1.286   20.106  0.50 17.65 ? 54  GLU A CD  1 
ATOM   300  O OE1 . GLU A 1 54  ? 3.954   1.779   21.178  0.25 23.55 ? 54  GLU A OE1 1 
ATOM   301  O OE2 . GLU A 1 54  ? 5.424   0.667   19.996  0.25 20.84 ? 54  GLU A OE2 1 
ATOM   302  N N   . GLN A 1 55  ? 4.517   4.568   15.517  1.00 12.42 ? 55  GLN A N   1 
ATOM   303  C CA  . GLN A 1 55  ? 5.175   5.751   14.981  1.00 12.40 ? 55  GLN A CA  1 
ATOM   304  C C   . GLN A 1 55  ? 4.578   6.420   13.789  1.00 12.82 ? 55  GLN A C   1 
ATOM   305  O O   . GLN A 1 55  ? 5.127   7.305   13.105  1.00 20.64 ? 55  GLN A O   1 
ATOM   306  C CB  . GLN A 1 55  ? 6.631   5.395   14.671  1.00 18.51 ? 55  GLN A CB  1 
ATOM   307  C CG  . GLN A 1 55  ? 7.332   4.775   15.887  1.00 28.58 ? 55  GLN A CG  1 
ATOM   308  C CD  . GLN A 1 55  ? 8.741   5.236   15.935  1.00 51.90 ? 55  GLN A CD  1 
ATOM   309  O OE1 . GLN A 1 55  ? 9.648   4.473   15.647  1.00 62.04 ? 55  GLN A OE1 1 
ATOM   310  N NE2 . GLN A 1 55  ? 8.937   6.521   16.222  1.00 59.23 ? 55  GLN A NE2 1 
ATOM   311  N N   . VAL A 1 56  ? 3.352   6.026   13.493  1.00 11.62 ? 56  VAL A N   1 
ATOM   312  C CA  . VAL A 1 56  ? 2.522   6.740   12.549  1.00 11.65 ? 56  VAL A CA  1 
ATOM   313  C C   . VAL A 1 56  ? 1.549   7.694   13.357  1.00 9.34  ? 56  VAL A C   1 
ATOM   314  O O   . VAL A 1 56  ? 0.993   7.265   14.358  1.00 13.41 ? 56  VAL A O   1 
ATOM   315  C CB  . VAL A 1 56  ? 1.745   5.694   11.725  1.00 10.18 ? 56  VAL A CB  1 
ATOM   316  C CG1 . VAL A 1 56  ? 0.828   6.387   10.700  1.00 11.33 ? 56  VAL A CG1 1 
ATOM   317  C CG2 . VAL A 1 56  ? 2.680   4.731   10.933  1.00 10.28 ? 56  VAL A CG2 1 
ATOM   318  N N   . SER A 1 57  ? 1.428   8.868   12.813  1.00 13.19 ? 57  SER A N   1 
ATOM   319  C CA  . SER A 1 57  ? 0.561   9.856   13.485  1.00 17.37 ? 57  SER A CA  1 
ATOM   320  C C   . SER A 1 57  ? -0.887  9.464   13.480  1.00 19.95 ? 57  SER A C   1 
ATOM   321  O O   . SER A 1 57  ? -1.341  8.756   12.566  1.00 16.25 ? 57  SER A O   1 
ATOM   322  C CB  . SER A 1 57  ? 0.715   11.164  12.799  1.00 19.21 ? 57  SER A CB  1 
ATOM   323  O OG  . SER A 1 57  ? 0.115   11.287  11.495  1.00 17.03 ? 57  SER A OG  1 
ATOM   324  N N   . ASP A 1 58  ? -1.690  9.959   14.434  1.00 17.30 ? 58  ASP A N   1 
ATOM   325  C CA  . ASP A 1 58  ? -3.125  9.716   14.408  1.00 15.63 ? 58  ASP A CA  1 
ATOM   326  C C   . ASP A 1 58  ? -3.755  10.279  13.098  1.00 16.87 ? 58  ASP A C   1 
ATOM   327  O O   . ASP A 1 58  ? -4.707  9.674   12.548  1.00 16.97 ? 58  ASP A O   1 
ATOM   328  C CB  . ASP A 1 58  ? -3.804  10.337  15.667  1.00 22.90 ? 58  ASP A CB  1 
ATOM   329  C CG  . ASP A 1 58  ? -3.585  9.501   16.918  1.00 44.90 ? 58  ASP A CG  1 
ATOM   330  O OD1 . ASP A 1 58  ? -3.580  8.251   16.832  1.00 33.53 ? 58  ASP A OD1 1 
ATOM   331  O OD2 . ASP A 1 58  ? -3.457  10.098  18.006  1.00 95.70 ? 58  ASP A OD2 1 
ATOM   332  N N   . GLU A 1 59  ? -3.233  11.369  12.593  1.00 14.73 ? 59  GLU A N   1 
ATOM   333  C CA  . GLU A 1 59  ? -3.715  11.973  11.402  1.00 20.88 ? 59  GLU A CA  1 
ATOM   334  C C   . GLU A 1 59  ? -3.506  11.047  10.181  1.00 17.18 ? 59  GLU A C   1 
ATOM   335  O O   . GLU A 1 59  ? -4.443  10.864  9.364   1.00 17.39 ? 59  GLU A O   1 
ATOM   336  C CB  . GLU A 1 59  ? -3.085  13.326  11.103  1.00 20.32 ? 59  GLU A CB  1 
ATOM   337  C CG  . GLU A 1 59  ? -3.438  13.956  9.776   0.50 21.60 ? 59  GLU A CG  1 
ATOM   338  C CD  . GLU A 1 59  ? -3.308  15.459  9.827   0.25 17.53 ? 59  GLU A CD  1 
ATOM   339  O OE1 . GLU A 1 59  ? -2.622  15.923  10.744  0.10 9.51  ? 59  GLU A OE1 1 
ATOM   340  O OE2 . GLU A 1 59  ? -3.876  16.166  8.975   0.10 14.58 ? 59  GLU A OE2 1 
ATOM   341  N N   . SER A 1 60  ? -2.305  10.497  10.099  1.00 14.68 ? 60  SER A N   1 
ATOM   342  C CA  . SER A 1 60  ? -2.056  9.531   9.021   1.00 12.99 ? 60  SER A CA  1 
ATOM   343  C C   . SER A 1 60  ? -2.925  8.300   9.124   1.00 14.74 ? 60  SER A C   1 
ATOM   344  O O   . SER A 1 60  ? -3.357  7.759   8.076   1.00 10.46 ? 60  SER A O   1 
ATOM   345  C CB  . SER A 1 60  ? -0.587  9.142   8.993   1.00 16.34 ? 60  SER A CB  1 
ATOM   346  O OG  . SER A 1 60  ? 0.197   10.248  8.528   1.00 16.75 ? 60  SER A OG  1 
ATOM   347  N N   . LYS A 1 61  ? -3.218  7.786   10.283  1.00 10.23 ? 61  LYS A N   1 
ATOM   348  C CA  . LYS A 1 61  ? -4.086  6.672   10.454  1.00 12.93 ? 61  LYS A CA  1 
ATOM   349  C C   . LYS A 1 61  ? -5.500  6.984   9.998   1.00 12.86 ? 61  LYS A C   1 
ATOM   350  O O   . LYS A 1 61  ? -6.144  6.194   9.322   1.00 12.87 ? 61  LYS A O   1 
ATOM   351  C CB  . LYS A 1 61  ? -4.058  6.184   11.914  1.00 12.46 ? 61  LYS A CB  1 
ATOM   352  C CG  . LYS A 1 61  ? -2.705  5.680   12.319  1.00 11.79 ? 61  LYS A CG  1 
ATOM   353  C CD  . LYS A 1 61  ? -2.525  5.537   13.820  1.00 12.90 ? 61  LYS A CD  1 
ATOM   354  C CE  . LYS A 1 61  ? -1.126  4.981   14.138  1.00 12.98 ? 61  LYS A CE  1 
ATOM   355  N NZ  . LYS A 1 61  ? -0.950  4.772   15.614  1.00 12.65 ? 61  LYS A NZ  1 
ATOM   356  N N   . TYR A 1 62  ? -6.019  8.145   10.427  1.00 13.81 ? 62  TYR A N   1 
ATOM   357  C CA  . TYR A 1 62  ? -7.330  8.594   10.002  1.00 13.47 ? 62  TYR A CA  1 
ATOM   358  C C   . TYR A 1 62  ? -7.426  8.698   8.484   1.00 12.78 ? 62  TYR A C   1 
ATOM   359  O O   . TYR A 1 62  ? -8.397  8.221   7.866   1.00 13.62 ? 62  TYR A O   1 
ATOM   360  C CB  . TYR A 1 62  ? -7.683  9.919   10.707  1.00 16.92 ? 62  TYR A CB  1 
ATOM   361  C CG  . TYR A 1 62  ? -8.836  10.632  10.071  1.00 19.15 ? 62  TYR A CG  1 
ATOM   362  C CD1 . TYR A 1 62  ? -10.104 10.099  10.123  1.00 23.77 ? 62  TYR A CD1 1 
ATOM   363  C CD2 . TYR A 1 62  ? -8.589  11.790  9.361   1.00 19.12 ? 62  TYR A CD2 1 
ATOM   364  C CE1 . TYR A 1 62  ? -11.152 10.781  9.515   1.00 20.11 ? 62  TYR A CE1 1 
ATOM   365  C CE2 . TYR A 1 62  ? -9.616  12.488  8.740   1.00 21.22 ? 62  TYR A CE2 1 
ATOM   366  C CZ  . TYR A 1 62  ? -10.883 11.942  8.853   1.00 19.55 ? 62  TYR A CZ  1 
ATOM   367  O OH  . TYR A 1 62  ? -11.987 12.556  8.234   1.00 24.73 ? 62  TYR A OH  1 
ATOM   368  N N   . TYR A 1 63  ? -6.387  9.240   7.865   1.00 11.08 ? 63  TYR A N   1 
ATOM   369  C CA  . TYR A 1 63  ? -6.386  9.322   6.390   1.00 14.81 ? 63  TYR A CA  1 
ATOM   370  C C   . TYR A 1 63  ? -6.291  7.967   5.697   1.00 13.17 ? 63  TYR A C   1 
ATOM   371  O O   . TYR A 1 63  ? -6.898  7.743   4.627   1.00 13.18 ? 63  TYR A O   1 
ATOM   372  C CB  . TYR A 1 63  ? -5.256  10.159  5.861   1.00 14.51 ? 63  TYR A CB  1 
ATOM   373  C CG  . TYR A 1 63  ? -5.395  11.665  6.096   1.00 19.27 ? 63  TYR A CG  1 
ATOM   374  C CD1 . TYR A 1 63  ? -6.630  12.266  6.320   1.00 31.67 ? 63  TYR A CD1 1 
ATOM   375  C CD2 . TYR A 1 63  ? -4.284  12.439  6.042   1.00 18.63 ? 63  TYR A CD2 1 
ATOM   376  C CE1 . TYR A 1 63  ? -6.722  13.631  6.548   1.00 27.35 ? 63  TYR A CE1 1 
ATOM   377  C CE2 . TYR A 1 63  ? -4.366  13.796  6.257   1.00 19.95 ? 63  TYR A CE2 1 
ATOM   378  C CZ  . TYR A 1 63  ? -5.554  14.363  6.530   1.00 26.59 ? 63  TYR A CZ  1 
ATOM   379  O OH  . TYR A 1 63  ? -5.521  15.734  6.675   1.00 29.37 ? 63  TYR A OH  1 
ATOM   380  N N   . ARG A 1 64  ? -5.659  7.001   6.348   1.00 11.94 ? 64  ARG A N   1 
ATOM   381  C CA  . ARG A 1 64  ? -5.558  5.683   5.804   1.00 10.42 ? 64  ARG A CA  1 
ATOM   382  C C   . ARG A 1 64  ? -6.796  4.861   5.954   1.00 13.58 ? 64  ARG A C   1 
ATOM   383  O O   . ARG A 1 64  ? -7.094  3.995   5.100   1.00 12.90 ? 64  ARG A O   1 
ATOM   384  C CB  . ARG A 1 64  ? -4.349  4.966   6.423   1.00 10.87 ? 64  ARG A CB  1 
ATOM   385  C CG  . ARG A 1 64  ? -4.166  3.484   6.148   1.00 11.56 ? 64  ARG A CG  1 
ATOM   386  C CD  . ARG A 1 64  ? -3.902  3.180   4.681   1.00 11.66 ? 64  ARG A CD  1 
ATOM   387  N NE  . ARG A 1 64  ? -3.700  1.755   4.508   1.00 10.68 ? 64  ARG A NE  1 
ATOM   388  C CZ  . ARG A 1 64  ? -4.688  0.919   4.371   1.00 12.38 ? 64  ARG A CZ  1 
ATOM   389  N NH1 . ARG A 1 64  ? -5.944  1.317   4.473   1.00 14.00 ? 64  ARG A NH1 1 
ATOM   390  N NH2 . ARG A 1 64  ? -4.434  -0.370  4.301   1.00 12.70 ? 64  ARG A NH2 1 
ATOM   391  N N   . PHE A 1 65  ? -7.556  5.025   7.078   1.00 9.83  ? 65  PHE A N   1 
ATOM   392  C CA  . PHE A 1 65  ? -8.662  4.173   7.421   1.00 12.96 ? 65  PHE A CA  1 
ATOM   393  C C   . PHE A 1 65  ? -10.037 4.858   7.393   1.00 13.27 ? 65  PHE A C   1 
ATOM   394  O O   . PHE A 1 65  ? -11.018 4.158   7.477   1.00 18.47 ? 65  PHE A O   1 
ATOM   395  C CB  . PHE A 1 65  ? -8.437  3.513   8.789   1.00 13.02 ? 65  PHE A CB  1 
ATOM   396  C CG  . PHE A 1 65  ? -7.361  2.530   8.759   1.00 12.73 ? 65  PHE A CG  1 
ATOM   397  C CD1 . PHE A 1 65  ? -7.586  1.334   8.184   1.00 14.45 ? 65  PHE A CD1 1 
ATOM   398  C CD2 . PHE A 1 65  ? -6.110  2.804   9.296   1.00 12.33 ? 65  PHE A CD2 1 
ATOM   399  C CE1 . PHE A 1 65  ? -6.609  0.370   8.107   1.00 18.40 ? 65  PHE A CE1 1 
ATOM   400  C CE2 . PHE A 1 65  ? -5.111  1.873   9.189   1.00 12.37 ? 65  PHE A CE2 1 
ATOM   401  C CZ  . PHE A 1 65  ? -5.367  0.638   8.675   1.00 15.67 ? 65  PHE A CZ  1 
ATOM   402  N N   . PHE A 1 66  ? -10.015 6.175   7.241   1.00 14.46 ? 66  PHE A N   1 
ATOM   403  C CA  . PHE A 1 66  ? -11.249 7.029   7.074   1.00 15.26 ? 66  PHE A CA  1 
ATOM   404  C C   . PHE A 1 66  ? -11.993 7.167   8.444   1.00 20.99 ? 66  PHE A C   1 
ATOM   405  O O   . PHE A 1 66  ? -13.180 7.652   8.487   1.00 18.47 ? 66  PHE A O   1 
ATOM   406  C CB  . PHE A 1 66  ? -12.176 6.488   5.971   1.00 15.41 ? 66  PHE A CB  1 
ATOM   407  C CG  . PHE A 1 66  ? -11.551 6.439   4.631   1.00 13.35 ? 66  PHE A CG  1 
ATOM   408  C CD1 . PHE A 1 66  ? -10.303 6.972   4.348   1.00 12.97 ? 66  PHE A CD1 1 
ATOM   409  C CD2 . PHE A 1 66  ? -12.276 5.877   3.579   1.00 16.44 ? 66  PHE A CD2 1 
ATOM   410  C CE1 . PHE A 1 66  ? -9.742  6.896   3.033   1.00 18.42 ? 66  PHE A CE1 1 
ATOM   411  C CE2 . PHE A 1 66  ? -11.731 5.799   2.293   1.00 19.52 ? 66  PHE A CE2 1 
ATOM   412  C CZ  . PHE A 1 66  ? -10.502 6.334   2.005   1.00 21.69 ? 66  PHE A CZ  1 
ATOM   413  N N   . ALA A 1 67  ? -11.379 6.720   9.558   1.00 16.17 ? 67  ALA A N   1 
ATOM   414  C CA  . ALA A 1 67  ? -11.961 6.864   10.897  1.00 18.49 ? 67  ALA A CA  1 
ATOM   415  C C   . ALA A 1 67  ? -10.726 6.753   11.829  1.00 20.29 ? 67  ALA A C   1 
ATOM   416  O O   . ALA A 1 67  ? -9.692  6.142   11.420  1.00 15.61 ? 67  ALA A O   1 
ATOM   417  C CB  . ALA A 1 67  ? -13.007 5.778   11.174  1.00 20.79 ? 67  ALA A CB  1 
ATOM   418  N N   . PRO A 1 68  ? -10.758 7.379   13.031  1.00 18.25 ? 68  PRO A N   1 
ATOM   419  C CA  . PRO A 1 68  ? -9.623  7.178   13.987  1.00 14.66 ? 68  PRO A CA  1 
ATOM   420  C C   . PRO A 1 68  ? -9.376  5.709   14.255  1.00 17.19 ? 68  PRO A C   1 
ATOM   421  O O   . PRO A 1 68  ? -10.296 4.837   14.289  1.00 18.92 ? 68  PRO A O   1 
ATOM   422  C CB  . PRO A 1 68  ? -10.109 7.928   15.280  1.00 23.34 ? 68  PRO A CB  1 
ATOM   423  C CG  . PRO A 1 68  ? -11.253 8.806   14.821  1.00 23.09 ? 68  PRO A CG  1 
ATOM   424  C CD  . PRO A 1 68  ? -11.890 8.145   13.632  1.00 22.74 ? 68  PRO A CD  1 
ATOM   425  N N   . TYR A 1 69  ? -8.058  5.337   14.341  1.00 14.68 ? 69  TYR A N   1 
ATOM   426  C CA  . TYR A 1 69  ? -7.729  3.937   14.534  1.00 13.35 ? 69  TYR A CA  1 
ATOM   427  C C   . TYR A 1 69  ? -6.348  3.904   15.189  1.00 16.58 ? 69  TYR A C   1 
ATOM   428  O O   . TYR A 1 69  ? -5.366  3.628   14.535  1.00 14.03 ? 69  TYR A O   1 
ATOM   429  C CB  . TYR A 1 69  ? -7.709  3.157   13.181  1.00 10.91 ? 69  TYR A CB  1 
ATOM   430  C CG  . TYR A 1 69  ? -7.791  1.716   13.207  1.00 10.77 ? 69  TYR A CG  1 
ATOM   431  C CD1 . TYR A 1 69  ? -8.042  0.935   14.386  1.00 11.27 ? 69  TYR A CD1 1 
ATOM   432  C CD2 . TYR A 1 69  ? -7.582  0.945   12.100  1.00 13.43 ? 69  TYR A CD2 1 
ATOM   433  C CE1 . TYR A 1 69  ? -8.037  -0.397  14.386  1.00 14.41 ? 69  TYR A CE1 1 
ATOM   434  C CE2 . TYR A 1 69  ? -7.671  -0.430  12.121  1.00 15.85 ? 69  TYR A CE2 1 
ATOM   435  C CZ  . TYR A 1 69  ? -7.945  -1.162  13.247  1.00 9.41  ? 69  TYR A CZ  1 
ATOM   436  O OH  . TYR A 1 69  ? -7.983  -2.448  13.343  1.00 14.61 ? 69  TYR A OH  1 
ATOM   437  N N   . PRO A 1 70  ? -6.250  4.194   16.485  1.00 14.66 ? 70  PRO A N   1 
ATOM   438  C CA  . PRO A 1 70  ? -4.901  4.362   17.071  1.00 13.81 ? 70  PRO A CA  1 
ATOM   439  C C   . PRO A 1 70  ? -4.097  3.110   17.205  1.00 11.06 ? 70  PRO A C   1 
ATOM   440  O O   . PRO A 1 70  ? -2.847  3.162   17.055  1.00 11.63 ? 70  PRO A O   1 
ATOM   441  C CB  . PRO A 1 70  ? -5.183  4.976   18.470  1.00 17.84 ? 70  PRO A CB  1 
ATOM   442  C CG  . PRO A 1 70  ? -6.651  5.087   18.605  1.00 21.60 ? 70  PRO A CG  1 
ATOM   443  C CD  . PRO A 1 70  ? -7.349  4.771   17.300  1.00 14.84 ? 70  PRO A CD  1 
ATOM   444  N N   . ARG A 1 71  ? -4.718  1.979   17.394  1.00 12.25 ? 71  ARG A N   1 
ATOM   445  C CA  . ARG A 1 71  ? -4.117  0.678   17.538  1.00 13.80 ? 71  ARG A CA  1 
ATOM   446  C C   . ARG A 1 71  ? -4.851  -0.351  16.693  1.00 15.63 ? 71  ARG A C   1 
ATOM   447  O O   . ARG A 1 71  ? -6.096  -0.490  16.759  1.00 18.60 ? 71  ARG A O   1 
ATOM   448  C CB  . ARG A 1 71  ? -4.122  0.200   19.037  1.00 15.82 ? 71  ARG A CB  1 
ATOM   449  C CG  . ARG A 1 71  ? -3.281  1.151   19.890  1.00 18.01 ? 71  ARG A CG  1 
ATOM   450  C CD  . ARG A 1 71  ? -3.274  0.666   21.351  1.00 20.50 ? 71  ARG A CD  1 
ATOM   451  N NE  . ARG A 1 71  ? -2.655  1.682   22.211  1.00 28.15 ? 71  ARG A NE  1 
ATOM   452  C CZ  . ARG A 1 71  ? -3.204  2.881   22.481  1.00 23.85 ? 71  ARG A CZ  1 
ATOM   453  N NH1 . ARG A 1 71  ? -4.399  3.270   21.966  1.00 32.09 ? 71  ARG A NH1 1 
ATOM   454  N NH2 . ARG A 1 71  ? -2.538  3.727   23.272  1.00 47.79 ? 71  ARG A NH2 1 
ATOM   455  N N   . LEU A 1 72  ? -4.149  -1.124  15.936  1.00 10.85 ? 72  LEU A N   1 
ATOM   456  C CA  . LEU A 1 72  ? -4.770  -2.151  15.112  1.00 11.79 ? 72  LEU A CA  1 
ATOM   457  C C   . LEU A 1 72  ? -5.480  -3.219  15.967  1.00 14.77 ? 72  LEU A C   1 
ATOM   458  O O   . LEU A 1 72  ? -4.950  -3.748  16.924  1.00 14.93 ? 72  LEU A O   1 
ATOM   459  C CB  . LEU A 1 72  ? -3.686  -2.845  14.220  1.00 12.57 ? 72  LEU A CB  1 
ATOM   460  C CG  . LEU A 1 72  ? -2.981  -1.907  13.213  1.00 11.30 ? 72  LEU A CG  1 
ATOM   461  C CD1 . LEU A 1 72  ? -1.817  -2.622  12.557  1.00 13.85 ? 72  LEU A CD1 1 
ATOM   462  C CD2 . LEU A 1 72  ? -3.998  -1.401  12.157  1.00 10.69 ? 72  LEU A CD2 1 
ATOM   463  N N   . SER A 1 73  ? -6.627  -3.633  15.515  1.00 16.21 ? 73  SER A N   1 
ATOM   464  C CA  . SER A 1 73  ? -7.287  -4.802  16.097  1.00 17.59 ? 73  SER A CA  1 
ATOM   465  C C   . SER A 1 73  ? -6.624  -6.137  15.817  1.00 16.64 ? 73  SER A C   1 
ATOM   466  O O   . SER A 1 73  ? -5.798  -6.252  14.877  1.00 14.14 ? 73  SER A O   1 
ATOM   467  C CB  . SER A 1 73  ? -8.692  -4.882  15.516  1.00 15.48 ? 73  SER A CB  1 
ATOM   468  O OG  . SER A 1 73  ? -8.664  -5.281  14.123  1.00 15.93 ? 73  SER A OG  1 
ATOM   469  N N   . ALA A 1 74  ? -6.921  -7.224  16.507  1.00 15.99 ? 74  ALA A N   1 
ATOM   470  C CA  . ALA A 1 74  ? -6.289  -8.511  16.202  1.00 15.68 ? 74  ALA A CA  1 
ATOM   471  C C   . ALA A 1 74  ? -6.700  -8.980  14.812  1.00 13.75 ? 74  ALA A C   1 
ATOM   472  O O   . ALA A 1 74  ? -5.898  -9.555  14.123  1.00 13.77 ? 74  ALA A O   1 
ATOM   473  C CB  . ALA A 1 74  ? -6.675  -9.614  17.238  1.00 22.88 ? 74  ALA A CB  1 
ATOM   474  N N   . LYS A 1 75  ? -7.912  -8.709  14.407  1.00 13.31 ? 75  LYS A N   1 
ATOM   475  C CA  . LYS A 1 75  ? -8.340  -9.036  13.077  1.00 13.33 ? 75  LYS A CA  1 
ATOM   476  C C   . LYS A 1 75  ? -7.414  -8.363  12.027  1.00 11.62 ? 75  LYS A C   1 
ATOM   477  O O   . LYS A 1 75  ? -7.075  -9.052  11.077  1.00 12.20 ? 75  LYS A O   1 
ATOM   478  C CB  . LYS A 1 75  ? -9.798  -8.581  12.856  1.00 16.53 ? 75  LYS A CB  1 
ATOM   479  C CG  . LYS A 1 75  ? -10.351 -8.884  11.542  0.75 18.02 ? 75  LYS A CG  1 
ATOM   480  C CD  . LYS A 1 75  ? -11.818 -8.463  11.629  0.50 16.04 ? 75  LYS A CD  1 
ATOM   481  C CE  . LYS A 1 75  ? -12.521 -8.607  10.320  0.25 12.41 ? 75  LYS A CE  1 
ATOM   482  N NZ  . LYS A 1 75  ? -13.959 -8.548  10.650  0.10 7.96  ? 75  LYS A NZ  1 
ATOM   483  N N   . ASP A 1 76  ? -7.160  -7.118  12.222  1.00 9.85  ? 76  ASP A N   1 
ATOM   484  C CA  . ASP A 1 76  ? -6.345  -6.346  11.254  1.00 9.75  ? 76  ASP A CA  1 
ATOM   485  C C   . ASP A 1 76  ? -4.893  -6.680  11.320  1.00 11.02 ? 76  ASP A C   1 
ATOM   486  O O   . ASP A 1 76  ? -4.280  -6.789  10.287  1.00 8.51  ? 76  ASP A O   1 
ATOM   487  C CB  . ASP A 1 76  ? -6.612  -4.879  11.354  1.00 10.09 ? 76  ASP A CB  1 
ATOM   488  C CG  . ASP A 1 76  ? -7.961  -4.446  10.641  1.00 16.80 ? 76  ASP A CG  1 
ATOM   489  O OD1 . ASP A 1 76  ? -8.458  -5.232  9.786   1.00 17.61 ? 76  ASP A OD1 1 
ATOM   490  O OD2 . ASP A 1 76  ? -8.388  -3.341  10.932  1.00 22.35 ? 76  ASP A OD2 1 
ATOM   491  N N   . VAL A 1 77  ? -4.335  -6.946  12.465  1.00 10.06 ? 77  VAL A N   1 
ATOM   492  C CA  . VAL A 1 77  ? -2.954  -7.420  12.531  1.00 9.35  ? 77  VAL A CA  1 
ATOM   493  C C   . VAL A 1 77  ? -2.873  -8.722  11.751  1.00 12.24 ? 77  VAL A C   1 
ATOM   494  O O   . VAL A 1 77  ? -1.919  -8.943  10.996  1.00 9.05  ? 77  VAL A O   1 
ATOM   495  C CB  . VAL A 1 77  ? -2.436  -7.581  13.969  1.00 12.51 ? 77  VAL A CB  1 
ATOM   496  C CG1 . VAL A 1 77  ? -1.082  -8.323  13.996  1.00 14.05 ? 77  VAL A CG1 1 
ATOM   497  C CG2 . VAL A 1 77  ? -2.370  -6.296  14.675  1.00 12.15 ? 77  VAL A CG2 1 
ATOM   498  N N   . HIS A 1 78  ? -3.810  -9.642  11.887  1.00 9.31  ? 78  HIS A N   1 
ATOM   499  C CA  . HIS A 1 78  ? -3.877  -10.855 11.131  1.00 10.21 ? 78  HIS A CA  1 
ATOM   500  C C   . HIS A 1 78  ? -3.980  -10.554 9.631   1.00 9.37  ? 78  HIS A C   1 
ATOM   501  O O   . HIS A 1 78  ? -3.190  -11.070 8.844   1.00 8.21  ? 78  HIS A O   1 
ATOM   502  C CB  . HIS A 1 78  ? -5.004  -11.819 11.674  1.00 10.83 ? 78  HIS A CB  1 
ATOM   503  C CG  . HIS A 1 78  ? -5.121  -13.074 10.882  1.00 13.21 ? 78  HIS A CG  1 
ATOM   504  N ND1 . HIS A 1 78  ? -4.540  -14.257 11.274  1.00 20.19 ? 78  HIS A ND1 1 
ATOM   505  C CD2 . HIS A 1 78  ? -5.769  -13.324 9.726   1.00 16.33 ? 78  HIS A CD2 1 
ATOM   506  C CE1 . HIS A 1 78  ? -4.772  -15.171 10.356  1.00 16.94 ? 78  HIS A CE1 1 
ATOM   507  N NE2 . HIS A 1 78  ? -5.493  -14.628 9.396   1.00 18.46 ? 78  HIS A NE2 1 
ATOM   508  N N   . ARG A 1 79  ? -4.987  -9.815  9.170   1.00 8.01  ? 79  ARG A N   1 
ATOM   509  C CA  . ARG A 1 79  ? -5.145  -9.649  7.785   1.00 8.19  ? 79  ARG A CA  1 
ATOM   510  C C   . ARG A 1 79  ? -3.976  -8.888  7.085   1.00 6.21  ? 79  ARG A C   1 
ATOM   511  O O   . ARG A 1 79  ? -3.695  -9.168  5.946   1.00 8.18  ? 79  ARG A O   1 
ATOM   512  C CB  . ARG A 1 79  ? -6.452  -9.029  7.359   1.00 17.22 ? 79  ARG A CB  1 
ATOM   513  C CG  . ARG A 1 79  ? -6.668  -7.664  7.693   1.00 17.93 ? 79  ARG A CG  1 
ATOM   514  C CD  . ARG A 1 79  ? -7.742  -7.082  6.723   1.00 32.26 ? 79  ARG A CD  1 
ATOM   515  N NE  . ARG A 1 79  ? -8.265  -5.835  7.295   1.00 30.33 ? 79  ARG A NE  1 
ATOM   516  C CZ  . ARG A 1 79  ? -8.709  -4.758  6.625   1.00 37.45 ? 79  ARG A CZ  1 
ATOM   517  N NH1 . ARG A 1 79  ? -9.073  -3.660  7.324   1.00 25.37 ? 79  ARG A NH1 1 
ATOM   518  N NH2 . ARG A 1 79  ? -8.763  -4.732  5.294   1.00 46.76 ? 79  ARG A NH2 1 
ATOM   519  N N   . PHE A 1 80  ? -3.341  -8.003  7.859   1.00 6.53  ? 80  PHE A N   1 
ATOM   520  C CA  . PHE A 1 80  ? -2.260  -7.184  7.281   1.00 4.87  ? 80  PHE A CA  1 
ATOM   521  C C   . PHE A 1 80  ? -0.956  -7.967  7.335   1.00 6.68  ? 80  PHE A C   1 
ATOM   522  O O   . PHE A 1 80  ? 0.036   -7.522  6.722   1.00 6.36  ? 80  PHE A O   1 
ATOM   523  C CB  . PHE A 1 80  ? -2.165  -5.869  7.956   1.00 5.70  ? 80  PHE A CB  1 
ATOM   524  C CG  . PHE A 1 80  ? -3.320  -4.921  7.705   1.00 6.63  ? 80  PHE A CG  1 
ATOM   525  C CD1 . PHE A 1 80  ? -3.947  -4.845  6.449   1.00 8.35  ? 80  PHE A CD1 1 
ATOM   526  C CD2 . PHE A 1 80  ? -3.813  -4.035  8.646   1.00 6.96  ? 80  PHE A CD2 1 
ATOM   527  C CE1 . PHE A 1 80  ? -4.987  -3.992  6.193   1.00 10.95 ? 80  PHE A CE1 1 
ATOM   528  C CE2 . PHE A 1 80  ? -4.847  -3.190  8.407   1.00 9.55  ? 80  PHE A CE2 1 
ATOM   529  C CZ  . PHE A 1 80  ? -5.488  -3.208  7.191   1.00 9.49  ? 80  PHE A CZ  1 
ATOM   530  N N   . THR A 1 81  ? -0.896  -9.176  7.878   1.00 5.52  ? 81  THR A N   1 
ATOM   531  C CA  . THR A 1 81  ? 0.259   -10.033 7.934   1.00 7.17  ? 81  THR A CA  1 
ATOM   532  C C   . THR A 1 81  ? 0.094   -11.372 7.295   1.00 8.12  ? 81  THR A C   1 
ATOM   533  O O   . THR A 1 81  ? 1.032   -12.158 7.206   1.00 9.52  ? 81  THR A O   1 
ATOM   534  C CB  . THR A 1 81  ? 0.824   -10.215 9.360   1.00 6.93  ? 81  THR A CB  1 
ATOM   535  O OG1 . THR A 1 81  ? -0.240  -10.864 10.150  1.00 9.07  ? 81  THR A OG1 1 
ATOM   536  C CG2 . THR A 1 81  ? 1.295   -9.039  9.956   1.00 6.07  ? 81  THR A CG2 1 
ATOM   537  N N   . HIS A 1 82  ? -1.107  -11.712 6.829   1.00 6.77  ? 82  HIS A N   1 
ATOM   538  C CA  . HIS A 1 82  ? -1.460  -12.953 6.185   1.00 7.10  ? 82  HIS A CA  1 
ATOM   539  C C   . HIS A 1 82  ? -2.008  -12.742 4.830   1.00 8.14  ? 82  HIS A C   1 
ATOM   540  O O   . HIS A 1 82  ? -3.061  -12.121 4.700   1.00 10.42 ? 82  HIS A O   1 
ATOM   541  C CB  . HIS A 1 82  ? -2.527  -13.769 6.998   1.00 9.78  ? 82  HIS A CB  1 
ATOM   542  C CG  . HIS A 1 82  ? -2.013  -14.322 8.308   1.00 9.86  ? 82  HIS A CG  1 
ATOM   543  N ND1 . HIS A 1 82  ? -1.699  -13.564 9.390   1.00 12.70 ? 82  HIS A ND1 1 
ATOM   544  C CD2 . HIS A 1 82  ? -1.787  -15.610 8.654   1.00 13.03 ? 82  HIS A CD2 1 
ATOM   545  C CE1 . HIS A 1 82  ? -1.212  -14.380 10.354  1.00 11.71 ? 82  HIS A CE1 1 
ATOM   546  N NE2 . HIS A 1 82  ? -1.270  -15.593 9.915   1.00 13.00 ? 82  HIS A NE2 1 
ATOM   547  N N   . HIS A 1 83  ? -1.274  -13.109 3.828   1.00 6.48  ? 83  HIS A N   1 
ATOM   548  C CA  . HIS A 1 83  ? -1.616  -12.882 2.417   1.00 6.90  ? 83  HIS A CA  1 
ATOM   549  C C   . HIS A 1 83  ? -1.448  -14.128 1.604   1.00 9.58  ? 83  HIS A C   1 
ATOM   550  O O   . HIS A 1 83  ? -0.505  -14.913 1.835   1.00 10.45 ? 83  HIS A O   1 
ATOM   551  C CB  . HIS A 1 83  ? -0.730  -11.817 1.778   1.00 8.31  ? 83  HIS A CB  1 
ATOM   552  C CG  . HIS A 1 83  ? -0.591  -10.542 2.553   1.00 6.01  ? 83  HIS A CG  1 
ATOM   553  N ND1 . HIS A 1 83  ? 0.289   -10.416 3.604   1.00 7.26  ? 83  HIS A ND1 1 
ATOM   554  C CD2 . HIS A 1 83  ? -1.315  -9.423  2.551   1.00 5.32  ? 83  HIS A CD2 1 
ATOM   555  C CE1 . HIS A 1 83  ? 0.169   -9.204  4.137   1.00 7.14  ? 83  HIS A CE1 1 
ATOM   556  N NE2 . HIS A 1 83  ? -0.817  -8.578  3.520   1.00 6.73  ? 83  HIS A NE2 1 
ATOM   557  N N   . ASP A 1 84  ? -2.303  -14.342 0.620   1.00 8.09  ? 84  ASP A N   1 
ATOM   558  C CA  . ASP A 1 84  ? -2.077  -15.411 -0.354  1.00 8.59  ? 84  ASP A CA  1 
ATOM   559  C C   . ASP A 1 84  ? -1.010  -15.061 -1.369  1.00 8.02  ? 84  ASP A C   1 
ATOM   560  O O   . ASP A 1 84  ? -0.495  -15.945 -2.097  1.00 9.77  ? 84  ASP A O   1 
ATOM   561  C CB  . ASP A 1 84  ? -3.383  -15.814 -1.074  1.00 9.81  ? 84  ASP A CB  1 
ATOM   562  C CG  . ASP A 1 84  ? -3.928  -14.739 -1.996  1.00 11.23 ? 84  ASP A CG  1 
ATOM   563  O OD1 . ASP A 1 84  ? -3.593  -13.598 -1.902  1.00 11.89 ? 84  ASP A OD1 1 
ATOM   564  O OD2 . ASP A 1 84  ? -4.735  -14.999 -2.930  1.00 20.53 ? 84  ASP A OD2 1 
ATOM   565  N N   . PHE A 1 85  ? -0.660  -13.788 -1.540  1.00 6.39  ? 85  PHE A N   1 
ATOM   566  C CA  . PHE A 1 85  ? 0.234   -13.306 -2.541  1.00 6.14  ? 85  PHE A CA  1 
ATOM   567  C C   . PHE A 1 85  ? -0.164  -13.562 -4.007  1.00 7.33  ? 85  PHE A C   1 
ATOM   568  O O   . PHE A 1 85  ? 0.698   -13.526 -4.907  1.00 8.41  ? 85  PHE A O   1 
ATOM   569  C CB  . PHE A 1 85  ? 1.677   -13.722 -2.231  1.00 6.63  ? 85  PHE A CB  1 
ATOM   570  C CG  . PHE A 1 85  ? 2.240   -13.136 -0.927  1.00 8.95  ? 85  PHE A CG  1 
ATOM   571  C CD1 . PHE A 1 85  ? 2.423   -11.735 -0.807  1.00 9.89  ? 85  PHE A CD1 1 
ATOM   572  C CD2 . PHE A 1 85  ? 2.457   -13.932 0.149   1.00 13.16 ? 85  PHE A CD2 1 
ATOM   573  C CE1 . PHE A 1 85  ? 2.859   -11.185 0.343   1.00 10.73 ? 85  PHE A CE1 1 
ATOM   574  C CE2 . PHE A 1 85  ? 2.968   -13.339 1.310   1.00 14.22 ? 85  PHE A CE2 1 
ATOM   575  C CZ  . PHE A 1 85  ? 3.069   -11.964 1.380   1.00 13.16 ? 85  PHE A CZ  1 
ATOM   576  N N   . VAL A 1 86  ? -1.484  -13.571 -4.189  1.00 7.97  ? 86  VAL A N   1 
ATOM   577  C CA  . VAL A 1 86  ? -2.037  -13.646 -5.517  1.00 7.50  ? 86  VAL A CA  1 
ATOM   578  C C   . VAL A 1 86  ? -3.176  -12.567 -5.623  1.00 6.52  ? 86  VAL A C   1 
ATOM   579  O O   . VAL A 1 86  ? -3.085  -11.650 -6.449  1.00 7.97  ? 86  VAL A O   1 
ATOM   580  C CB  . VAL A 1 86  ? -2.582  -15.031 -5.826  1.00 8.63  ? 86  VAL A CB  1 
ATOM   581  C CG1 . VAL A 1 86  ? -3.170  -15.047 -7.231  1.00 11.69 ? 86  VAL A CG1 1 
ATOM   582  C CG2 . VAL A 1 86  ? -1.430  -16.029 -5.750  1.00 10.82 ? 86  VAL A CG2 1 
ATOM   583  N N   . ASP A 1 87  ? -4.149  -12.665 -4.785  1.00 7.42  ? 87  ASP A N   1 
ATOM   584  C CA  . ASP A 1 87  ? -5.289  -11.721 -4.726  1.00 6.76  ? 87  ASP A CA  1 
ATOM   585  C C   . ASP A 1 87  ? -5.014  -10.648 -3.714  1.00 8.03  ? 87  ASP A C   1 
ATOM   586  O O   . ASP A 1 87  ? -5.559  -9.585  -3.879  1.00 8.90  ? 87  ASP A O   1 
ATOM   587  C CB  . ASP A 1 87  ? -6.571  -12.483 -4.453  1.00 9.49  ? 87  ASP A CB  1 
ATOM   588  C CG  . ASP A 1 87  ? -6.888  -13.566 -5.573  1.00 9.98  ? 87  ASP A CG  1 
ATOM   589  O OD1 . ASP A 1 87  ? -6.501  -13.301 -6.736  1.00 11.20 ? 87  ASP A OD1 1 
ATOM   590  O OD2 . ASP A 1 87  ? -7.492  -14.553 -5.125  1.00 15.07 ? 87  ASP A OD2 1 
ATOM   591  N N   . ARG A 1 88  ? -4.171  -10.893 -2.719  1.00 7.45  ? 88  ARG A N   1 
ATOM   592  C CA  . ARG A 1 88  ? -3.774  -9.869  -1.737  1.00 6.41  ? 88  ARG A CA  1 
ATOM   593  C C   . ARG A 1 88  ? -2.279  -9.944  -1.607  1.00 5.38  ? 88  ARG A C   1 
ATOM   594  O O   . ARG A 1 88  ? -1.700  -11.005 -1.391  1.00 6.25  ? 88  ARG A O   1 
ATOM   595  C CB  . ARG A 1 88  ? -4.378  -10.068 -0.359  1.00 5.62  ? 88  ARG A CB  1 
ATOM   596  C CG  . ARG A 1 88  ? -5.951  -9.924  -0.397  1.00 6.32  ? 88  ARG A CG  1 
ATOM   597  C CD  . ARG A 1 88  ? -6.626  -10.025 0.918   1.00 6.72  ? 88  ARG A CD  1 
ATOM   598  N NE  . ARG A 1 88  ? -6.128  -9.016  1.891   1.00 6.56  ? 88  ARG A NE  1 
ATOM   599  C CZ  . ARG A 1 88  ? -5.262  -9.170  2.878   1.00 6.95  ? 88  ARG A CZ  1 
ATOM   600  N NH1 . ARG A 1 88  ? -4.764  -10.373 3.106   1.00 9.57  ? 88  ARG A NH1 1 
ATOM   601  N NH2 . ARG A 1 88  ? -4.964  -8.119  3.596   1.00 9.05  ? 88  ARG A NH2 1 
ATOM   602  N N   . VAL A 1 89  ? -1.637  -8.793  -1.700  1.00 5.55  ? 89  VAL A N   1 
ATOM   603  C CA  . VAL A 1 89  ? -0.201  -8.681  -1.497  1.00 4.17  ? 89  VAL A CA  1 
ATOM   604  C C   . VAL A 1 89  ? 0.030   -7.492  -0.599  1.00 4.94  ? 89  VAL A C   1 
ATOM   605  O O   . VAL A 1 89  ? -0.550  -6.407  -0.804  1.00 6.85  ? 89  VAL A O   1 
ATOM   606  C CB  . VAL A 1 89  ? 0.508   -8.404  -2.780  1.00 5.73  ? 89  VAL A CB  1 
ATOM   607  C CG1 . VAL A 1 89  ? 1.967   -8.017  -2.593  1.00 10.08 ? 89  VAL A CG1 1 
ATOM   608  C CG2 . VAL A 1 89  ? 0.459   -9.639  -3.726  1.00 7.66  ? 89  VAL A CG2 1 
ATOM   609  N N   . GLY A 1 90  ? 0.846   -7.662  0.469   1.00 4.19  ? 90  GLY A N   1 
ATOM   610  C CA  . GLY A 1 90  ? 1.352   -6.603  1.332   1.00 4.75  ? 90  GLY A CA  1 
ATOM   611  C C   . GLY A 1 90  ? 2.859   -6.614  1.302   1.00 3.82  ? 90  GLY A C   1 
ATOM   612  O O   . GLY A 1 90  ? 3.433   -7.663  1.473   1.00 4.98  ? 90  GLY A O   1 
ATOM   613  N N   . LEU A 1 91  ? 3.439   -5.448  1.143   1.00 4.68  ? 91  LEU A N   1 
ATOM   614  C CA  . LEU A 1 91  ? 4.877   -5.231  1.225   1.00 4.21  ? 91  LEU A CA  1 
ATOM   615  C C   . LEU A 1 91  ? 5.199   -4.185  2.268   1.00 4.41  ? 91  LEU A C   1 
ATOM   616  O O   . LEU A 1 91  ? 4.398   -3.256  2.501   1.00 5.52  ? 91  LEU A O   1 
ATOM   617  C CB  . LEU A 1 91  ? 5.402   -4.726  -0.139  1.00 5.57  ? 91  LEU A CB  1 
ATOM   618  C CG  . LEU A 1 91  ? 5.009   -5.441  -1.388  1.00 5.91  ? 91  LEU A CG  1 
ATOM   619  C CD1 . LEU A 1 91  ? 5.528   -4.689  -2.592  1.00 8.42  ? 91  LEU A CD1 1 
ATOM   620  C CD2 . LEU A 1 91  ? 5.390   -6.888  -1.409  1.00 8.88  ? 91  LEU A CD2 1 
ATOM   621  N N   . ALA A 1 92  ? 6.435   -4.306  2.821   1.00 4.95  ? 92  ALA A N   1 
ATOM   622  C CA  . ALA A 1 92  ? 6.955   -3.317  3.745   1.00 5.91  ? 92  ALA A CA  1 
ATOM   623  C C   . ALA A 1 92  ? 8.245   -2.733  3.166   1.00 5.84  ? 92  ALA A C   1 
ATOM   624  O O   . ALA A 1 92  ? 8.995   -3.469  2.532   1.00 7.40  ? 92  ALA A O   1 
ATOM   625  C CB  . ALA A 1 92  ? 7.213   -3.959  5.102   1.00 6.42  ? 92  ALA A CB  1 
ATOM   626  N N   . ALA A 1 93  ? 8.462   -1.463  3.446   1.00 6.32  ? 93  ALA A N   1 
ATOM   627  C CA  . ALA A 1 93  ? 9.806   -0.927  3.340   1.00 5.72  ? 93  ALA A CA  1 
ATOM   628  C C   . ALA A 1 93  ? 10.440  -0.960  4.736   1.00 7.69  ? 93  ALA A C   1 
ATOM   629  O O   . ALA A 1 93  ? 9.783   -0.558  5.700   1.00 7.79  ? 93  ALA A O   1 
ATOM   630  C CB  . ALA A 1 93  ? 9.752   0.528   2.856   1.00 7.67  ? 93  ALA A CB  1 
ATOM   631  N N   . THR A 1 94  ? 11.680  -1.458  4.805   1.00 7.34  ? 94  THR A N   1 
ATOM   632  C CA  . THR A 1 94  ? 12.363  -1.610  6.058   1.00 10.03 ? 94  THR A CA  1 
ATOM   633  C C   . THR A 1 94  ? 13.698  -0.869  5.998   1.00 9.75  ? 94  THR A C   1 
ATOM   634  O O   . THR A 1 94  ? 14.377  -0.833  4.957   1.00 9.04  ? 94  THR A O   1 
ATOM   635  C CB  . THR A 1 94  ? 12.504  -3.087  6.539   1.00 10.58 ? 94  THR A CB  1 
ATOM   636  O OG1 . THR A 1 94  ? 13.542  -3.744  5.810   1.00 12.01 ? 94  THR A OG1 1 
ATOM   637  C CG2 . THR A 1 94  ? 11.262  -3.985  6.349   1.00 10.02 ? 94  THR A CG2 1 
ATOM   638  N N   . ILE A 1 95  ? 14.055  -0.338  7.165   1.00 10.48 ? 95  ILE A N   1 
ATOM   639  C CA  . ILE A 1 95  ? 15.383  0.352   7.376   1.00 13.93 ? 95  ILE A CA  1 
ATOM   640  C C   . ILE A 1 95  ? 15.864  -0.186  8.670   1.00 15.02 ? 95  ILE A C   1 
ATOM   641  O O   . ILE A 1 95  ? 15.177  -0.184  9.721   1.00 13.06 ? 95  ILE A O   1 
ATOM   642  C CB  . ILE A 1 95  ? 15.300  1.845   7.393   1.00 11.92 ? 95  ILE A CB  1 
ATOM   643  C CG1 . ILE A 1 95  ? 14.849  2.423   6.036   1.00 15.62 ? 95  ILE A CG1 1 
ATOM   644  C CG2 . ILE A 1 95  ? 16.644  2.507   7.789   1.00 16.68 ? 95  ILE A CG2 1 
ATOM   645  C CD1 . ILE A 1 95  ? 14.746  3.928   5.978   1.00 16.42 ? 95  ILE A CD1 1 
ATOM   646  N N   . GLY A 1 96  ? 17.017  -0.818  8.600   1.00 13.16 ? 96  GLY A N   1 
ATOM   647  C CA  . GLY A 1 96  ? 17.553  -1.458  9.742   1.00 12.23 ? 96  GLY A CA  1 
ATOM   648  C C   . GLY A 1 96  ? 16.683  -2.473  10.377  1.00 14.20 ? 96  GLY A C   1 
ATOM   649  O O   . GLY A 1 96  ? 16.643  -2.549  11.612  1.00 18.73 ? 96  GLY A O   1 
ATOM   650  N N   . GLY A 1 97  ? 15.981  -3.208  9.504   1.00 12.35 ? 97  GLY A N   1 
ATOM   651  C CA  . GLY A 1 97  ? 14.963  -4.201  9.812   1.00 11.70 ? 97  GLY A CA  1 
ATOM   652  C C   . GLY A 1 97  ? 13.563  -3.755  10.335  1.00 9.29  ? 97  GLY A C   1 
ATOM   653  O O   . GLY A 1 97  ? 12.672  -4.607  10.329  1.00 12.84 ? 97  GLY A O   1 
ATOM   654  N N   . GLU A 1 98  ? 13.451  -2.515  10.658  1.00 10.26 ? 98  GLU A N   1 
ATOM   655  C CA  . GLU A 1 98  ? 12.162  -1.954  11.174  1.00 9.51  ? 98  GLU A CA  1 
ATOM   656  C C   . GLU A 1 98  ? 11.371  -1.481  9.991   1.00 9.53  ? 98  GLU A C   1 
ATOM   657  O O   . GLU A 1 98  ? 11.818  -0.909  9.026   1.00 9.42  ? 98  GLU A O   1 
ATOM   658  C CB  . GLU A 1 98  ? 12.391  -0.828  12.129  1.00 13.79 ? 98  GLU A CB  1 
ATOM   659  C CG  . GLU A 1 98  ? 13.062  -1.254  13.492  0.75 11.42 ? 98  GLU A CG  1 
ATOM   660  C CD  . GLU A 1 98  ? 12.371  -2.521  14.096  0.50 10.00 ? 98  GLU A CD  1 
ATOM   661  O OE1 . GLU A 1 98  ? 11.116  -2.550  14.432  0.50 16.50 ? 98  GLU A OE1 1 
ATOM   662  O OE2 . GLU A 1 98  ? 12.860  -3.647  14.164  0.50 13.03 ? 98  GLU A OE2 1 
ATOM   663  N N   . PHE A 1 99  ? 10.051  -1.741  10.070  1.00 8.39  ? 99  PHE A N   1 
ATOM   664  C CA  . PHE A 1 99  ? 9.152   -1.214  9.036   1.00 7.59  ? 99  PHE A CA  1 
ATOM   665  C C   . PHE A 1 99  ? 9.075   0.285   9.093   1.00 7.31  ? 99  PHE A C   1 
ATOM   666  O O   . PHE A 1 99  ? 8.857   0.849   10.259  1.00 9.31  ? 99  PHE A O   1 
ATOM   667  C CB  . PHE A 1 99  ? 7.737   -1.757  9.290   1.00 8.38  ? 99  PHE A CB  1 
ATOM   668  C CG  . PHE A 1 99  ? 7.490   -3.159  8.912   1.00 10.29 ? 99  PHE A CG  1 
ATOM   669  C CD1 . PHE A 1 99  ? 8.456   -4.118  8.737   1.00 8.81  ? 99  PHE A CD1 1 
ATOM   670  C CD2 . PHE A 1 99  ? 6.141   -3.568  8.765   1.00 7.98  ? 99  PHE A CD2 1 
ATOM   671  C CE1 . PHE A 1 99  ? 8.158   -5.400  8.334   1.00 10.46 ? 99  PHE A CE1 1 
ATOM   672  C CE2 . PHE A 1 99  ? 5.859   -4.852  8.373   1.00 9.93  ? 99  PHE A CE2 1 
ATOM   673  C CZ  . PHE A 1 99  ? 6.867   -5.789  8.180   1.00 7.94  ? 99  PHE A CZ  1 
ATOM   674  N N   . ILE A 1 100 ? 9.116   0.994   8.018   1.00 7.81  ? 100 ILE A N   1 
ATOM   675  C CA  . ILE A 1 100 ? 8.878   2.409   7.931   1.00 8.19  ? 100 ILE A CA  1 
ATOM   676  C C   . ILE A 1 100 ? 7.646   2.787   7.142   1.00 8.43  ? 100 ILE A C   1 
ATOM   677  O O   . ILE A 1 100 ? 7.237   3.860   7.126   1.00 8.25  ? 100 ILE A O   1 
ATOM   678  C CB  . ILE A 1 100 ? 10.109  3.207   7.438   1.00 9.65  ? 100 ILE A CB  1 
ATOM   679  C CG1 . ILE A 1 100 ? 10.416  2.831   5.994   1.00 12.13 ? 100 ILE A CG1 1 
ATOM   680  C CG2 . ILE A 1 100 ? 11.269  2.939   8.400   1.00 15.20 ? 100 ILE A CG2 1 
ATOM   681  C CD1 . ILE A 1 100 ? 11.179  3.892   5.229   1.00 16.08 ? 100 ILE A CD1 1 
ATOM   682  N N   . ALA A 1 101 ? 7.149   1.820   6.334   1.00 6.93  ? 101 ALA A N   1 
ATOM   683  C CA  . ALA A 1 101 ? 6.023   2.005   5.422   1.00 6.99  ? 101 ALA A CA  1 
ATOM   684  C C   . ALA A 1 101 ? 5.541   0.654   5.032   1.00 6.52  ? 101 ALA A C   1 
ATOM   685  O O   . ALA A 1 101 ? 6.248   -0.324  5.005   1.00 6.83  ? 101 ALA A O   1 
ATOM   686  C CB  . ALA A 1 101 ? 6.417   2.865   4.234   1.00 7.15  ? 101 ALA A CB  1 
ATOM   687  N N   . THR A 1 102 ? 4.253   0.674   4.661   1.00 7.11  ? 102 THR A N   1 
ATOM   688  C CA  . THR A 1 102 ? 3.654   -0.491  4.022   1.00 6.51  ? 102 THR A CA  1 
ATOM   689  C C   . THR A 1 102 ? 2.862   -0.066  2.794   1.00 5.60  ? 102 THR A C   1 
ATOM   690  O O   . THR A 1 102 ? 2.398   1.042   2.682   1.00 6.55  ? 102 THR A O   1 
ATOM   691  C CB  . THR A 1 102 ? 2.679   -1.275  4.914   1.00 8.73  ? 102 THR A CB  1 
ATOM   692  O OG1 . THR A 1 102 ? 1.544   -0.504  5.313   1.00 11.50 ? 102 THR A OG1 1 
ATOM   693  C CG2 . THR A 1 102 ? 3.313   -1.746  6.196   1.00 8.77  ? 102 THR A CG2 1 
ATOM   694  N N   . VAL A 1 103 ? 2.699   -0.991  1.895   1.00 5.69  ? 103 VAL A N   1 
ATOM   695  C CA  . VAL A 1 103 ? 1.868   -0.840  0.631   1.00 5.54  ? 103 VAL A CA  1 
ATOM   696  C C   . VAL A 1 103 ? 1.182   -2.150  0.370   1.00 4.43  ? 103 VAL A C   1 
ATOM   697  O O   . VAL A 1 103 ? 1.733   -3.231  0.612   1.00 5.34  ? 103 VAL A O   1 
ATOM   698  C CB  . VAL A 1 103 ? 2.703   -0.335  -0.527  1.00 5.02  ? 103 VAL A CB  1 
ATOM   699  C CG1 . VAL A 1 103 ? 3.789   -1.388  -0.944  1.00 8.14  ? 103 VAL A CG1 1 
ATOM   700  C CG2 . VAL A 1 103 ? 1.888   0.140   -1.673  1.00 5.26  ? 103 VAL A CG2 1 
ATOM   701  N N   . ARG A 1 104 ? 0.019   -2.074  -0.281  1.00 5.22  ? 104 ARG A N   1 
ATOM   702  C CA  . ARG A 1 104 ? -0.676  -3.338  -0.509  1.00 4.82  ? 104 ARG A CA  1 
ATOM   703  C C   . ARG A 1 104 ? -1.681  -3.198  -1.630  1.00 6.22  ? 104 ARG A C   1 
ATOM   704  O O   . ARG A 1 104 ? -2.065  -2.089  -1.976  1.00 5.89  ? 104 ARG A O   1 
ATOM   705  C CB  . ARG A 1 104 ? -1.416  -3.844  0.713   1.00 5.79  ? 104 ARG A CB  1 
ATOM   706  C CG  . ARG A 1 104 ? -2.430  -2.851  1.288   1.00 5.37  ? 104 ARG A CG  1 
ATOM   707  C CD  . ARG A 1 104 ? -3.024  -3.422  2.565   1.00 6.08  ? 104 ARG A CD  1 
ATOM   708  N NE  . ARG A 1 104 ? -2.043  -3.629  3.605   1.00 6.13  ? 104 ARG A NE  1 
ATOM   709  C CZ  . ARG A 1 104 ? -1.629  -4.852  3.968   1.00 6.71  ? 104 ARG A CZ  1 
ATOM   710  N NH1 . ARG A 1 104 ? -2.020  -5.976  3.411   1.00 6.24  ? 104 ARG A NH1 1 
ATOM   711  N NH2 . ARG A 1 104 ? -0.669  -4.978  4.920   1.00 7.50  ? 104 ARG A NH2 1 
ATOM   712  N N   . TYR A 1 105 ? -2.054  -4.313  -2.235  1.00 5.54  ? 105 TYR A N   1 
ATOM   713  C CA  . TYR A 1 105 ? -3.205  -4.404  -3.132  1.00 5.20  ? 105 TYR A CA  1 
ATOM   714  C C   . TYR A 1 105 ? -4.148  -5.485  -2.697  1.00 5.02  ? 105 TYR A C   1 
ATOM   715  O O   . TYR A 1 105 ? -3.699  -6.490  -2.123  1.00 4.50  ? 105 TYR A O   1 
ATOM   716  C CB  . TYR A 1 105 ? -2.829  -4.506  -4.602  1.00 5.96  ? 105 TYR A CB  1 
ATOM   717  C CG  . TYR A 1 105 ? -2.384  -5.851  -5.104  1.00 7.09  ? 105 TYR A CG  1 
ATOM   718  C CD1 . TYR A 1 105 ? -3.326  -6.886  -5.283  1.00 6.11  ? 105 TYR A CD1 1 
ATOM   719  C CD2 . TYR A 1 105 ? -1.096  -6.125  -5.527  1.00 5.48  ? 105 TYR A CD2 1 
ATOM   720  C CE1 . TYR A 1 105 ? -2.961  -8.119  -5.830  1.00 8.53  ? 105 TYR A CE1 1 
ATOM   721  C CE2 . TYR A 1 105 ? -0.768  -7.345  -6.065  1.00 8.19  ? 105 TYR A CE2 1 
ATOM   722  C CZ  . TYR A 1 105 ? -1.700  -8.310  -6.185  1.00 8.65  ? 105 TYR A CZ  1 
ATOM   723  O OH  . TYR A 1 105 ? -1.277  -9.563  -6.729  1.00 9.82  ? 105 TYR A OH  1 
ATOM   724  N N   . ASP A 1 106 ? -5.424  -5.296  -3.026  1.00 5.83  ? 106 ASP A N   1 
ATOM   725  C CA  . ASP A 1 106 ? -6.487  -6.300  -2.841  1.00 5.02  ? 106 ASP A CA  1 
ATOM   726  C C   . ASP A 1 106 ? -7.273  -6.373  -4.163  1.00 5.76  ? 106 ASP A C   1 
ATOM   727  O O   . ASP A 1 106 ? -7.878  -5.361  -4.543  1.00 7.35  ? 106 ASP A O   1 
ATOM   728  C CB  . ASP A 1 106 ? -7.442  -5.921  -1.731  1.00 7.51  ? 106 ASP A CB  1 
ATOM   729  C CG  . ASP A 1 106 ? -6.863  -6.055  -0.318  1.00 9.16  ? 106 ASP A CG  1 
ATOM   730  O OD1 . ASP A 1 106 ? -5.872  -5.308  0.011   1.00 10.26 ? 106 ASP A OD1 1 
ATOM   731  O OD2 . ASP A 1 106 ? -7.404  -6.912  0.431   1.00 10.15 ? 106 ASP A OD2 1 
ATOM   732  N N   . ARG A 1 107 ? -7.263  -7.535  -4.822  1.00 6.03  ? 107 ARG A N   1 
ATOM   733  C CA  . ARG A 1 107 ? -8.048  -7.739  -6.040  1.00 6.22  ? 107 ARG A CA  1 
ATOM   734  C C   . ARG A 1 107 ? -9.498  -7.686  -5.723  1.00 5.75  ? 107 ARG A C   1 
ATOM   735  O O   . ARG A 1 107 ? -9.987  -8.309  -4.787  1.00 8.34  ? 107 ARG A O   1 
ATOM   736  C CB  . ARG A 1 107 ? -7.689  -9.102  -6.568  1.00 8.38  ? 107 ARG A CB  1 
ATOM   737  C CG  . ARG A 1 107 ? -8.219  -9.299  -8.010  1.00 9.06  ? 107 ARG A CG  1 
ATOM   738  C CD  . ARG A 1 107 ? -8.074  -10.713 -8.547  1.00 8.88  ? 107 ARG A CD  1 
ATOM   739  N NE  . ARG A 1 107 ? -6.666  -11.198 -8.500  1.00 9.29  ? 107 ARG A NE  1 
ATOM   740  C CZ  . ARG A 1 107 ? -5.769  -11.209 -9.439  1.00 8.48  ? 107 ARG A CZ  1 
ATOM   741  N NH1 . ARG A 1 107 ? -5.966  -10.858 -10.688 1.00 11.67 ? 107 ARG A NH1 1 
ATOM   742  N NH2 . ARG A 1 107 ? -4.532  -11.693 -9.149  1.00 11.45 ? 107 ARG A NH2 1 
ATOM   743  N N   . ILE A 1 108 ? -10.225 -6.897  -6.528  1.00 9.00  ? 108 ILE A N   1 
ATOM   744  C CA  . ILE A 1 108 ? -11.635 -6.752  -6.292  1.00 11.36 ? 108 ILE A CA  1 
ATOM   745  C C   . ILE A 1 108 ? -12.426 -7.009  -7.595  1.00 14.09 ? 108 ILE A C   1 
ATOM   746  O O   . ILE A 1 108 ? -11.883 -6.907  -8.732  1.00 15.97 ? 108 ILE A O   1 
ATOM   747  C CB  . ILE A 1 108 ? -11.941 -5.336  -5.748  1.00 14.15 ? 108 ILE A CB  1 
ATOM   748  C CG1 . ILE A 1 108 ? -11.363 -4.320  -6.743  1.00 17.15 ? 108 ILE A CG1 1 
ATOM   749  C CG2 . ILE A 1 108 ? -11.433 -5.294  -4.337  1.00 12.17 ? 108 ILE A CG2 1 
ATOM   750  C CD1 . ILE A 1 108 ? -11.877 -2.908  -6.586  1.00 31.24 ? 108 ILE A CD1 1 
ATOM   751  N N   . GLY A 1 109 ? -13.640 -7.417  -7.328  1.00 14.52 ? 109 GLY A N   1 
ATOM   752  C CA  . GLY A 1 109 ? -14.591 -7.690  -8.419  1.00 18.74 ? 109 GLY A CA  1 
ATOM   753  C C   . GLY A 1 109 ? -15.367 -6.494  -8.869  1.00 18.44 ? 109 GLY A C   1 
ATOM   754  O O   . GLY A 1 109 ? -15.332 -5.447  -8.274  1.00 18.66 ? 109 GLY A O   1 
ATOM   755  N N   . ALA A 1 110 ? -16.154 -6.748  -9.925  1.00 23.35 ? 110 ALA A N   1 
ATOM   756  C CA  . ALA A 1 110 ? -17.068 -5.731  -10.474 1.00 35.21 ? 110 ALA A CA  1 
ATOM   757  C C   . ALA A 1 110 ? -17.910 -5.134  -9.376  1.00 26.25 ? 110 ALA A C   1 
ATOM   758  O O   . ALA A 1 110 ? -18.188 -3.964  -9.340  1.00 23.36 ? 110 ALA A O   1 
ATOM   759  C CB  . ALA A 1 110 ? -17.976 -6.391  -11.490 1.00 34.30 ? 110 ALA A CB  1 
ATOM   760  N N   . GLY A 1 111 ? -18.298 -5.958  -8.440  1.00 21.01 ? 111 GLY A N   1 
ATOM   761  C CA  . GLY A 1 111 ? -19.089 -5.455  -7.354  1.00 24.24 ? 111 GLY A CA  1 
ATOM   762  C C   . GLY A 1 111 ? -18.369 -4.825  -6.165  1.00 38.29 ? 111 GLY A C   1 
ATOM   763  O O   . GLY A 1 111 ? -18.992 -4.659  -5.127  1.00 47.32 ? 111 GLY A O   1 
ATOM   764  N N   . GLY A 1 112 ? -17.064 -4.510  -6.304  1.00 29.32 ? 112 GLY A N   1 
ATOM   765  C CA  . GLY A 1 112 ? -16.210 -3.992  -5.204  1.00 28.26 ? 112 GLY A CA  1 
ATOM   766  C C   . GLY A 1 112 ? -15.878 -4.958  -4.072  1.00 30.84 ? 112 GLY A C   1 
ATOM   767  O O   . GLY A 1 112 ? -15.271 -4.569  -3.103  1.00 37.78 ? 112 GLY A O   1 
ATOM   768  N N   . THR A 1 113 ? -16.227 -6.215  -4.174  1.00 19.32 ? 113 THR A N   1 
ATOM   769  C CA  . THR A 1 113 ? -15.933 -7.194  -3.166  1.00 18.87 ? 113 THR A CA  1 
ATOM   770  C C   . THR A 1 113 ? -14.643 -8.011  -3.525  1.00 17.00 ? 113 THR A C   1 
ATOM   771  O O   . THR A 1 113 ? -14.218 -7.998  -4.656  1.00 14.73 ? 113 THR A O   1 
ATOM   772  C CB  . THR A 1 113 ? -17.054 -8.233  -2.971  1.00 20.69 ? 113 THR A CB  1 
ATOM   773  O OG1 . THR A 1 113 ? -17.268 -8.933  -4.210  1.00 28.30 ? 113 THR A OG1 1 
ATOM   774  C CG2 . THR A 1 113 ? -18.381 -7.571  -2.481  1.00 27.10 ? 113 THR A CG2 1 
ATOM   775  N N   . PRO A 1 114 ? -14.065 -8.756  -2.577  1.00 14.43 ? 114 PRO A N   1 
ATOM   776  C CA  . PRO A 1 114 ? -12.833 -9.506  -2.972  1.00 16.43 ? 114 PRO A CA  1 
ATOM   777  C C   . PRO A 1 114 ? -13.119 -10.431 -4.154  1.00 18.00 ? 114 PRO A C   1 
ATOM   778  O O   . PRO A 1 114 ? -14.200 -11.028 -4.261  1.00 17.45 ? 114 PRO A O   1 
ATOM   779  C CB  . PRO A 1 114 ? -12.523 -10.322 -1.725  1.00 18.57 ? 114 PRO A CB  1 
ATOM   780  C CG  . PRO A 1 114 ? -13.103 -9.494  -0.613  1.00 22.51 ? 114 PRO A CG  1 
ATOM   781  C CD  . PRO A 1 114 ? -14.340 -8.815  -1.138  1.00 23.47 ? 114 PRO A CD  1 
ATOM   782  N N   . ALA A 1 115 ? -12.121 -10.629 -4.996  1.00 12.22 ? 115 ALA A N   1 
ATOM   783  C CA  . ALA A 1 115 ? -12.237 -11.462 -6.201  1.00 13.43 ? 115 ALA A CA  1 
ATOM   784  C C   . ALA A 1 115 ? -10.983 -12.198 -6.495  1.00 14.90 ? 115 ALA A C   1 
ATOM   785  O O   . ALA A 1 115 ? -9.923  -11.874 -5.993  1.00 15.00 ? 115 ALA A O   1 
ATOM   786  C CB  . ALA A 1 115 ? -12.624 -10.618 -7.400  1.00 17.34 ? 115 ALA A CB  1 
ATOM   787  N N   . THR A 1 116 ? -11.091 -13.170 -7.380  1.00 16.05 ? 116 THR A N   1 
ATOM   788  C CA  . THR A 1 116 ? -9.958  -13.912 -7.959  1.00 14.18 ? 116 THR A CA  1 
ATOM   789  C C   . THR A 1 116 ? -9.845  -13.651 -9.414  1.00 13.50 ? 116 THR A C   1 
ATOM   790  O O   . THR A 1 116 ? -10.784 -13.139 -10.037 1.00 13.09 ? 116 THR A O   1 
ATOM   791  C CB  . THR A 1 116 ? -10.106 -15.443 -7.789  1.00 17.83 ? 116 THR A CB  1 
ATOM   792  O OG1 . THR A 1 116 ? -11.278 -15.897 -8.508  1.00 18.08 ? 116 THR A OG1 1 
ATOM   793  C CG2 . THR A 1 116 ? -10.343 -15.824 -6.409  1.00 19.79 ? 116 THR A CG2 1 
ATOM   794  N N   . ALA A 1 117 ? -8.725  -13.916 -10.058 1.00 10.17 ? 117 ALA A N   1 
ATOM   795  C CA  . ALA A 1 117 ? -8.607  -13.875 -11.466 1.00 12.20 ? 117 ALA A CA  1 
ATOM   796  C C   . ALA A 1 117 ? -9.729  -14.685 -12.129 1.00 11.17 ? 117 ALA A C   1 
ATOM   797  O O   . ALA A 1 117 ? -10.145 -15.660 -11.553 1.00 13.35 ? 117 ALA A O   1 
ATOM   798  C CB  . ALA A 1 117 ? -7.257  -14.426 -11.956 1.00 12.13 ? 117 ALA A CB  1 
ATOM   799  N N   . PRO A 1 118 ? -10.251 -14.215 -13.251 1.00 12.41 ? 118 PRO A N   1 
ATOM   800  C CA  . PRO A 1 118 ? -9.796  -13.157 -14.110 1.00 12.06 ? 118 PRO A CA  1 
ATOM   801  C C   . PRO A 1 118 ? -10.297 -11.742 -13.821 1.00 13.25 ? 118 PRO A C   1 
ATOM   802  O O   . PRO A 1 118 ? -10.024 -10.898 -14.620 1.00 14.60 ? 118 PRO A O   1 
ATOM   803  C CB  . PRO A 1 118 ? -10.329 -13.594 -15.501 1.00 13.95 ? 118 PRO A CB  1 
ATOM   804  C CG  . PRO A 1 118 ? -11.532 -14.297 -15.135 1.00 14.97 ? 118 PRO A CG  1 
ATOM   805  C CD  . PRO A 1 118 ? -11.317 -15.055 -13.920 1.00 13.73 ? 118 PRO A CD  1 
ATOM   806  N N   . ALA A 1 119 ? -10.886 -11.508 -12.668 1.00 12.54 ? 119 ALA A N   1 
ATOM   807  C CA  . ALA A 1 119 ? -11.032 -10.113 -12.178 1.00 14.45 ? 119 ALA A CA  1 
ATOM   808  C C   . ALA A 1 119 ? -9.622  -9.529  -12.177 1.00 13.37 ? 119 ALA A C   1 
ATOM   809  O O   . ALA A 1 119 ? -8.659  -10.180 -11.738 1.00 12.39 ? 119 ALA A O   1 
ATOM   810  C CB  . ALA A 1 119 ? -11.646 -10.115 -10.807 1.00 16.31 ? 119 ALA A CB  1 
ATOM   811  N N   . ASP A 1 120 ? -9.451  -8.302  -12.677 1.00 11.65 ? 120 ASP A N   1 
ATOM   812  C CA  . ASP A 1 120 ? -8.161  -7.747  -12.943 1.00 11.27 ? 120 ASP A CA  1 
ATOM   813  C C   . ASP A 1 120 ? -7.965  -6.290  -12.393 1.00 12.53 ? 120 ASP A C   1 
ATOM   814  O O   . ASP A 1 120 ? -7.054  -5.629  -12.812 1.00 13.02 ? 120 ASP A O   1 
ATOM   815  C CB  . ASP A 1 120 ? -7.787  -7.776  -14.439 1.00 16.63 ? 120 ASP A CB  1 
ATOM   816  C CG  . ASP A 1 120 ? -8.717  -6.934  -15.309 1.00 20.34 ? 120 ASP A CG  1 
ATOM   817  O OD1 . ASP A 1 120 ? -9.660  -6.352  -14.838 1.00 19.17 ? 120 ASP A OD1 1 
ATOM   818  O OD2 . ASP A 1 120 ? -8.453  -6.882  -16.540 1.00 31.04 ? 120 ASP A OD2 1 
ATOM   819  N N   . GLU A 1 121 ? -8.851  -5.911  -11.501 1.00 13.06 ? 121 GLU A N   1 
ATOM   820  C CA  . GLU A 1 121 ? -8.698  -4.578  -10.813 1.00 11.30 ? 121 GLU A CA  1 
ATOM   821  C C   . GLU A 1 121 ? -8.346  -4.900  -9.365  1.00 8.86  ? 121 GLU A C   1 
ATOM   822  O O   . GLU A 1 121 ? -8.778  -5.856  -8.778  1.00 11.13 ? 121 GLU A O   1 
ATOM   823  C CB  . GLU A 1 121 ? -9.998  -3.795  -10.866 1.00 15.39 ? 121 GLU A CB  1 
ATOM   824  C CG  . GLU A 1 121 ? -10.681 -3.634  -12.246 0.50 14.48 ? 121 GLU A CG  1 
ATOM   825  C CD  . GLU A 1 121 ? -10.971 -2.191  -12.741 0.25 14.85 ? 121 GLU A CD  1 
ATOM   826  O OE1 . GLU A 1 121 ? -11.149 -2.045  -13.980 0.25 12.69 ? 121 GLU A OE1 1 
ATOM   827  O OE2 . GLU A 1 121 ? -11.028 -1.205  -11.973 0.25 14.01 ? 121 GLU A OE2 1 
ATOM   828  N N   . ALA A 1 122 ? -7.576  -3.958  -8.782  1.00 9.87  ? 122 ALA A N   1 
ATOM   829  C CA  . ALA A 1 122 ? -7.246  -4.026  -7.357  1.00 9.43  ? 122 ALA A CA  1 
ATOM   830  C C   . ALA A 1 122 ? -7.265  -2.633  -6.741  1.00 7.21  ? 122 ALA A C   1 
ATOM   831  O O   . ALA A 1 122 ? -6.839  -1.643  -7.358  1.00 8.92  ? 122 ALA A O   1 
ATOM   832  C CB  . ALA A 1 122 ? -5.917  -4.681  -7.138  1.00 9.70  ? 122 ALA A CB  1 
ATOM   833  N N   . GLU A 1 123 ? -7.617  -2.657  -5.473  1.00 7.46  ? 123 GLU A N   1 
ATOM   834  C CA  . GLU A 1 123 ? -7.533  -1.439  -4.625  1.00 6.89  ? 123 GLU A CA  1 
ATOM   835  C C   . GLU A 1 123 ? -6.133  -1.406  -4.046  1.00 5.23  ? 123 GLU A C   1 
ATOM   836  O O   . GLU A 1 123 ? -5.626  -2.404  -3.544  1.00 7.97  ? 123 GLU A O   1 
ATOM   837  C CB  . GLU A 1 123 ? -8.560  -1.505  -3.592  1.00 8.64  ? 123 GLU A CB  1 
ATOM   838  C CG  . GLU A 1 123 ? -9.948  -1.336  -4.202  1.00 18.91 ? 123 GLU A CG  1 
ATOM   839  C CD  . GLU A 1 123 ? -11.103 -1.107  -3.274  1.00 40.99 ? 123 GLU A CD  1 
ATOM   840  O OE1 . GLU A 1 123 ? -10.898 -1.200  -2.077  1.00 26.95 ? 123 GLU A OE1 1 
ATOM   841  O OE2 . GLU A 1 123 ? -12.236 -0.867  -3.773  1.00 41.40 ? 123 GLU A OE2 1 
ATOM   842  N N   . VAL A 1 124 ? -5.499  -0.266  -4.104  1.00 6.00  ? 124 VAL A N   1 
ATOM   843  C CA  A VAL A 1 124 ? -4.129  -0.059  -3.583  0.70 6.39  ? 124 VAL A CA  1 
ATOM   844  C CA  B VAL A 1 124 ? -4.159  -0.047  -3.539  0.30 6.08  ? 124 VAL A CA  1 
ATOM   845  C C   . VAL A 1 124 ? -4.195  0.914   -2.405  1.00 6.32  ? 124 VAL A C   1 
ATOM   846  O O   . VAL A 1 124 ? -4.958  1.868   -2.400  1.00 7.78  ? 124 VAL A O   1 
ATOM   847  C CB  A VAL A 1 124 ? -3.168  0.450   -4.702  0.70 8.49  ? 124 VAL A CB  1 
ATOM   848  C CB  B VAL A 1 124 ? -3.214  0.558   -4.569  0.30 6.23  ? 124 VAL A CB  1 
ATOM   849  C CG1 A VAL A 1 124 ? -3.553  1.848   -5.176  0.70 7.03  ? 124 VAL A CG1 1 
ATOM   850  C CG1 B VAL A 1 124 ? -1.856  1.046   -4.006  0.30 6.07  ? 124 VAL A CG1 1 
ATOM   851  C CG2 A VAL A 1 124 ? -1.658  0.376   -4.365  0.70 9.96  ? 124 VAL A CG2 1 
ATOM   852  C CG2 B VAL A 1 124 ? -2.977  -0.502  -5.594  0.30 8.45  ? 124 VAL A CG2 1 
ATOM   853  N N   . ALA A 1 125 ? -3.329  0.683   -1.429  1.00 5.60  ? 125 ALA A N   1 
ATOM   854  C CA  . ALA A 1 125 ? -3.236  1.503   -0.228  1.00 6.48  ? 125 ALA A CA  1 
ATOM   855  C C   . ALA A 1 125 ? -1.816  1.490   0.291   1.00 4.99  ? 125 ALA A C   1 
ATOM   856  O O   . ALA A 1 125 ? -1.043  0.625   -0.076  1.00 6.51  ? 125 ALA A O   1 
ATOM   857  C CB  . ALA A 1 125 ? -4.116  0.928   0.841   1.00 8.15  ? 125 ALA A CB  1 
ATOM   858  N N   . PHE A 1 126 ? -1.443  2.570   0.972   1.00 6.57  ? 126 PHE A N   1 
ATOM   859  C CA  . PHE A 1 126 ? -0.113  2.627   1.572   1.00 6.81  ? 126 PHE A CA  1 
ATOM   860  C C   . PHE A 1 126 ? -0.132  3.517   2.849   1.00 8.47  ? 126 PHE A C   1 
ATOM   861  O O   . PHE A 1 126 ? -1.066  4.278   3.074   1.00 8.89  ? 126 PHE A O   1 
ATOM   862  C CB  . PHE A 1 126 ? 1.020   3.141   0.651   1.00 11.82 ? 126 PHE A CB  1 
ATOM   863  C CG  . PHE A 1 126 ? 0.921   4.579   0.284   1.00 10.07 ? 126 PHE A CG  1 
ATOM   864  C CD1 . PHE A 1 126 ? 1.362   5.661   1.087   1.00 10.77 ? 126 PHE A CD1 1 
ATOM   865  C CD2 . PHE A 1 126 ? 0.370   4.909   -1.005  1.00 16.08 ? 126 PHE A CD2 1 
ATOM   866  C CE1 . PHE A 1 126 ? 1.193   6.991   0.601   1.00 12.22 ? 126 PHE A CE1 1 
ATOM   867  C CE2 . PHE A 1 126 ? 0.250   6.197   -1.447  1.00 16.15 ? 126 PHE A CE2 1 
ATOM   868  C CZ  . PHE A 1 126 ? 0.639   7.224   -0.669  1.00 14.39 ? 126 PHE A CZ  1 
ATOM   869  N N   . LEU A 1 127 ? 0.857   3.310   3.692   1.00 7.40  ? 127 LEU A N   1 
ATOM   870  C CA  . LEU A 1 127 ? 0.990   4.044   4.960   1.00 7.81  ? 127 LEU A CA  1 
ATOM   871  C C   . LEU A 1 127 ? 2.468   4.217   5.237   1.00 6.68  ? 127 LEU A C   1 
ATOM   872  O O   . LEU A 1 127 ? 3.221   3.294   5.213   1.00 7.21  ? 127 LEU A O   1 
ATOM   873  C CB  . LEU A 1 127 ? 0.324   3.333   6.052   1.00 8.35  ? 127 LEU A CB  1 
ATOM   874  C CG  . LEU A 1 127 ? 0.229   4.015   7.421   1.00 9.02  ? 127 LEU A CG  1 
ATOM   875  C CD1 . LEU A 1 127 ? -0.565  5.297   7.336   1.00 10.84 ? 127 LEU A CD1 1 
ATOM   876  C CD2 . LEU A 1 127 ? -0.337  3.108   8.427   1.00 9.53  ? 127 LEU A CD2 1 
ATOM   877  N N   . VAL A 1 128 ? 2.888   5.466   5.463   1.00 9.74  ? 128 VAL A N   1 
ATOM   878  C CA  . VAL A 1 128 ? 4.272   5.836   5.742   1.00 10.10 ? 128 VAL A CA  1 
ATOM   879  C C   . VAL A 1 128 ? 4.374   6.538   7.092   1.00 11.63 ? 128 VAL A C   1 
ATOM   880  O O   . VAL A 1 128 ? 3.579   7.443   7.427   1.00 13.75 ? 128 VAL A O   1 
ATOM   881  C CB  . VAL A 1 128 ? 4.863   6.714   4.651   1.00 10.61 ? 128 VAL A CB  1 
ATOM   882  C CG1 . VAL A 1 128 ? 6.364   7.014   4.874   1.00 12.32 ? 128 VAL A CG1 1 
ATOM   883  C CG2 . VAL A 1 128 ? 4.702   6.154   3.242   1.00 16.93 ? 128 VAL A CG2 1 
ATOM   884  N N   . GLN A 1 129 ? 5.383   6.114   7.879   1.00 10.69 ? 129 GLN A N   1 
ATOM   885  C CA  . GLN A 1 129 ? 5.699   6.828   9.129   1.00 11.78 ? 129 GLN A CA  1 
ATOM   886  C C   . GLN A 1 129 ? 6.027   8.270   8.775   1.00 13.42 ? 129 GLN A C   1 
ATOM   887  O O   . GLN A 1 129 ? 6.770   8.574   7.872   1.00 12.30 ? 129 GLN A O   1 
ATOM   888  C CB  . GLN A 1 129 ? 6.861   6.213   9.778   1.00 12.22 ? 129 GLN A CB  1 
ATOM   889  C CG  . GLN A 1 129 ? 6.586   4.924   10.478  1.00 15.72 ? 129 GLN A CG  1 
ATOM   890  C CD  . GLN A 1 129 ? 7.781   4.342   11.163  1.00 14.40 ? 129 GLN A CD  1 
ATOM   891  O OE1 . GLN A 1 129 ? 8.901   4.671   10.841  1.00 16.70 ? 129 GLN A OE1 1 
ATOM   892  N NE2 . GLN A 1 129 ? 7.537   3.466   12.069  1.00 13.34 ? 129 GLN A NE2 1 
ATOM   893  N N   . ASP A 1 130 ? 5.479   9.187   9.574   1.00 20.56 ? 130 ASP A N   1 
ATOM   894  C CA  . ASP A 1 130 ? 5.605   10.600  9.274   1.00 17.95 ? 130 ASP A CA  1 
ATOM   895  C C   . ASP A 1 130 ? 7.067   11.089  9.236   1.00 16.88 ? 130 ASP A C   1 
ATOM   896  O O   . ASP A 1 130 ? 7.377   11.857  8.327   1.00 21.86 ? 130 ASP A O   1 
ATOM   897  C CB  . ASP A 1 130 ? 4.849   11.408  10.356  1.00 21.56 ? 130 ASP A CB  1 
ATOM   898  C CG  . ASP A 1 130 ? 3.343   11.021  10.419  1.00 23.42 ? 130 ASP A CG  1 
ATOM   899  O OD1 . ASP A 1 130 ? 2.995   9.808   10.713  1.00 26.04 ? 130 ASP A OD1 1 
ATOM   900  O OD2 . ASP A 1 130 ? 2.501   11.923  10.208  1.00 33.89 ? 130 ASP A OD2 1 
ATOM   901  N N   . ALA A 1 131 ? 7.905   10.464  10.048  1.00 16.74 ? 131 ALA A N   1 
ATOM   902  C CA  . ALA A 1 131 ? 9.371   10.777  10.087  1.00 19.18 ? 131 ALA A CA  1 
ATOM   903  C C   . ALA A 1 131 ? 10.107  10.485  8.786   1.00 22.27 ? 131 ALA A C   1 
ATOM   904  O O   . ALA A 1 131 ? 11.192  10.957  8.493   1.00 23.09 ? 131 ALA A O   1 
ATOM   905  C CB  . ALA A 1 131 ? 10.042  10.039  11.234  1.00 20.95 ? 131 ALA A CB  1 
ATOM   906  N N   . HIS A 1 132 ? 9.547   9.600   7.969   1.00 15.61 ? 132 HIS A N   1 
ATOM   907  C CA  . HIS A 1 132 ? 10.102  9.208   6.696   1.00 19.04 ? 132 HIS A CA  1 
ATOM   908  C C   . HIS A 1 132 ? 9.379   9.734   5.535   1.00 17.48 ? 132 HIS A C   1 
ATOM   909  O O   . HIS A 1 132 ? 9.611   9.343   4.408   1.00 16.71 ? 132 HIS A O   1 
ATOM   910  C CB  . HIS A 1 132 ? 10.187  7.683   6.642   1.00 14.55 ? 132 HIS A CB  1 
ATOM   911  C CG  . HIS A 1 132 ? 11.223  7.159   7.561   1.00 14.66 ? 132 HIS A CG  1 
ATOM   912  N ND1 . HIS A 1 132 ? 11.003  6.544   8.755   1.00 20.51 ? 132 HIS A ND1 1 
ATOM   913  C CD2 . HIS A 1 132 ? 12.561  7.203   7.403   1.00 16.27 ? 132 HIS A CD2 1 
ATOM   914  C CE1 . HIS A 1 132 ? 12.164  6.256   9.340   1.00 16.86 ? 132 HIS A CE1 1 
ATOM   915  N NE2 . HIS A 1 132 ? 13.110  6.641   8.520   1.00 22.85 ? 132 HIS A NE2 1 
ATOM   916  N N   . GLN A 1 133 ? 8.450   10.668  5.760   1.00 18.39 ? 133 GLN A N   1 
ATOM   917  C CA  . GLN A 1 133 ? 7.924   11.362  4.662   1.00 18.84 ? 133 GLN A CA  1 
ATOM   918  C C   . GLN A 1 133 ? 8.995   12.292  3.987   1.00 19.98 ? 133 GLN A C   1 
ATOM   919  O O   . GLN A 1 133 ? 10.039  12.612  4.583   1.00 22.28 ? 133 GLN A O   1 
ATOM   920  C CB  . GLN A 1 133 ? 6.638   12.108  5.058   1.00 25.58 ? 133 GLN A CB  1 
ATOM   921  C CG  . GLN A 1 133 ? 5.433   11.134  5.134   1.00 27.39 ? 133 GLN A CG  1 
ATOM   922  C CD  . GLN A 1 133 ? 4.216   11.635  5.881   1.00 55.99 ? 133 GLN A CD  1 
ATOM   923  O OE1 . GLN A 1 133 ? 4.123   12.795  6.280   1.00 53.46 ? 133 GLN A OE1 1 
ATOM   924  N NE2 . GLN A 1 133 ? 3.276   10.729  6.093   1.00 42.16 ? 133 GLN A NE2 1 
ATOM   925  N N   . GLY A 1 134 ? 8.745   12.658  2.751   1.00 20.66 ? 134 GLY A N   1 
ATOM   926  C CA  . GLY A 1 134 ? 9.603   13.548  2.019   1.00 28.09 ? 134 GLY A CA  1 
ATOM   927  C C   . GLY A 1 134 ? 10.801  12.895  1.370   1.00 25.34 ? 134 GLY A C   1 
ATOM   928  O O   . GLY A 1 134 ? 11.584  13.557  0.735   1.00 24.94 ? 134 GLY A O   1 
ATOM   929  N N   . ARG A 1 135 ? 10.882  11.564  1.470   1.00 16.91 ? 135 ARG A N   1 
ATOM   930  C CA  . ARG A 1 135 ? 12.096  10.793  1.095   1.00 17.66 ? 135 ARG A CA  1 
ATOM   931  C C   . ARG A 1 135 ? 11.841  9.951   -0.184  1.00 13.51 ? 135 ARG A C   1 
ATOM   932  O O   . ARG A 1 135 ? 12.725  9.210   -0.575  1.00 18.69 ? 135 ARG A O   1 
ATOM   933  C CB  . ARG A 1 135 ? 12.506  9.881   2.245   1.00 17.51 ? 135 ARG A CB  1 
ATOM   934  C CG  . ARG A 1 135 ? 12.860  10.575  3.545   1.00 16.66 ? 135 ARG A CG  1 
ATOM   935  C CD  . ARG A 1 135 ? 13.462  9.622   4.525   1.00 20.25 ? 135 ARG A CD  1 
ATOM   936  N NE  . ARG A 1 135 ? 14.735  9.134   3.941   1.00 21.35 ? 135 ARG A NE  1 
ATOM   937  C CZ  . ARG A 1 135 ? 15.363  8.031   4.346   1.00 32.21 ? 135 ARG A CZ  1 
ATOM   938  N NH1 . ARG A 1 135 ? 14.849  7.269   5.302   1.00 25.92 ? 135 ARG A NH1 1 
ATOM   939  N NH2 . ARG A 1 135 ? 16.525  7.699   3.791   1.00 22.77 ? 135 ARG A NH2 1 
ATOM   940  N N   . GLY A 1 136 ? 10.667  10.040  -0.787  1.00 13.75 ? 136 GLY A N   1 
ATOM   941  C CA  . GLY A 1 136 ? 10.332  9.272   -1.942  1.00 15.04 ? 136 GLY A CA  1 
ATOM   942  C C   . GLY A 1 136 ? 9.898   7.804   -1.631  1.00 11.56 ? 136 GLY A C   1 
ATOM   943  O O   . GLY A 1 136 ? 9.881   7.002   -2.531  1.00 12.98 ? 136 GLY A O   1 
ATOM   944  N N   . VAL A 1 137 ? 9.590   7.514   -0.386  1.00 12.47 ? 137 VAL A N   1 
ATOM   945  C CA  . VAL A 1 137 ? 9.210   6.139   -0.003  1.00 10.69 ? 137 VAL A CA  1 
ATOM   946  C C   . VAL A 1 137 ? 7.918   5.770   -0.713  1.00 11.46 ? 137 VAL A C   1 
ATOM   947  O O   . VAL A 1 137 ? 7.830   4.682   -1.257  1.00 10.45 ? 137 VAL A O   1 
ATOM   948  C CB  . VAL A 1 137 ? 9.040   6.034   1.462   1.00 10.47 ? 137 VAL A CB  1 
ATOM   949  C CG1 . VAL A 1 137 ? 8.461   4.705   1.837   1.00 10.32 ? 137 VAL A CG1 1 
ATOM   950  C CG2 . VAL A 1 137 ? 10.354  6.196   2.217   1.00 12.17 ? 137 VAL A CG2 1 
ATOM   951  N N   . ALA A 1 138 ? 6.923   6.610   -0.646  1.00 10.27 ? 138 ALA A N   1 
ATOM   952  C CA  . ALA A 1 138 ? 5.660   6.228   -1.315  1.00 10.47 ? 138 ALA A CA  1 
ATOM   953  C C   . ALA A 1 138 ? 5.805   5.999   -2.750  1.00 11.67 ? 138 ALA A C   1 
ATOM   954  O O   . ALA A 1 138 ? 5.212   5.086   -3.361  1.00 11.62 ? 138 ALA A O   1 
ATOM   955  C CB  . ALA A 1 138 ? 4.576   7.283   -1.034  1.00 15.05 ? 138 ALA A CB  1 
ATOM   956  N N   . SER A 1 139 ? 6.579   6.870   -3.421  1.00 11.40 ? 139 SER A N   1 
ATOM   957  C CA  . SER A 1 139 ? 6.785   6.760   -4.831  1.00 12.35 ? 139 SER A CA  1 
ATOM   958  C C   . SER A 1 139 ? 7.413   5.361   -5.175  1.00 11.29 ? 139 SER A C   1 
ATOM   959  O O   . SER A 1 139 ? 7.000   4.681   -6.098  1.00 11.86 ? 139 SER A O   1 
ATOM   960  C CB  . SER A 1 139 ? 7.686   7.910   -5.356  1.00 17.25 ? 139 SER A CB  1 
ATOM   961  O OG  . SER A 1 139 ? 8.216   7.687   -6.639  1.00 24.14 ? 139 SER A OG  1 
ATOM   962  N N   . ALA A 1 140 ? 8.413   4.990   -4.396  1.00 10.23 ? 140 ALA A N   1 
ATOM   963  C CA  . ALA A 1 140 ? 9.130   3.738   -4.613  1.00 10.02 ? 140 ALA A CA  1 
ATOM   964  C C   . ALA A 1 140 ? 8.172   2.546   -4.352  1.00 10.26 ? 140 ALA A C   1 
ATOM   965  O O   . ALA A 1 140 ? 8.161   1.585   -5.082  1.00 11.73 ? 140 ALA A O   1 
ATOM   966  C CB  . ALA A 1 140 ? 10.320  3.660   -3.701  1.00 11.69 ? 140 ALA A CB  1 
ATOM   967  N N   . LEU A 1 141 ? 7.393   2.634   -3.294  1.00 9.49  ? 141 LEU A N   1 
ATOM   968  C CA  . LEU A 1 141 ? 6.412   1.525   -2.996  1.00 10.06 ? 141 LEU A CA  1 
ATOM   969  C C   . LEU A 1 141 ? 5.353   1.428   -4.024  1.00 7.93  ? 141 LEU A C   1 
ATOM   970  O O   . LEU A 1 141 ? 4.939   0.301   -4.361  1.00 8.82  ? 141 LEU A O   1 
ATOM   971  C CB  . LEU A 1 141 ? 5.814   1.693   -1.615  1.00 10.80 ? 141 LEU A CB  1 
ATOM   972  C CG  . LEU A 1 141 ? 6.825   1.300   -0.477  1.00 14.30 ? 141 LEU A CG  1 
ATOM   973  C CD1 . LEU A 1 141 ? 6.224   1.499   0.846   1.00 18.36 ? 141 LEU A CD1 1 
ATOM   974  C CD2 . LEU A 1 141 ? 7.279   -0.130  -0.579  1.00 14.75 ? 141 LEU A CD2 1 
ATOM   975  N N   . LEU A 1 142 ? 4.854   2.521   -4.549  1.00 8.31  ? 142 LEU A N   1 
ATOM   976  C CA  . LEU A 1 142 ? 3.881   2.428   -5.626  1.00 8.21  ? 142 LEU A CA  1 
ATOM   977  C C   . LEU A 1 142 ? 4.422   1.761   -6.883  1.00 10.12 ? 142 LEU A C   1 
ATOM   978  O O   . LEU A 1 142 ? 3.746   1.029   -7.547  1.00 8.63  ? 142 LEU A O   1 
ATOM   979  C CB  . LEU A 1 142 ? 3.260   3.776   -5.931  1.00 8.93  ? 142 LEU A CB  1 
ATOM   980  C CG  . LEU A 1 142 ? 2.311   4.354   -4.858  1.00 9.81  ? 142 LEU A CG  1 
ATOM   981  C CD1 . LEU A 1 142 ? 1.802   5.751   -5.205  1.00 13.42 ? 142 LEU A CD1 1 
ATOM   982  C CD2 . LEU A 1 142 ? 1.112   3.486   -4.602  1.00 9.96  ? 142 LEU A CD2 1 
ATOM   983  N N   . GLU A 1 143 ? 5.666   2.101   -7.195  1.00 8.96  ? 143 GLU A N   1 
ATOM   984  C CA  . GLU A 1 143 ? 6.296   1.428   -8.336  1.00 11.03 ? 143 GLU A CA  1 
ATOM   985  C C   . GLU A 1 143 ? 6.475   -0.078  -8.088  1.00 8.00  ? 143 GLU A C   1 
ATOM   986  O O   . GLU A 1 143 ? 6.198   -0.886  -8.983  1.00 9.52  ? 143 GLU A O   1 
ATOM   987  C CB  . GLU A 1 143 ? 7.652   2.080   -8.570  1.00 14.47 ? 143 GLU A CB  1 
ATOM   988  C CG  . GLU A 1 143 ? 8.426   1.595   -9.782  0.50 13.72 ? 143 GLU A CG  1 
ATOM   989  C CD  . GLU A 1 143 ? 9.642   2.495   -10.058 0.25 10.79 ? 143 GLU A CD  1 
ATOM   990  O OE1 . GLU A 1 143 ? 9.450   3.721   -10.181 0.10 9.31  ? 143 GLU A OE1 1 
ATOM   991  O OE2 . GLU A 1 143 ? 10.787  1.998   -10.133 0.10 13.76 ? 143 GLU A OE2 1 
ATOM   992  N N   . HIS A 1 144 ? 6.902   -0.434  -6.895  1.00 8.25  ? 144 HIS A N   1 
ATOM   993  C CA  . HIS A 1 144 ? 7.128   -1.841  -6.587  1.00 8.13  ? 144 HIS A CA  1 
ATOM   994  C C   . HIS A 1 144 ? 5.823   -2.591  -6.511  1.00 9.22  ? 144 HIS A C   1 
ATOM   995  O O   . HIS A 1 144 ? 5.756   -3.730  -7.070  1.00 11.73 ? 144 HIS A O   1 
ATOM   996  C CB  . HIS A 1 144 ? 7.945   -1.955  -5.334  1.00 10.48 ? 144 HIS A CB  1 
ATOM   997  C CG  . HIS A 1 144 ? 8.616   -3.240  -5.130  0.75 13.41 ? 144 HIS A CG  1 
ATOM   998  N ND1 . HIS A 1 144 ? 9.993   -3.346  -5.050  0.75 22.97 ? 144 HIS A ND1 1 
ATOM   999  C CD2 . HIS A 1 144 ? 8.122   -4.461  -4.851  0.75 11.99 ? 144 HIS A CD2 1 
ATOM   1000 C CE1 . HIS A 1 144 ? 10.303  -4.602  -4.769  0.75 23.94 ? 144 HIS A CE1 1 
ATOM   1001 N NE2 . HIS A 1 144 ? 9.187   -5.292  -4.629  0.75 15.54 ? 144 HIS A NE2 1 
ATOM   1002 N N   . ILE A 1 145 ? 4.773   -2.070  -5.901  1.00 8.54  ? 145 ILE A N   1 
ATOM   1003 C CA  . ILE A 1 145 ? 3.523   -2.828  -5.859  1.00 7.03  ? 145 ILE A CA  1 
ATOM   1004 C C   . ILE A 1 145 ? 2.923   -2.990  -7.280  1.00 8.43  ? 145 ILE A C   1 
ATOM   1005 O O   . ILE A 1 145 ? 2.294   -4.009  -7.550  1.00 8.49  ? 145 ILE A O   1 
ATOM   1006 C CB  . ILE A 1 145 ? 2.505   -2.172  -4.896  1.00 7.61  ? 145 ILE A CB  1 
ATOM   1007 C CG1 . ILE A 1 145 ? 1.347   -3.114  -4.437  1.00 8.66  ? 145 ILE A CG1 1 
ATOM   1008 C CG2 . ILE A 1 145 ? 1.906   -0.946  -5.353  1.00 7.82  ? 145 ILE A CG2 1 
ATOM   1009 C CD1 . ILE A 1 145 ? 1.708   -4.284  -3.620  1.00 10.17 ? 145 ILE A CD1 1 
ATOM   1010 N N   . ALA A 1 146 ? 3.115   -2.012  -8.195  1.00 7.74  ? 146 ALA A N   1 
ATOM   1011 C CA  . ALA A 1 146 ? 2.692   -2.181  -9.562  1.00 8.12  ? 146 ALA A CA  1 
ATOM   1012 C C   . ALA A 1 146 ? 3.473   -3.298  -10.222 1.00 8.76  ? 146 ALA A C   1 
ATOM   1013 O O   . ALA A 1 146 ? 2.837   -4.062  -10.955 1.00 10.36 ? 146 ALA A O   1 
ATOM   1014 C CB  . ALA A 1 146 ? 2.851   -0.870  -10.292 1.00 9.96  ? 146 ALA A CB  1 
ATOM   1015 N N   . ALA A 1 147 ? 4.749   -3.396  -10.000 1.00 9.71  ? 147 ALA A N   1 
ATOM   1016 C CA  . ALA A 1 147 ? 5.550   -4.402  -10.692 1.00 12.83 ? 147 ALA A CA  1 
ATOM   1017 C C   . ALA A 1 147 ? 5.096   -5.799  -10.261 1.00 9.65  ? 147 ALA A C   1 
ATOM   1018 O O   . ALA A 1 147 ? 4.917   -6.743  -11.065 1.00 13.98 ? 147 ALA A O   1 
ATOM   1019 C CB  . ALA A 1 147 ? 7.006   -4.208  -10.411 1.00 12.17 ? 147 ALA A CB  1 
ATOM   1020 N N   . VAL A 1 148 ? 4.819   -6.004  -8.966  1.00 9.05  ? 148 VAL A N   1 
ATOM   1021 C CA  A VAL A 1 148 ? 4.338   -7.259  -8.404  0.50 10.55 ? 148 VAL A CA  1 
ATOM   1022 C CA  B VAL A 1 148 ? 4.365   -7.306  -8.487  0.50 10.61 ? 148 VAL A CA  1 
ATOM   1023 C C   . VAL A 1 148 ? 2.964   -7.564  -8.973  1.00 10.68 ? 148 VAL A C   1 
ATOM   1024 O O   . VAL A 1 148 ? 2.617   -8.693  -9.381  1.00 10.46 ? 148 VAL A O   1 
ATOM   1025 C CB  A VAL A 1 148 ? 4.251   -7.114  -6.881  0.50 11.02 ? 148 VAL A CB  1 
ATOM   1026 C CB  B VAL A 1 148 ? 4.526   -7.510  -6.970  0.50 9.83  ? 148 VAL A CB  1 
ATOM   1027 C CG1 A VAL A 1 148 ? 3.418   -8.211  -6.272  0.50 12.09 ? 148 VAL A CG1 1 
ATOM   1028 C CG1 B VAL A 1 148 ? 5.996   -7.358  -6.605  0.50 9.25  ? 148 VAL A CG1 1 
ATOM   1029 C CG2 A VAL A 1 148 ? 5.658   -7.078  -6.300  0.50 11.59 ? 148 VAL A CG2 1 
ATOM   1030 C CG2 B VAL A 1 148 ? 3.666   -6.594  -6.152  0.50 10.28 ? 148 VAL A CG2 1 
ATOM   1031 N N   . ALA A 1 149 ? 2.052   -6.633  -8.935  1.00 9.26  ? 149 ALA A N   1 
ATOM   1032 C CA  . ALA A 1 149 ? 0.728   -6.774  -9.399  1.00 9.42  ? 149 ALA A CA  1 
ATOM   1033 C C   . ALA A 1 149 ? 0.662   -7.194  -10.919 1.00 10.98 ? 149 ALA A C   1 
ATOM   1034 O O   . ALA A 1 149 ? -0.206  -7.983  -11.291 1.00 9.69  ? 149 ALA A O   1 
ATOM   1035 C CB  . ALA A 1 149 ? -0.043  -5.462  -9.236  1.00 9.64  ? 149 ALA A CB  1 
ATOM   1036 N N   . ARG A 1 150 ? 1.530   -6.591  -11.721 1.00 12.76 ? 150 ARG A N   1 
ATOM   1037 C CA  . ARG A 1 150 ? 1.588   -6.979  -13.189 1.00 14.00 ? 150 ARG A CA  1 
ATOM   1038 C C   . ARG A 1 150 ? 1.844   -8.451  -13.271 1.00 16.65 ? 150 ARG A C   1 
ATOM   1039 O O   . ARG A 1 150 ? 1.294   -9.130  -14.154 1.00 16.18 ? 150 ARG A O   1 
ATOM   1040 C CB  . ARG A 1 150 ? 2.674   -6.237  -13.910 1.00 13.42 ? 150 ARG A CB  1 
ATOM   1041 C CG  . ARG A 1 150 ? 2.413   -4.798  -14.180 1.00 19.96 ? 150 ARG A CG  1 
ATOM   1042 C CD  . ARG A 1 150 ? 3.460   -4.076  -15.052 1.00 16.54 ? 150 ARG A CD  1 
ATOM   1043 N NE  . ARG A 1 150 ? 3.098   -2.707  -15.007 1.00 18.18 ? 150 ARG A NE  1 
ATOM   1044 C CZ  . ARG A 1 150 ? 3.648   -1.801  -14.218 1.00 16.08 ? 150 ARG A CZ  1 
ATOM   1045 N NH1 . ARG A 1 150 ? 4.763   -2.048  -13.471 1.00 17.17 ? 150 ARG A NH1 1 
ATOM   1046 N NH2 . ARG A 1 150 ? 3.142   -0.595  -14.198 1.00 15.77 ? 150 ARG A NH2 1 
ATOM   1047 N N   . GLU A 1 151 ? 2.710   -8.990  -12.424 1.00 13.45 ? 151 GLU A N   1 
ATOM   1048 C CA  . GLU A 1 151 ? 3.011   -10.426 -12.452 1.00 12.11 ? 151 GLU A CA  1 
ATOM   1049 C C   . GLU A 1 151 ? 1.823   -11.289 -12.029 1.00 20.17 ? 151 GLU A C   1 
ATOM   1050 O O   . GLU A 1 151 ? 1.819   -12.483 -12.301 1.00 25.71 ? 151 GLU A O   1 
ATOM   1051 C CB  . GLU A 1 151 ? 4.143   -10.734 -11.548 1.00 15.20 ? 151 GLU A CB  1 
ATOM   1052 C CG  . GLU A 1 151 ? 5.474   -10.283 -12.007 1.00 18.57 ? 151 GLU A CG  1 
ATOM   1053 C CD  . GLU A 1 151 ? 6.659   -10.761 -11.171 1.00 19.58 ? 151 GLU A CD  1 
ATOM   1054 O OE1 . GLU A 1 151 ? 6.572   -11.694 -10.327 1.00 20.11 ? 151 GLU A OE1 1 
ATOM   1055 O OE2 . GLU A 1 151 ? 7.739   -10.147 -11.492 1.00 29.24 ? 151 GLU A OE2 1 
ATOM   1056 N N   . ARG A 1 152 ? 0.806   -10.770 -11.340 1.00 11.39 ? 152 ARG A N   1 
ATOM   1057 C CA  . ARG A 1 152 ? -0.315  -11.483 -10.913 1.00 12.03 ? 152 ARG A CA  1 
ATOM   1058 C C   . ARG A 1 152 ? -1.584  -11.143 -11.747 1.00 10.53 ? 152 ARG A C   1 
ATOM   1059 O O   . ARG A 1 152 ? -2.702  -11.343 -11.326 1.00 13.71 ? 152 ARG A O   1 
ATOM   1060 C CB  . ARG A 1 152 ? -0.519  -11.174 -9.384  1.00 10.48 ? 152 ARG A CB  1 
ATOM   1061 C CG  . ARG A 1 152 ? 0.588   -11.699 -8.542  1.00 9.95  ? 152 ARG A CG  1 
ATOM   1062 C CD  . ARG A 1 152 ? 0.700   -13.254 -8.682  1.00 13.75 ? 152 ARG A CD  1 
ATOM   1063 N NE  . ARG A 1 152 ? 1.447   -13.890 -7.639  1.00 9.84  ? 152 ARG A NE  1 
ATOM   1064 C CZ  . ARG A 1 152 ? 2.577   -14.588 -7.722  1.00 11.60 ? 152 ARG A CZ  1 
ATOM   1065 N NH1 . ARG A 1 152 ? 3.173   -14.723 -8.897  1.00 17.38 ? 152 ARG A NH1 1 
ATOM   1066 N NH2 . ARG A 1 152 ? 2.986   -15.181 -6.627  1.00 16.35 ? 152 ARG A NH2 1 
ATOM   1067 N N   . GLY A 1 153 ? -1.386  -10.507 -12.892 1.00 12.53 ? 153 GLY A N   1 
ATOM   1068 C CA  . GLY A 1 153 ? -2.499  -10.270 -13.795 1.00 15.89 ? 153 GLY A CA  1 
ATOM   1069 C C   . GLY A 1 153 ? -3.331  -9.039  -13.502 1.00 16.84 ? 153 GLY A C   1 
ATOM   1070 O O   . GLY A 1 153 ? -4.435  -8.882  -13.970 1.00 19.57 ? 153 GLY A O   1 
ATOM   1071 N N   . ILE A 1 154 ? -2.849  -8.148  -12.655 1.00 12.43 ? 154 ILE A N   1 
ATOM   1072 C CA  . ILE A 1 154 ? -3.640  -6.996  -12.428 1.00 11.35 ? 154 ILE A CA  1 
ATOM   1073 C C   . ILE A 1 154 ? -3.404  -5.930  -13.512 1.00 9.99  ? 154 ILE A C   1 
ATOM   1074 O O   . ILE A 1 154 ? -2.276  -5.673  -13.861 1.00 12.98 ? 154 ILE A O   1 
ATOM   1075 C CB  . ILE A 1 154 ? -3.224  -6.368  -11.040 1.00 12.65 ? 154 ILE A CB  1 
ATOM   1076 C CG1 . ILE A 1 154 ? -3.409  -7.345  -9.851  1.00 11.39 ? 154 ILE A CG1 1 
ATOM   1077 C CG2 . ILE A 1 154 ? -4.036  -5.081  -10.760 1.00 9.64  ? 154 ILE A CG2 1 
ATOM   1078 C CD1 . ILE A 1 154 ? -4.782  -7.718  -9.609  1.00 10.87 ? 154 ILE A CD1 1 
ATOM   1079 N N   . ARG A 1 155 ? -4.538  -5.410  -13.975 1.00 14.74 ? 155 ARG A N   1 
ATOM   1080 C CA  . ARG A 1 155 ? -4.428  -4.389  -15.048 1.00 14.81 ? 155 ARG A CA  1 
ATOM   1081 C C   . ARG A 1 155 ? -4.778  -2.959  -14.669 1.00 17.23 ? 155 ARG A C   1 
ATOM   1082 O O   . ARG A 1 155 ? -4.291  -2.041  -15.318 1.00 15.05 ? 155 ARG A O   1 
ATOM   1083 C CB  . ARG A 1 155 ? -5.152  -4.840  -16.301 1.00 21.21 ? 155 ARG A CB  1 
ATOM   1084 C CG  . ARG A 1 155 ? -4.418  -6.062  -16.899 0.75 19.31 ? 155 ARG A CG  1 
ATOM   1085 C CD  . ARG A 1 155 ? -4.340  -6.110  -18.423 0.50 31.27 ? 155 ARG A CD  1 
ATOM   1086 N NE  . ARG A 1 155 ? -5.407  -6.914  -19.014 0.25 21.66 ? 155 ARG A NE  1 
ATOM   1087 C CZ  . ARG A 1 155 ? -5.290  -7.617  -20.136 0.10 16.28 ? 155 ARG A CZ  1 
ATOM   1088 N NH1 . ARG A 1 155 ? -6.324  -8.312  -20.587 0.10 18.52 ? 155 ARG A NH1 1 
ATOM   1089 N NH2 . ARG A 1 155 ? -4.142  -7.647  -20.795 0.10 16.54 ? 155 ARG A NH2 1 
ATOM   1090 N N   . ARG A 1 156 ? -5.411  -2.793  -13.508 1.00 13.88 ? 156 ARG A N   1 
ATOM   1091 C CA  . ARG A 1 156 ? -5.750  -1.455  -13.066 1.00 11.26 ? 156 ARG A CA  1 
ATOM   1092 C C   . ARG A 1 156 ? -5.717  -1.437  -11.517 1.00 10.59 ? 156 ARG A C   1 
ATOM   1093 O O   . ARG A 1 156 ? -6.314  -2.294  -10.846 1.00 12.60 ? 156 ARG A O   1 
ATOM   1094 C CB  . ARG A 1 156 ? -7.106  -1.034  -13.585 1.00 17.73 ? 156 ARG A CB  1 
ATOM   1095 C CG  . ARG A 1 156 ? -7.476  0.427   -13.307 1.00 17.27 ? 156 ARG A CG  1 
ATOM   1096 C CD  . ARG A 1 156 ? -8.832  0.825   -13.881 1.00 23.92 ? 156 ARG A CD  1 
ATOM   1097 N NE  . ARG A 1 156 ? -8.694  1.117   -15.313 1.00 66.71 ? 156 ARG A NE  1 
ATOM   1098 C CZ  . ARG A 1 156 ? -9.695  1.435   -16.129 1.00 75.38 ? 156 ARG A CZ  1 
ATOM   1099 N NH1 . ARG A 1 156 ? -10.939 1.501   -15.659 1.00 64.85 ? 156 ARG A NH1 1 
ATOM   1100 N NH2 . ARG A 1 156 ? -9.446  1.690   -17.417 1.00 68.05 ? 156 ARG A NH2 1 
ATOM   1101 N N   . PHE A 1 157 ? -5.199  -0.334  -11.010 1.00 9.37  ? 157 PHE A N   1 
ATOM   1102 C CA  . PHE A 1 157 ? -5.309  -0.009  -9.586  1.00 9.16  ? 157 PHE A CA  1 
ATOM   1103 C C   . PHE A 1 157 ? -6.296  1.114   -9.436  1.00 9.51  ? 157 PHE A C   1 
ATOM   1104 O O   . PHE A 1 157 ? -6.289  2.067   -10.251 1.00 10.72 ? 157 PHE A O   1 
ATOM   1105 C CB  . PHE A 1 157 ? -4.021  0.502   -9.047  1.00 8.01  ? 157 PHE A CB  1 
ATOM   1106 C CG  . PHE A 1 157 ? -2.911  -0.525  -8.777  1.00 7.14  ? 157 PHE A CG  1 
ATOM   1107 C CD1 . PHE A 1 157 ? -3.235  -1.788  -8.351  1.00 8.83  ? 157 PHE A CD1 1 
ATOM   1108 C CD2 . PHE A 1 157 ? -1.589  -0.153  -8.723  1.00 8.23  ? 157 PHE A CD2 1 
ATOM   1109 C CE1 . PHE A 1 157 ? -2.238  -2.709  -7.971  1.00 8.08  ? 157 PHE A CE1 1 
ATOM   1110 C CE2 . PHE A 1 157 ? -0.609  -1.036  -8.375  1.00 9.29  ? 157 PHE A CE2 1 
ATOM   1111 C CZ  . PHE A 1 157 ? -0.940  -2.308  -7.944  1.00 8.52  ? 157 PHE A CZ  1 
ATOM   1112 N N   . ALA A 1 158 ? -7.014  1.114   -8.337  1.00 8.20  ? 158 ALA A N   1 
ATOM   1113 C CA  . ALA A 1 158 ? -7.858  2.199   -7.864  1.00 6.53  ? 158 ALA A CA  1 
ATOM   1114 C C   . ALA A 1 158 ? -7.397  2.522   -6.423  1.00 7.32  ? 158 ALA A C   1 
ATOM   1115 O O   . ALA A 1 158 ? -7.162  1.633   -5.598  1.00 8.97  ? 158 ALA A O   1 
ATOM   1116 C CB  . ALA A 1 158 ? -9.267  1.883   -7.846  1.00 10.71 ? 158 ALA A CB  1 
ATOM   1117 N N   . ALA A 1 159 ? -7.232  3.805   -6.147  1.00 7.88  ? 159 ALA A N   1 
ATOM   1118 C CA  . ALA A 1 159 ? -6.897  4.306   -4.829  1.00 8.09  ? 159 ALA A CA  1 
ATOM   1119 C C   . ALA A 1 159 ? -7.980  5.235   -4.383  1.00 6.37  ? 159 ALA A C   1 
ATOM   1120 O O   . ALA A 1 159 ? -8.563  6.002   -5.215  1.00 9.35  ? 159 ALA A O   1 
ATOM   1121 C CB  . ALA A 1 159 ? -5.604  5.024   -4.901  1.00 10.69 ? 159 ALA A CB  1 
ATOM   1122 N N   . GLU A 1 160 ? -8.326  5.240   -3.159  1.00 7.77  ? 160 GLU A N   1 
ATOM   1123 C CA  . GLU A 1 160 ? -9.344  6.084   -2.560  1.00 8.76  ? 160 GLU A CA  1 
ATOM   1124 C C   . GLU A 1 160 ? -8.688  6.922   -1.473  1.00 11.06 ? 160 GLU A C   1 
ATOM   1125 O O   . GLU A 1 160 ? -7.965  6.398   -0.596  1.00 13.16 ? 160 GLU A O   1 
ATOM   1126 C CB  . GLU A 1 160 ? -10.457 5.242   -1.957  1.00 10.23 ? 160 GLU A CB  1 
ATOM   1127 C CG  . GLU A 1 160 ? -11.346 4.601   -2.925  0.75 16.68 ? 160 GLU A CG  1 
ATOM   1128 C CD  . GLU A 1 160 ? -12.410 3.835   -2.186  0.50 22.09 ? 160 GLU A CD  1 
ATOM   1129 O OE1 . GLU A 1 160 ? -12.306 3.593   -0.945  0.50 20.87 ? 160 GLU A OE1 1 
ATOM   1130 O OE2 . GLU A 1 160 ? -13.362 3.532   -2.869  0.50 21.43 ? 160 GLU A OE2 1 
ATOM   1131 N N   . VAL A 1 161 ? -8.825  8.222   -1.592  1.00 7.47  ? 161 VAL A N   1 
ATOM   1132 C CA  . VAL A 1 161 ? -8.162  9.194   -0.716  1.00 8.96  ? 161 VAL A CA  1 
ATOM   1133 C C   . VAL A 1 161 ? -9.158  10.282  -0.213  1.00 8.85  ? 161 VAL A C   1 
ATOM   1134 O O   . VAL A 1 161 ? -10.026 10.701  -0.976  1.00 9.68  ? 161 VAL A O   1 
ATOM   1135 C CB  . VAL A 1 161 ? -7.062  9.939   -1.493  1.00 9.88  ? 161 VAL A CB  1 
ATOM   1136 C CG1 . VAL A 1 161 ? -6.237  10.864  -0.637  1.00 13.94 ? 161 VAL A CG1 1 
ATOM   1137 C CG2 . VAL A 1 161 ? -6.085  8.894   -2.161  1.00 14.57 ? 161 VAL A CG2 1 
ATOM   1138 N N   . LEU A 1 162 ? -9.114  10.666  1.065   1.00 8.88  ? 162 LEU A N   1 
ATOM   1139 C CA  . LEU A 1 162 ? -9.970  11.724  1.556   1.00 9.33  ? 162 LEU A CA  1 
ATOM   1140 C C   . LEU A 1 162 ? -9.578  13.042  0.875   1.00 10.98 ? 162 LEU A C   1 
ATOM   1141 O O   . LEU A 1 162 ? -8.398  13.330  0.702   1.00 11.27 ? 162 LEU A O   1 
ATOM   1142 C CB  . LEU A 1 162 ? -9.796  11.815  3.077   1.00 9.82  ? 162 LEU A CB  1 
ATOM   1143 C CG  . LEU A 1 162 ? -10.261 10.593  3.886   1.00 9.41  ? 162 LEU A CG  1 
ATOM   1144 C CD1 . LEU A 1 162 ? -10.182 10.996  5.381   1.00 14.95 ? 162 LEU A CD1 1 
ATOM   1145 C CD2 . LEU A 1 162 ? -11.605 10.107  3.538   1.00 11.60 ? 162 LEU A CD2 1 
ATOM   1146 N N   . PRO A 1 163 ? -10.594 13.900  0.615   1.00 9.80  ? 163 PRO A N   1 
ATOM   1147 C CA  . PRO A 1 163 ? -10.253 15.171  -0.018  1.00 10.96 ? 163 PRO A CA  1 
ATOM   1148 C C   . PRO A 1 163 ? -9.374  16.072  0.895   1.00 12.72 ? 163 PRO A C   1 
ATOM   1149 O O   . PRO A 1 163 ? -8.560  16.799  0.359   1.00 15.28 ? 163 PRO A O   1 
ATOM   1150 C CB  . PRO A 1 163 ? -11.632 15.849  -0.189  1.00 14.48 ? 163 PRO A CB  1 
ATOM   1151 C CG  . PRO A 1 163 ? -12.624 14.815  0.005   1.00 14.67 ? 163 PRO A CG  1 
ATOM   1152 C CD  . PRO A 1 163 ? -11.998 13.596  0.541   1.00 10.46 ? 163 PRO A CD  1 
ATOM   1153 N N   . ALA A 1 164 ? -9.375  15.919  2.183   1.00 13.08 ? 164 ALA A N   1 
ATOM   1154 C CA  . ALA A 1 164 ? -8.465  16.716  3.095   1.00 15.25 ? 164 ALA A CA  1 
ATOM   1155 C C   . ALA A 1 164 ? -6.963  16.290  2.882   1.00 18.23 ? 164 ALA A C   1 
ATOM   1156 O O   . ALA A 1 164 ? -6.002  17.007  3.189   1.00 21.03 ? 164 ALA A O   1 
ATOM   1157 C CB  . ALA A 1 164 ? -8.844  16.514  4.555   1.00 27.42 ? 164 ALA A CB  1 
ATOM   1158 N N   . ASN A 1 165 ? -6.742  15.088  2.359   1.00 15.26 ? 165 ASN A N   1 
ATOM   1159 C CA  . ASN A 1 165 ? -5.418  14.491  2.275   1.00 17.09 ? 165 ASN A CA  1 
ATOM   1160 C C   . ASN A 1 165 ? -4.747  14.844  0.940   1.00 14.38 ? 165 ASN A C   1 
ATOM   1161 O O   . ASN A 1 165 ? -4.391  14.035  0.075   1.00 14.54 ? 165 ASN A O   1 
ATOM   1162 C CB  . ASN A 1 165 ? -5.543  13.001  2.472   1.00 12.96 ? 165 ASN A CB  1 
ATOM   1163 C CG  . ASN A 1 165 ? -4.206  12.310  2.614   1.00 16.71 ? 165 ASN A CG  1 
ATOM   1164 O OD1 . ASN A 1 165 ? -3.131  12.928  2.647   1.00 21.12 ? 165 ASN A OD1 1 
ATOM   1165 N ND2 . ASN A 1 165 ? -4.282  10.986  2.674   1.00 17.42 ? 165 ASN A ND2 1 
ATOM   1166 N N   . ASN A 1 166 ? -4.543  16.155  0.694   1.00 14.91 ? 166 ASN A N   1 
ATOM   1167 C CA  . ASN A 1 166 ? -3.970  16.583  -0.531  1.00 11.69 ? 166 ASN A CA  1 
ATOM   1168 C C   . ASN A 1 166 ? -2.536  16.134  -0.834  1.00 16.38 ? 166 ASN A C   1 
ATOM   1169 O O   . ASN A 1 166 ? -2.181  16.004  -1.967  1.00 17.10 ? 166 ASN A O   1 
ATOM   1170 C CB  . ASN A 1 166 ? -4.066  18.112  -0.673  1.00 23.53 ? 166 ASN A CB  1 
ATOM   1171 C CG  . ASN A 1 166 ? -3.412  18.812  0.473   1.00 35.27 ? 166 ASN A CG  1 
ATOM   1172 O OD1 . ASN A 1 166 ? -4.086  19.196  1.428   1.00 54.15 ? 166 ASN A OD1 1 
ATOM   1173 N ND2 . ASN A 1 166 ? -2.079  18.935  0.423   1.00 67.97 ? 166 ASN A ND2 1 
ATOM   1174 N N   . LYS A 1 167 ? -1.737  15.920  0.178   1.00 18.87 ? 167 LYS A N   1 
ATOM   1175 C CA  . LYS A 1 167 ? -0.361  15.498  -0.066  1.00 17.04 ? 167 LYS A CA  1 
ATOM   1176 C C   . LYS A 1 167 ? -0.335  14.142  -0.759  1.00 15.11 ? 167 LYS A C   1 
ATOM   1177 O O   . LYS A 1 167 ? 0.427   13.935  -1.653  1.00 17.50 ? 167 LYS A O   1 
ATOM   1178 C CB  . LYS A 1 167 ? 0.424   15.486  1.220   1.00 21.05 ? 167 LYS A CB  1 
ATOM   1179 C CG  . LYS A 1 167 ? 0.784   16.886  1.762   0.75 35.57 ? 167 LYS A CG  1 
ATOM   1180 C CD  . LYS A 1 167 ? 2.100   16.877  2.537   0.50 31.31 ? 167 LYS A CD  1 
ATOM   1181 C CE  . LYS A 1 167 ? 2.436   18.247  3.092   0.25 23.74 ? 167 LYS A CE  1 
ATOM   1182 N NZ  . LYS A 1 167 ? 1.716   18.499  4.373   0.10 15.23 ? 167 LYS A NZ  1 
ATOM   1183 N N   . MET A 1 168 ? -1.273  13.286  -0.369  1.00 14.01 ? 168 MET A N   1 
ATOM   1184 C CA  . MET A 1 168 ? -1.295  11.957  -0.968  1.00 12.57 ? 168 MET A CA  1 
ATOM   1185 C C   . MET A 1 168 ? -1.930  11.938  -2.287  1.00 13.77 ? 168 MET A C   1 
ATOM   1186 O O   . MET A 1 168 ? -1.550  11.183  -3.136  1.00 12.87 ? 168 MET A O   1 
ATOM   1187 C CB  . MET A 1 168 ? -1.855  10.972  -0.005  1.00 18.62 ? 168 MET A CB  1 
ATOM   1188 C CG  . MET A 1 168 ? -0.876  10.860  1.181   0.50 14.36 ? 168 MET A CG  1 
ATOM   1189 S SD  . MET A 1 168 ? 0.874   10.511  0.865   0.50 21.38 ? 168 MET A SD  1 
ATOM   1190 C CE  . MET A 1 168 ? 1.491   10.494  2.557   0.50 33.59 ? 168 MET A CE  1 
ATOM   1191 N N   . ILE A 1 169 ? -2.894  12.811  -2.555  1.00 12.32 ? 169 ILE A N   1 
ATOM   1192 C CA  . ILE A 1 169 ? -3.360  12.934  -3.889  1.00 11.48 ? 169 ILE A CA  1 
ATOM   1193 C C   . ILE A 1 169 ? -2.235  13.262  -4.815  1.00 13.62 ? 169 ILE A C   1 
ATOM   1194 O O   . ILE A 1 169 ? -2.129  12.757  -5.919  1.00 13.69 ? 169 ILE A O   1 
ATOM   1195 C CB  . ILE A 1 169 ? -4.556  13.989  -3.930  1.00 14.24 ? 169 ILE A CB  1 
ATOM   1196 C CG1 . ILE A 1 169 ? -5.690  13.496  -3.034  1.00 13.30 ? 169 ILE A CG1 1 
ATOM   1197 C CG2 . ILE A 1 169 ? -4.921  14.293  -5.361  1.00 14.10 ? 169 ILE A CG2 1 
ATOM   1198 C CD1 . ILE A 1 169 ? -6.829  14.526  -2.920  1.00 15.56 ? 169 ILE A CD1 1 
ATOM   1199 N N   . LYS A 1 170 ? -1.422  14.226  -4.369  1.00 15.93 ? 170 LYS A N   1 
ATOM   1200 C CA  . LYS A 1 170 ? -0.257  14.602  -5.134  1.00 16.62 ? 170 LYS A CA  1 
ATOM   1201 C C   . LYS A 1 170 ? 0.756   13.417  -5.338  1.00 17.20 ? 170 LYS A C   1 
ATOM   1202 O O   . LYS A 1 170 ? 1.224   13.228  -6.444  1.00 16.86 ? 170 LYS A O   1 
ATOM   1203 C CB  . LYS A 1 170 ? 0.464   15.742  -4.432  1.00 20.63 ? 170 LYS A CB  1 
ATOM   1204 C CG  . LYS A 1 170 ? 1.625   16.266  -5.273  1.00 29.75 ? 170 LYS A CG  1 
ATOM   1205 C CD  . LYS A 1 170 ? 2.299   17.496  -4.660  0.75 27.42 ? 170 LYS A CD  1 
ATOM   1206 C CE  . LYS A 1 170 ? 3.350   18.052  -5.620  0.50 21.75 ? 170 LYS A CE  1 
ATOM   1207 N NZ  . LYS A 1 170 ? 4.408   17.049  -5.953  0.25 17.05 ? 170 LYS A NZ  1 
ATOM   1208 N N   . VAL A 1 171 ? 1.018   12.627  -4.303  1.00 13.85 ? 171 VAL A N   1 
ATOM   1209 C CA  . VAL A 1 171 ? 1.882   11.410  -4.482  1.00 14.04 ? 171 VAL A CA  1 
ATOM   1210 C C   . VAL A 1 171 ? 1.282   10.556  -5.639  1.00 13.78 ? 171 VAL A C   1 
ATOM   1211 O O   . VAL A 1 171 ? 1.972   10.043  -6.539  1.00 14.58 ? 171 VAL A O   1 
ATOM   1212 C CB  . VAL A 1 171 ? 1.950   10.638  -3.222  1.00 14.95 ? 171 VAL A CB  1 
ATOM   1213 C CG1 . VAL A 1 171 ? 2.555   9.236   -3.430  1.00 17.86 ? 171 VAL A CG1 1 
ATOM   1214 C CG2 . VAL A 1 171 ? 2.764   11.430  -2.190  1.00 19.25 ? 171 VAL A CG2 1 
ATOM   1215 N N   . PHE A 1 172 ? -0.020  10.246  -5.585  1.00 10.82 ? 172 PHE A N   1 
ATOM   1216 C CA  . PHE A 1 172 ? -0.589  9.418   -6.603  1.00 9.81  ? 172 PHE A CA  1 
ATOM   1217 C C   . PHE A 1 172 ? -0.489  10.037  -7.969  1.00 14.00 ? 172 PHE A C   1 
ATOM   1218 O O   . PHE A 1 172 ? -0.256  9.352   -8.947  1.00 12.53 ? 172 PHE A O   1 
ATOM   1219 C CB  . PHE A 1 172 ? -2.048  9.061   -6.252  1.00 11.65 ? 172 PHE A CB  1 
ATOM   1220 C CG  . PHE A 1 172 ? -2.204  7.955   -5.245  1.00 8.26  ? 172 PHE A CG  1 
ATOM   1221 C CD1 . PHE A 1 172 ? -1.910  6.644   -5.575  1.00 9.22  ? 172 PHE A CD1 1 
ATOM   1222 C CD2 . PHE A 1 172 ? -2.717  8.158   -3.962  1.00 9.22  ? 172 PHE A CD2 1 
ATOM   1223 C CE1 . PHE A 1 172 ? -2.085  5.574   -4.685  1.00 9.90  ? 172 PHE A CE1 1 
ATOM   1224 C CE2 . PHE A 1 172 ? -2.863  7.101   -3.069  1.00 10.01 ? 172 PHE A CE2 1 
ATOM   1225 C CZ  . PHE A 1 172 ? -2.563  5.773   -3.435  1.00 9.12  ? 172 PHE A CZ  1 
ATOM   1226 N N   . MET A 1 173 ? -0.782  11.344  -8.069  1.00 12.71 ? 173 MET A N   1 
ATOM   1227 C CA  . MET A 1 173 ? -0.732  11.921  -9.400  1.00 14.58 ? 173 MET A CA  1 
ATOM   1228 C C   . MET A 1 173 ? 0.669   11.882  -9.980  1.00 18.27 ? 173 MET A C   1 
ATOM   1229 O O   . MET A 1 173 ? 0.819   11.548  -11.153 1.00 19.02 ? 173 MET A O   1 
ATOM   1230 C CB  . MET A 1 173 ? -1.346  13.344  -9.421  1.00 18.86 ? 173 MET A CB  1 
ATOM   1231 C CG  . MET A 1 173 ? -2.896  13.209  -9.259  1.00 23.50 ? 173 MET A CG  1 
ATOM   1232 S SD  . MET A 1 173 ? -3.715  14.821  -9.160  1.00 33.47 ? 173 MET A SD  1 
ATOM   1233 C CE  . MET A 1 173 ? -2.662  15.716  -8.004  1.00 39.16 ? 173 MET A CE  1 
ATOM   1234 N N   . ASP A 1 174 ? 1.609   12.136  -9.112  1.00 17.89 ? 174 ASP A N   1 
ATOM   1235 C CA  . ASP A 1 174 ? 3.014   12.137  -9.507  1.00 20.59 ? 174 ASP A CA  1 
ATOM   1236 C C   . ASP A 1 174 ? 3.436   10.727  -9.899  1.00 20.28 ? 174 ASP A C   1 
ATOM   1237 O O   . ASP A 1 174 ? 4.318   10.594  -10.695 1.00 25.11 ? 174 ASP A O   1 
ATOM   1238 C CB  . ASP A 1 174 ? 3.897   12.616  -8.387  1.00 15.00 ? 174 ASP A CB  1 
ATOM   1239 C CG  . ASP A 1 174 ? 3.816   14.174  -8.177  1.00 30.44 ? 174 ASP A CG  1 
ATOM   1240 O OD1 . ASP A 1 174 ? 3.250   14.895  -9.034  1.00 33.19 ? 174 ASP A OD1 1 
ATOM   1241 O OD2 . ASP A 1 174 ? 4.265   14.648  -7.100  1.00 31.83 ? 174 ASP A OD2 1 
ATOM   1242 N N   . ALA A 1 175 ? 2.767   9.677   -9.404  1.00 15.84 ? 175 ALA A N   1 
ATOM   1243 C CA  . ALA A 1 175 ? 2.976   8.262   -9.836  1.00 20.16 ? 175 ALA A CA  1 
ATOM   1244 C C   . ALA A 1 175 ? 2.232   7.822   -11.068 1.00 20.82 ? 175 ALA A C   1 
ATOM   1245 O O   . ALA A 1 175 ? 2.229   6.636   -11.413 1.00 23.91 ? 175 ALA A O   1 
ATOM   1246 C CB  . ALA A 1 175 ? 2.605   7.312   -8.699  1.00 19.78 ? 175 ALA A CB  1 
ATOM   1247 N N   . GLY A 1 176 ? 1.493   8.755   -11.684 1.00 17.13 ? 176 GLY A N   1 
ATOM   1248 C CA  . GLY A 1 176 ? 0.797   8.527   -12.959 1.00 20.15 ? 176 GLY A CA  1 
ATOM   1249 C C   . GLY A 1 176 ? -0.658  8.208   -12.839 1.00 16.45 ? 176 GLY A C   1 
ATOM   1250 O O   . GLY A 1 176 ? -1.320  7.802   -13.798 1.00 18.17 ? 176 GLY A O   1 
ATOM   1251 N N   . TYR A 1 177 ? -1.204  8.411   -11.620 1.00 14.23 ? 177 TYR A N   1 
ATOM   1252 C CA  . TYR A 1 177 ? -2.609  8.156   -11.414 1.00 10.92 ? 177 TYR A CA  1 
ATOM   1253 C C   . TYR A 1 177 ? -3.426  9.361   -11.898 1.00 11.42 ? 177 TYR A C   1 
ATOM   1254 O O   . TYR A 1 177 ? -2.975  10.501  -11.740 1.00 15.23 ? 177 TYR A O   1 
ATOM   1255 C CB  . TYR A 1 177 ? -3.001  7.859   -9.930  1.00 11.05 ? 177 TYR A CB  1 
ATOM   1256 C CG  . TYR A 1 177 ? -2.536  6.537   -9.365  1.00 9.11  ? 177 TYR A CG  1 
ATOM   1257 C CD1 . TYR A 1 177 ? -3.404  5.619   -8.814  1.00 8.97  ? 177 TYR A CD1 1 
ATOM   1258 C CD2 . TYR A 1 177 ? -1.190  6.184   -9.392  1.00 10.76 ? 177 TYR A CD2 1 
ATOM   1259 C CE1 . TYR A 1 177 ? -2.908  4.419   -8.302  1.00 8.17  ? 177 TYR A CE1 1 
ATOM   1260 C CE2 . TYR A 1 177 ? -0.697  4.989   -8.830  1.00 11.09 ? 177 TYR A CE2 1 
ATOM   1261 C CZ  . TYR A 1 177 ? -1.596  4.150   -8.288  1.00 7.82  ? 177 TYR A CZ  1 
ATOM   1262 O OH  . TYR A 1 177 ? -1.166  2.903   -7.789  1.00 9.93  ? 177 TYR A OH  1 
ATOM   1263 N N   . THR A 1 178 ? -4.659  9.101   -12.278 1.00 11.96 ? 178 THR A N   1 
ATOM   1264 C CA  . THR A 1 178 ? -5.628  10.138  -12.723 1.00 12.71 ? 178 THR A CA  1 
ATOM   1265 C C   . THR A 1 178 ? -6.882  10.173  -11.866 1.00 13.43 ? 178 THR A C   1 
ATOM   1266 O O   . THR A 1 178 ? -7.389  9.123   -11.477 1.00 11.93 ? 178 THR A O   1 
ATOM   1267 C CB  . THR A 1 178 ? -6.085  9.843   -14.210 1.00 14.13 ? 178 THR A CB  1 
ATOM   1268 O OG1 . THR A 1 178 ? -4.941  9.859   -15.058 1.00 30.42 ? 178 THR A OG1 1 
ATOM   1269 C CG2 . THR A 1 178 ? -7.079  10.854  -14.664 1.00 26.30 ? 178 THR A CG2 1 
ATOM   1270 N N   . GLN A 1 179 ? -7.412  11.340  -11.464 1.00 11.82 ? 179 GLN A N   1 
ATOM   1271 C CA  . GLN A 1 179 ? -8.632  11.393  -10.726 1.00 10.84 ? 179 GLN A CA  1 
ATOM   1272 C C   . GLN A 1 179 ? -9.770  10.943  -11.622 1.00 10.59 ? 179 GLN A C   1 
ATOM   1273 O O   . GLN A 1 179 ? -9.865  11.371  -12.804 1.00 14.79 ? 179 GLN A O   1 
ATOM   1274 C CB  . GLN A 1 179 ? -9.043  12.805  -10.171 1.00 15.01 ? 179 GLN A CB  1 
ATOM   1275 C CG  . GLN A 1 179 ? -8.131  13.432  -9.074  1.00 16.30 ? 179 GLN A CG  1 
ATOM   1276 C CD  . GLN A 1 179 ? -8.828  14.623  -8.406  1.00 15.18 ? 179 GLN A CD  1 
ATOM   1277 O OE1 . GLN A 1 179 ? -8.275  15.715  -8.403  1.00 32.56 ? 179 GLN A OE1 1 
ATOM   1278 N NE2 . GLN A 1 179 ? -10.054 14.430  -7.977  1.00 19.39 ? 179 GLN A NE2 1 
ATOM   1279 N N   . LYS A 1 180 ? -10.700 10.210  -11.087 1.00 11.26 ? 180 LYS A N   1 
ATOM   1280 C CA  . LYS A 1 180 ? -11.910 9.767   -11.784 1.00 11.44 ? 180 LYS A CA  1 
ATOM   1281 C C   . LYS A 1 180 ? -13.081 10.034  -10.929 1.00 12.71 ? 180 LYS A C   1 
ATOM   1282 O O   . LYS A 1 180 ? -13.015 10.112  -9.689  1.00 13.52 ? 180 LYS A O   1 
ATOM   1283 C CB  . LYS A 1 180 ? -11.895 8.251   -12.060 1.00 14.98 ? 180 LYS A CB  1 
ATOM   1284 C CG  . LYS A 1 180 ? -10.651 7.832   -12.753 1.00 19.93 ? 180 LYS A CG  1 
ATOM   1285 C CD  . LYS A 1 180 ? -10.651 8.335   -14.183 1.00 25.80 ? 180 LYS A CD  1 
ATOM   1286 C CE  . LYS A 1 180 ? -9.654  7.548   -15.010 1.00 29.86 ? 180 LYS A CE  1 
ATOM   1287 N NZ  . LYS A 1 180 ? -9.667  8.147   -16.356 1.00 30.31 ? 180 LYS A NZ  1 
ATOM   1288 N N   . ARG A 1 181 ? -14.255 10.155  -11.472 1.00 11.11 ? 181 ARG A N   1 
ATOM   1289 C CA  . ARG A 1 181 ? -15.436 10.322  -10.745 1.00 10.26 ? 181 ARG A CA  1 
ATOM   1290 C C   . ARG A 1 181 ? -15.635 9.161   -9.758  1.00 12.23 ? 181 ARG A C   1 
ATOM   1291 O O   . ARG A 1 181 ? -15.543 7.971   -10.128 1.00 12.97 ? 181 ARG A O   1 
ATOM   1292 C CB  . ARG A 1 181 ? -16.593 10.415  -11.799 1.00 13.43 ? 181 ARG A CB  1 
ATOM   1293 C CG  . ARG A 1 181 ? -17.907 10.861  -11.245 1.00 19.15 ? 181 ARG A CG  1 
ATOM   1294 C CD  . ARG A 1 181 ? -19.007 11.105  -12.288 1.00 17.09 ? 181 ARG A CD  1 
ATOM   1295 N NE  . ARG A 1 181 ? -20.258 11.187  -11.620 1.00 19.21 ? 181 ARG A NE  1 
ATOM   1296 C CZ  . ARG A 1 181 ? -21.409 11.456  -12.268 1.00 24.04 ? 181 ARG A CZ  1 
ATOM   1297 N NH1 . ARG A 1 181 ? -21.373 11.618  -13.584 1.00 22.92 ? 181 ARG A NH1 1 
ATOM   1298 N NH2 . ARG A 1 181 ? -22.547 11.539  -11.600 1.00 24.23 ? 181 ARG A NH2 1 
ATOM   1299 N N   . SER A 1 182 ? -15.851 9.443   -8.481  1.00 11.71 ? 182 SER A N   1 
ATOM   1300 C CA  . SER A 1 182 ? -15.886 8.425   -7.451  1.00 11.57 ? 182 SER A CA  1 
ATOM   1301 C C   . SER A 1 182 ? -17.241 7.854   -7.275  1.00 10.94 ? 182 SER A C   1 
ATOM   1302 O O   . SER A 1 182 ? -17.355 6.746   -6.760  1.00 12.78 ? 182 SER A O   1 
ATOM   1303 C CB  . SER A 1 182 ? -15.428 9.015   -6.051  1.00 12.73 ? 182 SER A CB  1 
ATOM   1304 O OG  . SER A 1 182 ? -16.368 9.873   -5.649  1.00 11.53 ? 182 SER A OG  1 
ATOM   1305 N N   . PHE A 1 183 ? -18.317 8.572   -7.658  1.00 9.89  ? 183 PHE A N   1 
ATOM   1306 C CA  . PHE A 1 183 ? -19.670 8.208   -7.346  1.00 11.26 ? 183 PHE A CA  1 
ATOM   1307 C C   . PHE A 1 183 ? -19.906 8.036   -5.891  1.00 15.15 ? 183 PHE A C   1 
ATOM   1308 O O   . PHE A 1 183 ? -20.887 7.443   -5.481  1.00 20.53 ? 183 PHE A O   1 
ATOM   1309 C CB  . PHE A 1 183 ? -20.151 6.976   -8.192  1.00 14.56 ? 183 PHE A CB  1 
ATOM   1310 C CG  . PHE A 1 183 ? -20.195 7.265   -9.654  1.00 13.82 ? 183 PHE A CG  1 
ATOM   1311 C CD1 . PHE A 1 183 ? -21.387 7.717   -10.245 1.00 16.39 ? 183 PHE A CD1 1 
ATOM   1312 C CD2 . PHE A 1 183 ? -19.088 7.081   -10.434 1.00 15.76 ? 183 PHE A CD2 1 
ATOM   1313 C CE1 . PHE A 1 183 ? -21.414 8.071   -11.608 1.00 16.33 ? 183 PHE A CE1 1 
ATOM   1314 C CE2 . PHE A 1 183 ? -19.131 7.354   -11.803 1.00 20.43 ? 183 PHE A CE2 1 
ATOM   1315 C CZ  . PHE A 1 183 ? -20.286 7.878   -12.350 1.00 16.88 ? 183 PHE A CZ  1 
ATOM   1316 N N   . GLU A 1 184 ? -19.082 8.680   -5.015  1.00 12.66 ? 184 GLU A N   1 
ATOM   1317 C CA  . GLU A 1 184 ? -19.228 8.540   -3.619  1.00 11.31 ? 184 GLU A CA  1 
ATOM   1318 C C   . GLU A 1 184 ? -18.832 9.832   -2.941  1.00 12.08 ? 184 GLU A C   1 
ATOM   1319 O O   . GLU A 1 184 ? -17.736 10.330  -3.149  1.00 11.74 ? 184 GLU A O   1 
ATOM   1320 C CB  . GLU A 1 184 ? -18.295 7.382   -3.194  1.00 19.26 ? 184 GLU A CB  1 
ATOM   1321 C CG  . GLU A 1 184 ? -18.144 6.930   -1.785  0.50 20.55 ? 184 GLU A CG  1 
ATOM   1322 C CD  . GLU A 1 184 ? -17.327 5.618   -1.814  0.25 10.14 ? 184 GLU A CD  1 
ATOM   1323 O OE1 . GLU A 1 184 ? -16.241 5.540   -1.193  0.10 11.17 ? 184 GLU A OE1 1 
ATOM   1324 O OE2 . GLU A 1 184 ? -17.738 4.685   -2.522  0.10 12.19 ? 184 GLU A OE2 1 
ATOM   1325 N N   . ASP A 1 185 ? -19.624 10.283  -1.988  1.00 11.71 ? 185 ASP A N   1 
ATOM   1326 C CA  . ASP A 1 185 ? -19.299 11.471  -1.203  1.00 10.56 ? 185 ASP A CA  1 
ATOM   1327 C C   . ASP A 1 185 ? -18.136 11.253  -0.269  1.00 11.38 ? 185 ASP A C   1 
ATOM   1328 O O   . ASP A 1 185 ? -17.974 10.163  0.344   1.00 13.88 ? 185 ASP A O   1 
ATOM   1329 C CB  . ASP A 1 185 ? -20.543 11.880  -0.477  1.00 12.16 ? 185 ASP A CB  1 
ATOM   1330 C CG  . ASP A 1 185 ? -21.593 12.373  -1.413  1.00 17.21 ? 185 ASP A CG  1 
ATOM   1331 O OD1 . ASP A 1 185 ? -21.293 13.245  -2.233  1.00 12.24 ? 185 ASP A OD1 1 
ATOM   1332 O OD2 . ASP A 1 185 ? -22.704 11.783  -1.465  1.00 22.63 ? 185 ASP A OD2 1 
ATOM   1333 N N   . GLY A 1 186 ? -17.271 12.259  -0.193  1.00 11.61 ? 186 GLY A N   1 
ATOM   1334 C CA  . GLY A 1 186 ? -16.209 12.258  0.767   1.00 11.76 ? 186 GLY A CA  1 
ATOM   1335 C C   . GLY A 1 186 ? -14.986 11.507  0.352   1.00 11.81 ? 186 GLY A C   1 
ATOM   1336 O O   . GLY A 1 186 ? -14.102 11.264  1.192   1.00 11.99 ? 186 GLY A O   1 
ATOM   1337 N N   . VAL A 1 187 ? -14.900 11.065  -0.922  1.00 9.58  ? 187 VAL A N   1 
ATOM   1338 C CA  . VAL A 1 187 ? -13.758 10.255  -1.368  1.00 9.37  ? 187 VAL A CA  1 
ATOM   1339 C C   . VAL A 1 187 ? -13.337 10.681  -2.764  1.00 10.15 ? 187 VAL A C   1 
ATOM   1340 O O   . VAL A 1 187 ? -14.176 10.880  -3.649  1.00 11.27 ? 187 VAL A O   1 
ATOM   1341 C CB  . VAL A 1 187 ? -14.088 8.817   -1.141  1.00 19.56 ? 187 VAL A CB  1 
ATOM   1342 C CG1 . VAL A 1 187 ? -14.948 8.384   -2.208  1.00 18.23 ? 187 VAL A CG1 1 
ATOM   1343 C CG2 . VAL A 1 187 ? -12.811 7.986   -0.950  1.00 22.24 ? 187 VAL A CG2 1 
ATOM   1344 N N   . VAL A 1 188 ? -12.044 10.847  -2.948  1.00 8.31  ? 188 VAL A N   1 
ATOM   1345 C CA  . VAL A 1 188 ? -11.423 11.105  -4.221  1.00 7.49  ? 188 VAL A CA  1 
ATOM   1346 C C   . VAL A 1 188 ? -10.925 9.760   -4.742  1.00 8.68  ? 188 VAL A C   1 
ATOM   1347 O O   . VAL A 1 188 ? -10.216 9.009   -3.976  1.00 9.57  ? 188 VAL A O   1 
ATOM   1348 C CB  . VAL A 1 188 ? -10.261 12.034  -4.107  1.00 9.63  ? 188 VAL A CB  1 
ATOM   1349 C CG1 . VAL A 1 188 ? -9.408  12.187  -5.338  1.00 10.84 ? 188 VAL A CG1 1 
ATOM   1350 C CG2 . VAL A 1 188 ? -10.702 13.443  -3.621  1.00 12.49 ? 188 VAL A CG2 1 
ATOM   1351 N N   . ARG A 1 189 ? -11.230 9.395   -5.968  1.00 7.69  ? 189 ARG A N   1 
ATOM   1352 C CA  . ARG A 1 189 ? -10.791 8.154   -6.627  1.00 8.29  ? 189 ARG A CA  1 
ATOM   1353 C C   . ARG A 1 189 ? -9.766  8.428   -7.599  1.00 8.02  ? 189 ARG A C   1 
ATOM   1354 O O   . ARG A 1 189 ? -9.898  9.308   -8.440  1.00 10.38 ? 189 ARG A O   1 
ATOM   1355 C CB  . ARG A 1 189 ? -11.975 7.483   -7.256  1.00 11.47 ? 189 ARG A CB  1 
ATOM   1356 C CG  . ARG A 1 189 ? -11.634 6.201   -7.991  1.00 16.34 ? 189 ARG A CG  1 
ATOM   1357 C CD  . ARG A 1 189 ? -12.920 5.666   -8.631  1.00 21.94 ? 189 ARG A CD  1 
ATOM   1358 N NE  . ARG A 1 189 ? -12.645 4.431   -9.386  1.00 23.28 ? 189 ARG A NE  1 
ATOM   1359 C CZ  . ARG A 1 189 ? -12.538 3.240   -8.843  1.00 22.24 ? 189 ARG A CZ  1 
ATOM   1360 N NH1 . ARG A 1 189 ? -12.749 3.048   -7.538  1.00 31.42 ? 189 ARG A NH1 1 
ATOM   1361 N NH2 . ARG A 1 189 ? -12.295 2.222   -9.645  1.00 24.16 ? 189 ARG A NH2 1 
ATOM   1362 N N   . LEU A 1 190 ? -8.672  7.748   -7.535  1.00 7.81  ? 190 LEU A N   1 
ATOM   1363 C CA  . LEU A 1 190 ? -7.579  7.834   -8.464  1.00 8.90  ? 190 LEU A CA  1 
ATOM   1364 C C   . LEU A 1 190 ? -7.297  6.465   -9.068  1.00 9.46  ? 190 LEU A C   1 
ATOM   1365 O O   . LEU A 1 190 ? -7.334  5.419   -8.406  1.00 12.28 ? 190 LEU A O   1 
ATOM   1366 C CB  . LEU A 1 190 ? -6.340  8.349   -7.825  1.00 11.78 ? 190 LEU A CB  1 
ATOM   1367 C CG  . LEU A 1 190 ? -6.493  9.715   -7.162  1.00 13.48 ? 190 LEU A CG  1 
ATOM   1368 C CD1 . LEU A 1 190 ? -6.195  9.674   -5.729  1.00 16.16 ? 190 LEU A CD1 1 
ATOM   1369 C CD2 . LEU A 1 190 ? -5.572  10.603  -7.946  1.00 14.95 ? 190 LEU A CD2 1 
ATOM   1370 N N   . GLU A 1 191 ? -7.113  6.422   -10.374 1.00 10.20 ? 191 GLU A N   1 
ATOM   1371 C CA  . GLU A 1 191 ? -6.857  5.189   -11.097 1.00 10.38 ? 191 GLU A CA  1 
ATOM   1372 C C   . GLU A 1 191 ? -5.578  5.171   -11.922 1.00 10.85 ? 191 GLU A C   1 
ATOM   1373 O O   . GLU A 1 191 ? -5.054  6.242   -12.382 1.00 12.79 ? 191 GLU A O   1 
ATOM   1374 C CB  . GLU A 1 191 ? -8.000  4.834   -12.014 1.00 13.56 ? 191 GLU A CB  1 
ATOM   1375 C CG  . GLU A 1 191 ? -9.360  4.540   -11.397 1.00 15.58 ? 191 GLU A CG  1 
ATOM   1376 C CD  . GLU A 1 191 ? -10.489 4.207   -12.379 1.00 29.05 ? 191 GLU A CD  1 
ATOM   1377 O OE1 . GLU A 1 191 ? -10.226 4.066   -13.594 1.00 28.69 ? 191 GLU A OE1 1 
ATOM   1378 O OE2 . GLU A 1 191 ? -11.635 4.090   -11.900 1.00 37.30 ? 191 GLU A OE2 1 
ATOM   1379 N N   . PHE A 1 192 ? -4.988  3.984   -12.074 1.00 12.48 ? 192 PHE A N   1 
ATOM   1380 C CA  . PHE A 1 192 ? -3.740  3.824   -12.781 1.00 12.12 ? 192 PHE A CA  1 
ATOM   1381 C C   . PHE A 1 192 ? -3.823  2.539   -13.602 1.00 13.69 ? 192 PHE A C   1 
ATOM   1382 O O   . PHE A 1 192 ? -4.091  1.488   -13.070 1.00 12.45 ? 192 PHE A O   1 
ATOM   1383 C CB  . PHE A 1 192 ? -2.621  3.739   -11.783 1.00 12.27 ? 192 PHE A CB  1 
ATOM   1384 C CG  . PHE A 1 192 ? -1.272  3.536   -12.405 1.00 14.88 ? 192 PHE A CG  1 
ATOM   1385 C CD1 . PHE A 1 192 ? -0.676  4.534   -13.150 1.00 17.66 ? 192 PHE A CD1 1 
ATOM   1386 C CD2 . PHE A 1 192 ? -0.576  2.338   -12.264 1.00 20.50 ? 192 PHE A CD2 1 
ATOM   1387 C CE1 . PHE A 1 192 ? 0.580   4.364   -13.744 1.00 23.55 ? 192 PHE A CE1 1 
ATOM   1388 C CE2 . PHE A 1 192 ? 0.695   2.167   -12.799 1.00 24.25 ? 192 PHE A CE2 1 
ATOM   1389 C CZ  . PHE A 1 192 ? 1.267   3.161   -13.584 1.00 23.13 ? 192 PHE A CZ  1 
ATOM   1390 N N   . ASP A 1 193 ? -3.662  2.649   -14.932 1.00 14.97 ? 193 ASP A N   1 
ATOM   1391 C CA  . ASP A 1 193 ? -3.495  1.435   -15.782 1.00 15.65 ? 193 ASP A CA  1 
ATOM   1392 C C   . ASP A 1 193 ? -2.076  0.944   -15.724 1.00 14.66 ? 193 ASP A C   1 
ATOM   1393 O O   . ASP A 1 193 ? -1.066  1.653   -15.985 1.00 16.62 ? 193 ASP A O   1 
ATOM   1394 C CB  . ASP A 1 193 ? -3.885  1.762   -17.252 1.00 16.44 ? 193 ASP A CB  1 
ATOM   1395 C CG  . ASP A 1 193 ? -5.300  2.192   -17.340 1.00 22.00 ? 193 ASP A CG  1 
ATOM   1396 O OD1 . ASP A 1 193 ? -6.215  1.417   -16.971 1.00 24.54 ? 193 ASP A OD1 1 
ATOM   1397 O OD2 . ASP A 1 193 ? -5.490  3.326   -17.853 1.00 28.61 ? 193 ASP A OD2 1 
ATOM   1398 N N   . LEU A 1 194 ? -1.960  -0.334  -15.317 1.00 13.54 ? 194 LEU A N   1 
ATOM   1399 C CA  A LEU A 1 194 ? -0.679  -1.011  -15.211 0.50 20.71 ? 194 LEU A CA  1 
ATOM   1400 C CA  B LEU A 1 194 ? -0.639  -0.949  -15.206 0.50 18.35 ? 194 LEU A CA  1 
ATOM   1401 C C   . LEU A 1 194 ? -0.119  -1.453  -16.553 1.00 29.17 ? 194 LEU A C   1 
ATOM   1402 O O   . LEU A 1 194 ? 1.110   -1.645  -16.707 1.00 42.79 ? 194 LEU A O   1 
ATOM   1403 C CB  A LEU A 1 194 ? -0.823  -2.219  -14.307 0.50 13.61 ? 194 LEU A CB  1 
ATOM   1404 C CB  B LEU A 1 194 ? -0.628  -2.100  -14.201 0.50 12.09 ? 194 LEU A CB  1 
ATOM   1405 C CG  A LEU A 1 194 ? -1.008  -1.734  -12.873 0.50 15.08 ? 194 LEU A CG  1 
ATOM   1406 C CG  B LEU A 1 194 ? -0.889  -1.805  -12.720 0.50 11.57 ? 194 LEU A CG  1 
ATOM   1407 C CD1 A LEU A 1 194 ? -1.427  -2.951  -12.092 0.50 23.17 ? 194 LEU A CD1 1 
ATOM   1408 C CD1 B LEU A 1 194 ? -2.348  -1.600  -12.390 0.50 9.84  ? 194 LEU A CD1 1 
ATOM   1409 C CD2 A LEU A 1 194 ? 0.287   -1.202  -12.313 0.50 19.98 ? 194 LEU A CD2 1 
ATOM   1410 C CD2 B LEU A 1 194 ? -0.394  -3.047  -11.991 0.50 11.95 ? 194 LEU A CD2 1 
ATOM   1411 O OXT A LEU A 1 194 ? -0.898  -1.590  -17.493 0.50 31.24 ? 194 LEU A OXT 1 
ATOM   1412 O OXT B LEU A 1 194 ? -0.922  -1.696  -17.456 0.50 36.96 ? 194 LEU A OXT 1 
HETATM 1413 C C1  . ETF B 2 .   ? -1.202  -1.226  8.440   1.00 14.35 ? 201 ETF A C1  1 
HETATM 1414 C C2  . ETF B 2 .   ? -1.467  -1.639  7.015   1.00 8.27  ? 201 ETF A C2  1 
HETATM 1415 O O   . ETF B 2 .   ? -0.341  -2.441  6.483   1.00 11.28 ? 201 ETF A O   1 
HETATM 1416 F F1  . ETF B 2 .   ? -0.158  -0.460  8.456   1.00 15.98 ? 201 ETF A F1  1 
HETATM 1417 F F2  . ETF B 2 .   ? -2.179  -0.436  8.823   1.00 15.26 ? 201 ETF A F2  1 
HETATM 1418 F F3  . ETF B 2 .   ? -1.134  -2.312  9.192   1.00 16.30 ? 201 ETF A F3  1 
HETATM 1419 C C1  . GOL C 3 .   ? -3.365  5.441   0.597   1.00 18.55 ? 202 GOL A C1  1 
HETATM 1420 O O1  . GOL C 3 .   ? -3.920  4.324   1.285   1.00 16.61 ? 202 GOL A O1  1 
HETATM 1421 C C2  . GOL C 3 .   ? -2.771  6.460   1.636   1.00 24.86 ? 202 GOL A C2  1 
HETATM 1422 O O2  . GOL C 3 .   ? -3.200  6.295   3.041   1.00 36.14 ? 202 GOL A O2  1 
HETATM 1423 C C3  . GOL C 3 .   ? -2.870  7.991   1.376   1.00 29.35 ? 202 GOL A C3  1 
HETATM 1424 O O3  . GOL C 3 .   ? -2.204  8.644   2.516   1.00 37.75 ? 202 GOL A O3  1 
HETATM 1425 O O   . HOH D 4 .   ? -1.114  -0.279  3.713   1.00 2.00  ? 301 HOH A O   1 
HETATM 1426 O O   . HOH D 4 .   ? -17.459 14.743  -1.562  1.00 10.32 ? 302 HOH A O   1 
HETATM 1427 O O   . HOH D 4 .   ? -12.466 11.615  -7.481  1.00 11.16 ? 303 HOH A O   1 
HETATM 1428 O O   . HOH D 4 .   ? -3.590  -6.627  0.889   1.00 8.20  ? 304 HOH A O   1 
HETATM 1429 O O   . HOH D 4 .   ? -5.470  -2.706  -0.664  1.00 12.56 ? 305 HOH A O   1 
HETATM 1430 O O   . HOH D 4 .   ? 14.388  -9.394  2.426   1.00 14.32 ? 306 HOH A O   1 
HETATM 1431 O O   . HOH D 4 .   ? -6.773  9.510   2.582   1.00 12.17 ? 307 HOH A O   1 
HETATM 1432 O O   . HOH D 4 .   ? 7.761   -9.036  13.977  1.00 13.11 ? 308 HOH A O   1 
HETATM 1433 O O   . HOH D 4 .   ? 8.971   -2.287  12.726  1.00 11.64 ? 309 HOH A O   1 
HETATM 1434 O O   . HOH D 4 .   ? 1.322   2.121   -8.580  1.00 10.91 ? 310 HOH A O   1 
HETATM 1435 O O   . HOH D 4 .   ? -6.037  -5.424  2.828   1.00 12.23 ? 311 HOH A O   1 
HETATM 1436 O O   . HOH D 4 .   ? -4.944  -13.044 1.531   1.00 13.96 ? 312 HOH A O   1 
HETATM 1437 O O   . HOH D 4 .   ? -8.928  -9.427  -2.478  1.00 13.20 ? 313 HOH A O   1 
HETATM 1438 O O   . HOH D 4 .   ? -6.285  -14.925 -8.882  1.00 15.63 ? 314 HOH A O   1 
HETATM 1439 O O   . HOH D 4 .   ? 12.795  -6.996  9.019   1.00 11.79 ? 315 HOH A O   1 
HETATM 1440 O O   . HOH D 4 .   ? 1.855   -12.609 4.800   1.00 12.72 ? 316 HOH A O   1 
HETATM 1441 O O   . HOH D 4 .   ? 15.955  -11.437 3.097   1.00 15.42 ? 317 HOH A O   1 
HETATM 1442 O O   . HOH D 4 .   ? 6.298   -0.308  -11.736 1.00 17.89 ? 318 HOH A O   1 
HETATM 1443 O O   . HOH D 4 .   ? 13.642  -13.458 2.812   1.00 15.60 ? 319 HOH A O   1 
HETATM 1444 O O   . HOH D 4 .   ? -6.566  -2.412  3.436   1.00 17.55 ? 320 HOH A O   1 
HETATM 1445 O O   . HOH D 4 .   ? 0.696   -12.371 12.277  1.00 16.94 ? 321 HOH A O   1 
HETATM 1446 O O   . HOH D 4 .   ? 9.022   9.465   1.813   1.00 16.15 ? 322 HOH A O   1 
HETATM 1447 O O   . HOH D 4 .   ? -8.971  -12.004 -1.588  1.00 16.37 ? 323 HOH A O   1 
HETATM 1448 O O   . HOH D 4 .   ? -7.671  1.440   18.091  1.00 19.15 ? 324 HOH A O   1 
HETATM 1449 O O   . HOH D 4 .   ? -2.276  -3.759  17.949  1.00 19.91 ? 325 HOH A O   1 
HETATM 1450 O O   . HOH D 4 .   ? -14.649 12.919  -5.360  1.00 15.20 ? 326 HOH A O   1 
HETATM 1451 O O   . HOH D 4 .   ? -6.837  -13.365 -0.505  1.00 18.11 ? 327 HOH A O   1 
HETATM 1452 O O   . HOH D 4 .   ? -1.394  -1.492  16.516  1.00 16.05 ? 328 HOH A O   1 
HETATM 1453 O O   . HOH D 4 .   ? 7.074   9.618   -2.259  1.00 19.81 ? 329 HOH A O   1 
HETATM 1454 O O   . HOH D 4 .   ? -7.406  2.844   -1.626  1.00 15.67 ? 330 HOH A O   1 
HETATM 1455 O O   . HOH D 4 .   ? -5.728  -12.565 5.664   1.00 17.41 ? 331 HOH A O   1 
HETATM 1456 O O   . HOH D 4 .   ? 4.769   9.503   -6.280  1.00 23.85 ? 332 HOH A O   1 
HETATM 1457 O O   . HOH D 4 .   ? -9.735  -8.168  -0.200  1.00 16.18 ? 333 HOH A O   1 
HETATM 1458 O O   . HOH D 4 .   ? 12.059  -6.720  14.902  1.00 18.32 ? 334 HOH A O   1 
HETATM 1459 O O   . HOH D 4 .   ? -15.329 6.760   -12.592 1.00 22.52 ? 335 HOH A O   1 
HETATM 1460 O O   . HOH D 4 .   ? 9.643   -11.113 3.170   1.00 17.18 ? 336 HOH A O   1 
HETATM 1461 O O   . HOH D 4 .   ? 4.093   -15.403 5.571   1.00 24.25 ? 337 HOH A O   1 
HETATM 1462 O O   . HOH D 4 .   ? -10.287 -8.000  16.269  1.00 22.95 ? 338 HOH A O   1 
HETATM 1463 O O   . HOH D 4 .   ? 0.994   7.681   4.916   1.00 25.30 ? 339 HOH A O   1 
HETATM 1464 O O   . HOH D 4 .   ? -15.756 12.233  -7.739  1.00 22.52 ? 340 HOH A O   1 
HETATM 1465 O O   . HOH D 4 .   ? 9.638   -9.289  16.094  1.00 19.10 ? 341 HOH A O   1 
HETATM 1466 O O   . HOH D 4 .   ? -1.553  -6.190  18.776  1.00 27.12 ? 342 HOH A O   1 
HETATM 1467 O O   . HOH D 4 .   ? 9.464   1.360   12.786  1.00 20.71 ? 343 HOH A O   1 
HETATM 1468 O O   . HOH D 4 .   ? -10.608 -9.620  1.851   1.00 20.51 ? 344 HOH A O   1 
HETATM 1469 O O   . HOH D 4 .   ? -1.902  8.138   5.564   1.00 20.59 ? 345 HOH A O   1 
HETATM 1470 O O   . HOH D 4 .   ? -6.222  13.824  -12.524 1.00 23.73 ? 346 HOH A O   1 
HETATM 1471 O O   . HOH D 4 .   ? 11.730  7.195   -4.560  1.00 22.54 ? 347 HOH A O   1 
HETATM 1472 O O   . HOH D 4 .   ? -9.031  -9.252  4.020   1.00 21.82 ? 348 HOH A O   1 
HETATM 1473 O O   . HOH D 4 .   ? 6.282   8.695   -8.334  1.00 27.05 ? 349 HOH A O   1 
HETATM 1474 O O   . HOH D 4 .   ? 7.278   8.856   12.445  1.00 23.18 ? 350 HOH A O   1 
HETATM 1475 O O   . HOH D 4 .   ? -7.932  -11.530 4.306   1.00 24.69 ? 351 HOH A O   1 
HETATM 1476 O O   . HOH D 4 .   ? 5.695   -11.164 15.536  1.00 22.84 ? 352 HOH A O   1 
HETATM 1477 O O   . HOH D 4 .   ? 9.078   -14.277 8.412   1.00 19.14 ? 353 HOH A O   1 
HETATM 1478 O O   . HOH D 4 .   ? 6.227   -6.748  -13.383 1.00 25.40 ? 354 HOH A O   1 
HETATM 1479 O O   . HOH D 4 .   ? -4.066  -11.024 15.264  1.00 25.74 ? 355 HOH A O   1 
HETATM 1480 O O   . HOH D 4 .   ? 4.273   1.593   -12.610 1.00 23.81 ? 356 HOH A O   1 
HETATM 1481 O O   . HOH D 4 .   ? -5.810  7.319   1.026   1.00 19.16 ? 357 HOH A O   1 
HETATM 1482 O O   . HOH D 4 .   ? 10.530  0.909   -6.485  1.00 27.33 ? 358 HOH A O   1 
HETATM 1483 O O   . HOH D 4 .   ? -6.682  -17.044 -5.818  1.00 22.05 ? 359 HOH A O   1 
HETATM 1484 O O   . HOH D 4 .   ? -10.431 -11.968 0.817   1.00 24.04 ? 360 HOH A O   1 
HETATM 1485 O O   . HOH D 4 .   ? 15.481  -4.057  13.498  1.00 25.00 ? 361 HOH A O   1 
HETATM 1486 O O   . HOH D 4 .   ? -8.552  -6.738  3.335   1.00 23.46 ? 362 HOH A O   1 
HETATM 1487 O O   . HOH D 4 .   ? -9.913  -13.463 -3.342  1.00 29.20 ? 363 HOH A O   1 
HETATM 1488 O O   . HOH D 4 .   ? -4.492  -15.228 3.252   1.00 26.42 ? 364 HOH A O   1 
HETATM 1489 O O   . HOH D 4 .   ? -19.327 8.017   0.974   1.00 30.50 ? 365 HOH A O   1 
HETATM 1490 O O   . HOH D 4 .   ? 18.164  -0.988  3.309   1.00 27.14 ? 366 HOH A O   1 
HETATM 1491 O O   . HOH D 4 .   ? -5.207  -10.113 -16.322 1.00 27.30 ? 367 HOH A O   1 
HETATM 1492 O O   . HOH D 4 .   ? 9.582   -0.353  14.733  1.00 25.26 ? 368 HOH A O   1 
HETATM 1493 O O   . HOH D 4 .   ? -7.161  -1.592  0.916   1.00 25.22 ? 369 HOH A O   1 
HETATM 1494 O O   . HOH D 4 .   ? -8.473  -10.802 9.288   1.00 25.21 ? 370 HOH A O   1 
HETATM 1495 O O   . HOH D 4 .   ? 5.801   5.619   -8.292  1.00 25.64 ? 371 HOH A O   1 
HETATM 1496 O O   . HOH D 4 .   ? -14.313 9.771   -14.463 1.00 30.21 ? 372 HOH A O   1 
HETATM 1497 O O   . HOH D 4 .   ? -4.945  -17.435 -3.772  1.00 28.33 ? 373 HOH A O   1 
HETATM 1498 O O   . HOH D 4 .   ? 14.231  2.257   10.986  1.00 31.27 ? 374 HOH A O   1 
HETATM 1499 O O   . HOH D 4 .   ? 6.082   9.206   1.228   1.00 12.89 ? 375 HOH A O   1 
HETATM 1500 O O   . HOH D 4 .   ? 17.286  -11.306 0.820   1.00 23.17 ? 376 HOH A O   1 
HETATM 1501 O O   . HOH D 4 .   ? -13.942 -13.486 -8.503  1.00 24.44 ? 377 HOH A O   1 
HETATM 1502 O O   . HOH D 4 .   ? -22.102 8.926   -1.702  1.00 25.95 ? 378 HOH A O   1 
HETATM 1503 O O   . HOH D 4 .   ? -2.893  17.711  -4.361  1.00 28.31 ? 379 HOH A O   1 
HETATM 1504 O O   . HOH D 4 .   ? 6.850   -3.953  -14.004 1.00 28.53 ? 380 HOH A O   1 
HETATM 1505 O O   . HOH D 4 .   ? -1.434  -18.720 -2.077  1.00 30.17 ? 381 HOH A O   1 
HETATM 1506 O O   . HOH D 4 .   ? 5.883   -14.007 -10.653 1.00 35.89 ? 382 HOH A O   1 
HETATM 1507 O O   . HOH D 4 .   ? 16.956  -7.798  -2.595  1.00 43.60 ? 383 HOH A O   1 
HETATM 1508 O O   . HOH D 4 .   ? 19.214  11.965  -5.334  1.00 45.17 ? 384 HOH A O   1 
HETATM 1509 O O   . HOH D 4 .   ? 17.338  5.100   4.289   1.00 25.97 ? 385 HOH A O   1 
HETATM 1510 O O   . HOH D 4 .   ? 18.342  5.807   6.464   1.00 38.96 ? 386 HOH A O   1 
HETATM 1511 O O   . HOH D 4 .   ? 6.449   -15.008 14.790  1.00 32.87 ? 387 HOH A O   1 
HETATM 1512 O O   . HOH D 4 .   ? 8.383   -8.043  19.358  1.00 32.18 ? 388 HOH A O   1 
HETATM 1513 O O   . HOH D 4 .   ? 11.649  -8.445  16.899  1.00 34.76 ? 389 HOH A O   1 
HETATM 1514 O O   . HOH D 4 .   ? 9.799   -4.625  16.414  1.00 33.73 ? 390 HOH A O   1 
HETATM 1515 O O   . HOH D 4 .   ? 7.432   1.889   18.070  1.00 24.49 ? 391 HOH A O   1 
HETATM 1516 O O   . HOH D 4 .   ? -0.609  7.409   16.469  1.00 26.19 ? 392 HOH A O   1 
HETATM 1517 O O   . HOH D 4 .   ? -0.305  11.735  16.487  1.00 26.47 ? 393 HOH A O   1 
HETATM 1518 O O   . HOH D 4 .   ? -1.947  13.501  14.151  1.00 35.49 ? 394 HOH A O   1 
HETATM 1519 O O   . HOH D 4 .   ? -6.508  13.329  13.258  1.00 37.27 ? 395 HOH A O   1 
HETATM 1520 O O   . HOH D 4 .   ? 4.926   9.013   16.681  1.00 41.55 ? 396 HOH A O   1 
HETATM 1521 O O   . HOH D 4 .   ? -6.274  7.617   14.390  1.00 27.15 ? 397 HOH A O   1 
HETATM 1522 O O   . HOH D 4 .   ? -10.909 1.612   5.855   1.00 36.45 ? 398 HOH A O   1 
HETATM 1523 O O   . HOH D 4 .   ? -7.977  -2.059  18.135  1.00 30.03 ? 399 HOH A O   1 
HETATM 1524 O O   . HOH D 4 .   ? -10.946 -4.471  12.930  1.00 30.35 ? 400 HOH A O   1 
HETATM 1525 O O   . HOH D 4 .   ? -5.932  -15.169 6.266   1.00 34.16 ? 401 HOH A O   1 
HETATM 1526 O O   . HOH D 4 .   ? -9.759  -13.537 9.031   1.00 39.17 ? 402 HOH A O   1 
HETATM 1527 O O   . HOH D 4 .   ? -8.310  -17.069 9.378   1.00 31.57 ? 403 HOH A O   1 
HETATM 1528 O O   . HOH D 4 .   ? -12.114 -6.493  -11.564 1.00 31.53 ? 404 HOH A O   1 
HETATM 1529 O O   . HOH D 4 .   ? -8.920  -8.547  -18.024 1.00 19.86 ? 405 HOH A O   1 
HETATM 1530 O O   . HOH D 4 .   ? -8.726  -9.908  -19.508 1.00 28.20 ? 406 HOH A O   1 
HETATM 1531 O O   . HOH D 4 .   ? 6.143   11.118  -4.541  1.00 31.16 ? 407 HOH A O   1 
HETATM 1532 O O   . HOH D 4 .   ? 0.021   -8.107  -16.379 1.00 38.83 ? 408 HOH A O   1 
HETATM 1533 O O   . HOH D 4 .   ? -0.891  -5.735  -16.169 1.00 35.31 ? 409 HOH A O   1 
HETATM 1534 O O   . HOH D 4 .   ? -8.336  4.288   -15.402 1.00 36.49 ? 410 HOH A O   1 
HETATM 1535 O O   . HOH D 4 .   ? -6.113  6.624   -15.053 1.00 35.03 ? 411 HOH A O   1 
HETATM 1536 O O   . HOH D 4 .   ? -2.867  5.187   -16.058 1.00 26.93 ? 412 HOH A O   1 
HETATM 1537 O O   . HOH D 4 .   ? -0.581  3.992   -17.254 1.00 31.62 ? 413 HOH A O   1 
HETATM 1538 O O   . HOH D 4 .   ? 4.396   14.078  0.293   1.00 38.68 ? 414 HOH A O   1 
HETATM 1539 O O   . HOH D 4 .   ? 6.320   12.126  0.748   1.00 34.86 ? 415 HOH A O   1 
HETATM 1540 O O   . HOH D 4 .   ? -1.052  11.617  -13.205 1.00 32.48 ? 416 HOH A O   1 
HETATM 1541 O O   . HOH D 4 .   ? -14.073 5.278   -5.117  1.00 35.92 ? 417 HOH A O   1 
HETATM 1542 O O   . HOH D 4 .   ? 12.125  2.369   12.686  1.00 28.95 ? 418 HOH A O   1 
HETATM 1543 O O   . HOH D 4 .   ? 14.226  7.632   -4.411  1.00 38.85 ? 419 HOH A O   1 
HETATM 1544 O O   . HOH D 4 .   ? 16.131  2.492   -6.169  1.00 34.24 ? 420 HOH A O   1 
HETATM 1545 O O   . HOH D 4 .   ? 14.475  -1.444  -6.354  1.00 32.05 ? 421 HOH A O   1 
HETATM 1546 O O   . HOH D 4 .   ? 4.973   3.438   -14.262 1.00 35.33 ? 422 HOH A O   1 
HETATM 1547 O O   . HOH D 4 .   ? -3.533  7.224   -14.975 1.00 30.45 ? 423 HOH A O   1 
HETATM 1548 O O   . HOH D 4 .   ? -15.252 0.526   -0.282  1.00 32.81 ? 424 HOH A O   1 
HETATM 1549 O O   . HOH D 4 .   ? -18.063 2.201   -0.572  1.00 34.26 ? 425 HOH A O   1 
HETATM 1550 O O   . HOH D 4 .   ? 11.446  -11.577 2.164   1.00 26.16 ? 426 HOH A O   1 
HETATM 1551 O O   . HOH D 4 .   ? 9.659   -11.763 9.115   1.00 30.84 ? 427 HOH A O   1 
HETATM 1552 O O   . HOH D 4 .   ? 7.865   -16.011 8.036   1.00 40.72 ? 428 HOH A O   1 
HETATM 1553 O O   . HOH D 4 .   ? 2.788   3.610   -10.397 1.00 24.39 ? 429 HOH A O   1 
HETATM 1554 O O   . HOH D 4 .   ? 20.162  -12.333 0.651   1.00 30.66 ? 430 HOH A O   1 
HETATM 1555 O O   . HOH D 4 .   ? 14.166  -14.704 0.161   1.00 25.26 ? 431 HOH A O   1 
HETATM 1556 O O   . HOH D 4 .   ? 8.939   0.156   -12.762 1.00 43.19 ? 432 HOH A O   1 
HETATM 1557 O O   . HOH D 4 .   ? -2.454  -12.632 13.805  1.00 37.74 ? 433 HOH A O   1 
HETATM 1558 O O   . HOH D 4 .   ? 4.036   -12.618 13.828  1.00 32.70 ? 434 HOH A O   1 
HETATM 1559 O O   . HOH D 4 .   ? 8.316   11.746  -1.054  1.00 37.56 ? 435 HOH A O   1 
HETATM 1560 O O   . HOH D 4 .   ? 2.984   15.078  -1.872  1.00 25.90 ? 436 HOH A O   1 
HETATM 1561 O O   . HOH D 4 .   ? -7.025  3.812   22.554  1.00 36.31 ? 437 HOH A O   1 
HETATM 1562 O O   . HOH D 4 .   ? -10.249 2.226   17.498  1.00 29.48 ? 438 HOH A O   1 
HETATM 1563 O O   . HOH D 4 .   ? -12.958 3.638   13.911  1.00 26.46 ? 439 HOH A O   1 
HETATM 1564 O O   . HOH D 4 .   ? -13.172 3.613   8.765   1.00 31.02 ? 440 HOH A O   1 
HETATM 1565 O O   . HOH D 4 .   ? 0.671   -0.017  17.570  1.00 13.74 ? 441 HOH A O   1 
HETATM 1566 O O   . HOH D 4 .   ? -0.210  2.502   17.809  1.00 14.85 ? 442 HOH A O   1 
HETATM 1567 O O   . HOH D 4 .   ? 0.293   3.877   20.009  1.00 28.88 ? 443 HOH A O   1 
HETATM 1568 O O   . HOH D 4 .   ? 0.643   -0.800  20.170  1.00 26.49 ? 444 HOH A O   1 
HETATM 1569 O O   . HOH D 4 .   ? 5.330   -4.615  18.807  1.00 24.94 ? 445 HOH A O   1 
HETATM 1570 O O   . HOH D 4 .   ? 4.993   -2.119  19.827  1.00 34.68 ? 446 HOH A O   1 
HETATM 1571 O O   . HOH D 4 .   ? -9.722  1.716   -3.833  1.00 35.15 ? 447 HOH A O   1 
HETATM 1572 O O   . HOH D 4 .   ? 2.221   9.522   7.123   1.00 31.93 ? 448 HOH A O   1 
HETATM 1573 O O   . HOH D 4 .   ? -1.515  10.542  4.562   1.00 33.11 ? 449 HOH A O   1 
HETATM 1574 O O   . HOH D 4 .   ? -1.042  12.828  7.530   1.00 40.74 ? 450 HOH A O   1 
HETATM 1575 O O   . HOH D 4 .   ? 9.814   -11.219 20.393  1.00 32.23 ? 451 HOH A O   1 
HETATM 1576 O O   . HOH D 4 .   ? 16.917  -0.752  13.648  1.00 31.64 ? 452 HOH A O   1 
HETATM 1577 O O   . HOH D 4 .   ? 18.859  -3.407  2.215   1.00 28.54 ? 453 HOH A O   1 
HETATM 1578 O O   . HOH D 4 .   ? 21.702  -3.403  1.648   1.00 20.78 ? 454 HOH A O   1 
HETATM 1579 O O   . HOH D 4 .   ? 21.986  -0.752  2.316   1.00 18.81 ? 455 HOH A O   1 
HETATM 1580 O O   . HOH D 4 .   ? -9.494  -2.920  -0.237  1.00 34.75 ? 456 HOH A O   1 
HETATM 1581 O O   . HOH D 4 .   ? 2.769   -15.541 -4.607  1.00 33.59 ? 457 HOH A O   1 
HETATM 1582 O O   . HOH D 4 .   ? 2.018   -17.845 -0.882  1.00 34.20 ? 458 HOH A O   1 
HETATM 1583 O O   . HOH D 4 .   ? -0.721  -16.373 4.923   1.00 30.40 ? 459 HOH A O   1 
HETATM 1584 O O   . HOH D 4 .   ? 14.551  -8.078  -7.107  1.00 38.36 ? 460 HOH A O   1 
HETATM 1585 O O   . HOH D 4 .   ? 20.413  3.920   4.268   1.00 33.26 ? 461 HOH A O   1 
HETATM 1586 O O   . HOH D 4 .   ? 16.649  6.445   8.545   1.00 34.18 ? 462 HOH A O   1 
HETATM 1587 O O   . HOH D 4 .   ? 5.648   -15.268 3.614   1.00 31.68 ? 463 HOH A O   1 
HETATM 1588 O O   . HOH D 4 .   ? 7.505   -16.236 5.087   1.00 28.53 ? 464 HOH A O   1 
HETATM 1589 O O   . HOH D 4 .   ? -1.604  -2.621  20.128  1.00 41.52 ? 465 HOH A O   1 
HETATM 1590 O O   . HOH D 4 .   ? -3.441  -2.883  21.170  1.00 40.92 ? 466 HOH A O   1 
HETATM 1591 O O   . HOH D 4 .   ? -5.653  -5.171  18.956  1.00 39.50 ? 467 HOH A O   1 
HETATM 1592 O O   . HOH D 4 .   ? -7.114  -1.672  20.776  1.00 39.26 ? 468 HOH A O   1 
HETATM 1593 O O   . HOH D 4 .   ? -8.886  -6.894  18.576  1.00 34.68 ? 469 HOH A O   1 
HETATM 1594 O O   . HOH D 4 .   ? 1.161   -15.233 4.305   1.00 33.68 ? 470 HOH A O   1 
HETATM 1595 O O   . HOH D 4 .   ? 1.430   -17.281 1.732   1.00 40.50 ? 471 HOH A O   1 
HETATM 1596 O O   . HOH D 4 .   ? 11.441  -1.439  -6.144  1.00 27.87 ? 472 HOH A O   1 
HETATM 1597 O O   . HOH D 4 .   ? 0.715   15.871  -9.984  1.00 36.51 ? 473 HOH A O   1 
HETATM 1598 O O   . HOH D 4 .   ? -17.999 5.526   0.693   1.00 35.88 ? 474 HOH A O   1 
HETATM 1599 O O   . HOH D 4 .   ? 0.729   -6.029  20.681  1.00 40.75 ? 475 HOH A O   1 
HETATM 1600 O O   . HOH D 4 .   ? 3.176   -6.631  19.456  1.00 35.25 ? 476 HOH A O   1 
HETATM 1601 O O   . HOH D 4 .   ? 3.207   10.761  15.833  1.00 42.76 ? 477 HOH A O   1 
HETATM 1602 O O   . HOH D 4 .   ? -8.307  -1.097  4.954   1.00 42.06 ? 478 HOH A O   1 
HETATM 1603 O O   . HOH D 4 .   ? 10.702  -16.093 -1.310  1.00 40.90 ? 479 HOH A O   1 
HETATM 1604 O O   . HOH D 4 .   ? 8.415   -16.980 0.022   1.00 41.31 ? 480 HOH A O   1 
HETATM 1605 O O   . HOH D 4 .   ? 16.388  -10.823 -1.529  1.00 33.61 ? 481 HOH A O   1 
HETATM 1606 O O   . HOH D 4 .   ? 7.866   -13.626 17.491  1.00 35.09 ? 482 HOH A O   1 
HETATM 1607 O O   . HOH D 4 .   ? -8.661  -4.215  -17.309 1.00 36.55 ? 483 HOH A O   1 
HETATM 1608 O O   . HOH D 4 .   ? -13.788 2.750   0.873   1.00 34.10 ? 484 HOH A O   1 
HETATM 1609 O O   . HOH D 4 .   ? 3.044   -13.090 -15.104 1.00 41.07 ? 485 HOH A O   1 
# 
